data_6GGY
#
_entry.id   6GGY
#
_cell.length_a   146.704
_cell.length_b   146.704
_cell.length_c   222.950
_cell.angle_alpha   90.000
_cell.angle_beta   90.000
_cell.angle_gamma   90.000
#
_symmetry.space_group_name_H-M   'P 41 21 2'
#
loop_
_entity.id
_entity.type
_entity.pdbx_description
1 polymer 'Laminaribiose phosphorylase'
2 non-polymer 'SULFATE ION'
3 non-polymer 1,2-ETHANEDIOL
4 non-polymer 'CHLORIDE ION'
5 water water
#
_entity_poly.entity_id   1
_entity_poly.type   'polypeptide(L)'
_entity_poly.pdbx_seq_one_letter_code
;GPMGQKGWKFQGEQGEFRLEQPEHNSYLYFPLVNEAGMMSAVTPNLHGEITSGHNTFLMEPVSAESLHNSKASRNFWVFI
EGYGAWSVSGNSARQNAARFTGEEERSAVEAGFLWHAVTRENEKAGLKARTVSFVPVTDDKIELMRVTLTNTGNAPLKLT
PTAAIPLYGRSADDLRDHRHVTSLLHRIFTSEYGIEVQPALSFDERGHRVNKVTYGVFGAEAGGTAPAGFFPVTEDFIGE
GGALDWPEAVVANREPDAQAGTAVEGYEAVGALRFAPVELAPGKSVSYVVAMVISGDRIDVGRYAADYLAAGRFDALLEQ
NRAYWRDKLDTVRFSSGDGEQDLWMKWVTLQPILRRLYGNSFLPYHDYGRGGRGWRDLWQDCLALMVMEPAEVRHLLLNN
YAGVRMDGSNATIIGAGPGEFVADRNNIPRVWMDHGAWPLMTTLLYLHQSGDLDLLFQPQSYFRDVFVKRCRERDASWTP
EQGNKLLTADGQIYEGTILEHILLQNIVPFFNVGEHGNIKLEGADWNDGLDLAPERGESVAFTAFYASNLMELSELLLEL
QKRTGKDSLDIAEEMALLLDTLGKPISYDSIQEKRSLLDRYYDAVTPRVSGKKLLLDIRKVAEDLKRKADWAVAHLRGSE
WIQSKEGYAWFNGYYNNDGERVEGDHPDGVRMTLTGQVFAIMGGVATDEQTEKISQAVNRYLKDERIGYRLNSRFGGIQQ
NLGRAFGFAFGHKENGAMFSHMTVMYANALYKRGFVQEGFEVLDSIYRLSADFENSRIYPGVPEYINERGRGMYTYLTGS
ASWLLLTQLTEVYGVKGRFGDLRLEPKLVQAQFDGSGEAAVETLFAGRMLRVVYRNPQAAEHGQYRVDSVSLNGQSVDCQ
NDGAGCLIGRSLIEALPADGVHELIVTLGRNIS
;
_entity_poly.pdbx_strand_id   A,B
#
# COMPACT_ATOMS: atom_id res chain seq x y z
N LYS A 6 13.01 -34.38 -9.33
CA LYS A 6 13.09 -32.98 -8.83
C LYS A 6 12.04 -32.59 -7.78
N GLY A 7 10.95 -33.36 -7.66
CA GLY A 7 9.81 -32.93 -6.85
C GLY A 7 9.84 -33.42 -5.42
N TRP A 8 8.78 -33.06 -4.69
CA TRP A 8 8.56 -33.59 -3.36
C TRP A 8 8.16 -35.06 -3.40
N LYS A 9 8.45 -35.77 -2.33
CA LYS A 9 8.09 -37.18 -2.18
C LYS A 9 7.46 -37.38 -0.82
N PHE A 10 6.34 -38.11 -0.78
CA PHE A 10 5.73 -38.48 0.49
C PHE A 10 6.62 -39.45 1.25
N GLN A 11 6.66 -39.29 2.56
CA GLN A 11 7.33 -40.21 3.49
C GLN A 11 6.34 -40.61 4.55
N GLY A 12 6.32 -41.91 4.85
CA GLY A 12 5.36 -42.44 5.80
C GLY A 12 3.99 -42.45 5.18
N GLU A 13 2.98 -42.71 6.01
CA GLU A 13 1.59 -42.90 5.55
C GLU A 13 0.64 -41.82 6.11
N GLN A 14 1.17 -40.75 6.68
CA GLN A 14 0.33 -39.71 7.29
C GLN A 14 0.35 -38.39 6.51
N GLY A 15 1.03 -38.37 5.36
CA GLY A 15 1.02 -37.19 4.47
C GLY A 15 2.23 -36.28 4.57
N GLU A 16 3.17 -36.61 5.46
CA GLU A 16 4.46 -35.95 5.51
C GLU A 16 5.19 -36.05 4.16
N PHE A 17 5.84 -34.98 3.74
CA PHE A 17 6.64 -34.97 2.51
C PHE A 17 7.98 -34.30 2.70
N ARG A 18 8.88 -34.56 1.76
CA ARG A 18 10.21 -33.98 1.72
C ARG A 18 10.49 -33.50 0.31
N LEU A 19 11.17 -32.36 0.21
CA LEU A 19 11.64 -31.79 -1.04
C LEU A 19 13.12 -31.39 -0.91
N GLU A 20 13.96 -32.01 -1.74
CA GLU A 20 15.38 -31.66 -1.80
C GLU A 20 15.61 -30.35 -2.57
N GLN A 21 16.69 -29.65 -2.20
CA GLN A 21 17.09 -28.37 -2.80
C GLN A 21 15.87 -27.46 -3.04
N PRO A 22 15.07 -27.22 -2.00
CA PRO A 22 13.77 -26.57 -2.17
C PRO A 22 13.83 -25.12 -2.62
N GLU A 23 14.86 -24.38 -2.22
CA GLU A 23 15.01 -22.98 -2.65
C GLU A 23 15.39 -22.86 -4.13
N HIS A 24 15.63 -23.96 -4.83
CA HIS A 24 15.80 -23.95 -6.30
C HIS A 24 14.47 -23.73 -7.07
N ASN A 25 13.39 -23.42 -6.36
CA ASN A 25 12.07 -23.20 -6.94
C ASN A 25 11.55 -21.88 -6.46
N SER A 26 11.08 -21.02 -7.36
CA SER A 26 10.61 -19.70 -6.96
C SER A 26 9.20 -19.80 -6.35
N TYR A 27 8.97 -18.91 -5.40
CA TYR A 27 7.62 -18.62 -4.89
C TYR A 27 7.00 -19.65 -3.96
N LEU A 28 7.72 -20.70 -3.60
CA LEU A 28 7.17 -21.70 -2.68
C LEU A 28 6.91 -21.10 -1.30
N TYR A 29 5.78 -21.51 -0.71
CA TYR A 29 5.50 -21.23 0.69
C TYR A 29 4.50 -22.23 1.26
N PHE A 30 4.56 -22.35 2.58
CA PHE A 30 3.82 -23.33 3.35
C PHE A 30 3.09 -22.61 4.50
N PRO A 31 1.86 -23.04 4.85
CA PRO A 31 1.03 -22.35 5.85
C PRO A 31 1.13 -22.91 7.28
N LEU A 32 1.21 -22.03 8.26
CA LEU A 32 1.16 -22.36 9.69
C LEU A 32 0.12 -21.44 10.32
N VAL A 33 -0.86 -22.01 11.01
CA VAL A 33 -2.02 -21.24 11.45
C VAL A 33 -2.70 -21.91 12.64
N ASN A 34 -3.35 -21.12 13.48
CA ASN A 34 -4.23 -21.65 14.51
C ASN A 34 -5.55 -20.90 14.63
N GLU A 35 -6.46 -21.47 15.41
CA GLU A 35 -7.77 -20.90 15.66
C GLU A 35 -7.66 -19.59 16.42
N ALA A 36 -6.63 -19.45 17.24
CA ALA A 36 -6.44 -18.22 18.03
C ALA A 36 -6.22 -17.02 17.12
N GLY A 37 -5.65 -17.25 15.93
CA GLY A 37 -5.53 -16.21 14.92
C GLY A 37 -4.13 -15.83 14.49
N MET A 38 -3.14 -16.65 14.82
CA MET A 38 -1.83 -16.46 14.25
C MET A 38 -1.83 -17.06 12.85
N MET A 39 -1.47 -16.24 11.87
CA MET A 39 -1.53 -16.65 10.46
C MET A 39 -0.19 -16.38 9.83
N SER A 40 0.54 -17.46 9.51
CA SER A 40 1.90 -17.37 9.00
C SER A 40 2.08 -18.10 7.67
N ALA A 41 3.08 -17.66 6.93
CA ALA A 41 3.59 -18.36 5.75
C ALA A 41 5.10 -18.46 5.89
N VAL A 42 5.64 -19.59 5.45
CA VAL A 42 7.05 -19.87 5.56
C VAL A 42 7.60 -20.51 4.27
N THR A 43 8.69 -19.95 3.78
CA THR A 43 9.31 -20.39 2.53
C THR A 43 10.52 -21.25 2.87
N PRO A 44 11.16 -21.82 1.84
CA PRO A 44 12.35 -22.64 2.11
C PRO A 44 13.56 -21.93 2.75
N ASN A 45 13.66 -20.61 2.60
CA ASN A 45 14.70 -19.83 3.30
C ASN A 45 14.19 -19.09 4.57
N LEU A 46 12.97 -19.44 4.98
CA LEU A 46 12.26 -18.92 6.17
C LEU A 46 11.61 -17.54 6.01
N HIS A 47 11.46 -17.09 4.75
CA HIS A 47 10.74 -15.87 4.43
C HIS A 47 9.26 -16.20 4.52
N GLY A 48 8.42 -15.22 4.18
CA GLY A 48 6.97 -15.36 4.21
C GLY A 48 6.43 -14.18 4.99
N GLU A 49 5.51 -14.44 5.90
CA GLU A 49 4.91 -13.38 6.69
C GLU A 49 4.25 -13.96 7.93
N ILE A 50 3.93 -13.07 8.88
CA ILE A 50 3.34 -13.42 10.17
C ILE A 50 2.40 -12.29 10.54
N THR A 51 1.14 -12.62 10.75
CA THR A 51 0.16 -11.61 11.05
C THR A 51 -1.02 -12.16 11.79
N SER A 52 -1.72 -11.30 12.52
CA SER A 52 -3.00 -11.63 13.10
C SER A 52 -4.15 -10.88 12.45
N GLY A 53 -3.88 -10.14 11.38
CA GLY A 53 -4.92 -9.37 10.71
C GLY A 53 -4.33 -8.28 9.88
N HIS A 54 -5.19 -7.60 9.12
CA HIS A 54 -4.70 -6.58 8.19
C HIS A 54 -3.90 -5.49 8.89
N ASN A 55 -4.33 -5.14 10.12
CA ASN A 55 -3.73 -4.04 10.85
C ASN A 55 -2.62 -4.43 11.83
N THR A 56 -2.32 -5.74 11.91
CA THR A 56 -1.44 -6.29 12.93
C THR A 56 -0.48 -7.34 12.40
N PHE A 57 0.32 -6.91 11.41
CA PHE A 57 1.45 -7.69 10.87
C PHE A 57 2.70 -7.64 11.78
N LEU A 58 3.14 -8.79 12.26
CA LEU A 58 4.40 -8.90 12.98
C LEU A 58 5.59 -8.78 12.04
N MET A 59 5.59 -9.53 10.95
CA MET A 59 6.58 -9.38 9.89
C MET A 59 5.96 -8.60 8.74
N GLU A 60 6.81 -8.01 7.90
CA GLU A 60 6.35 -7.13 6.82
C GLU A 60 5.36 -7.86 5.91
N PRO A 61 4.25 -7.18 5.53
CA PRO A 61 3.33 -7.73 4.52
C PRO A 61 4.06 -7.97 3.21
N VAL A 62 3.77 -9.12 2.59
CA VAL A 62 4.44 -9.46 1.33
C VAL A 62 3.46 -9.85 0.24
N SER A 63 3.95 -9.84 -0.99
CA SER A 63 3.32 -10.54 -2.11
C SER A 63 4.34 -11.58 -2.66
N ALA A 64 4.04 -12.21 -3.80
CA ALA A 64 4.93 -13.23 -4.36
C ALA A 64 6.35 -12.74 -4.67
N GLU A 65 6.51 -11.58 -5.31
CA GLU A 65 7.86 -11.12 -5.67
C GLU A 65 8.75 -10.84 -4.45
N SER A 66 8.15 -10.42 -3.34
CA SER A 66 8.91 -10.26 -2.08
C SER A 66 9.70 -11.51 -1.65
N LEU A 67 9.17 -12.68 -1.98
CA LEU A 67 9.75 -13.92 -1.50
C LEU A 67 11.19 -14.13 -2.01
N HIS A 68 11.52 -13.54 -3.15
CA HIS A 68 12.91 -13.48 -3.62
C HIS A 68 13.56 -12.11 -3.41
N ASN A 69 12.79 -11.04 -3.53
CA ASN A 69 13.35 -9.70 -3.60
C ASN A 69 13.62 -9.03 -2.25
N SER A 70 12.88 -9.43 -1.22
CA SER A 70 13.11 -8.93 0.13
C SER A 70 14.09 -9.79 0.87
N LYS A 71 15.03 -9.16 1.57
CA LYS A 71 16.03 -9.87 2.33
C LYS A 71 15.53 -10.24 3.73
N ALA A 72 14.35 -9.75 4.11
CA ALA A 72 13.88 -9.83 5.49
C ALA A 72 13.15 -11.12 5.83
N SER A 73 13.78 -12.26 5.56
CA SER A 73 13.27 -13.54 6.05
C SER A 73 13.44 -13.64 7.56
N ARG A 74 12.69 -14.54 8.19
CA ARG A 74 13.10 -15.06 9.47
C ARG A 74 14.51 -15.58 9.24
N ASN A 75 15.36 -15.44 10.25
CA ASN A 75 16.71 -15.93 10.10
C ASN A 75 17.29 -16.37 11.41
N PHE A 76 18.34 -17.17 11.31
CA PHE A 76 19.09 -17.57 12.46
C PHE A 76 20.49 -17.75 11.96
N TRP A 77 21.41 -17.08 12.62
CA TRP A 77 22.77 -17.00 12.19
C TRP A 77 23.69 -17.72 13.10
N VAL A 78 24.73 -18.29 12.51
CA VAL A 78 25.84 -18.86 13.27
C VAL A 78 27.11 -18.18 12.76
N PHE A 79 27.90 -17.61 13.67
CA PHE A 79 29.23 -17.14 13.34
C PHE A 79 30.18 -18.27 13.71
N ILE A 80 30.72 -18.91 12.68
CA ILE A 80 31.47 -20.15 12.85
C ILE A 80 32.94 -19.78 12.84
N GLU A 81 33.68 -20.12 13.90
CA GLU A 81 35.10 -19.81 13.94
C GLU A 81 35.78 -20.45 12.74
N GLY A 82 36.55 -19.67 11.99
CA GLY A 82 37.27 -20.12 10.82
C GLY A 82 36.50 -20.08 9.51
N TYR A 83 35.20 -19.77 9.58
CA TYR A 83 34.34 -19.67 8.40
C TYR A 83 33.62 -18.34 8.35
N GLY A 84 33.05 -17.91 9.47
CA GLY A 84 32.34 -16.64 9.57
C GLY A 84 30.83 -16.80 9.59
N ALA A 85 30.11 -15.77 9.16
CA ALA A 85 28.65 -15.74 9.25
C ALA A 85 28.00 -16.76 8.31
N TRP A 86 26.96 -17.40 8.79
CA TRP A 86 26.25 -18.48 8.07
C TRP A 86 24.79 -18.51 8.52
N SER A 87 23.87 -18.55 7.56
CA SER A 87 22.44 -18.62 7.80
C SER A 87 21.99 -20.07 7.79
N VAL A 88 21.25 -20.47 8.82
CA VAL A 88 20.74 -21.86 8.87
C VAL A 88 19.75 -22.20 7.75
N SER A 89 19.15 -21.19 7.13
CA SER A 89 18.21 -21.39 6.03
C SER A 89 18.80 -21.03 4.67
N GLY A 90 20.07 -20.69 4.64
CA GLY A 90 20.70 -20.28 3.41
C GLY A 90 20.48 -18.85 2.99
N ASN A 91 19.79 -18.05 3.80
CA ASN A 91 19.58 -16.66 3.43
C ASN A 91 20.68 -15.76 3.98
N SER A 92 21.86 -15.86 3.38
CA SER A 92 22.91 -14.86 3.55
C SER A 92 23.37 -14.50 2.17
N ALA A 93 23.95 -13.30 2.04
CA ALA A 93 24.53 -12.88 0.78
C ALA A 93 25.55 -13.90 0.25
N ARG A 94 26.36 -14.44 1.14
CA ARG A 94 27.39 -15.39 0.78
C ARG A 94 26.79 -16.66 0.24
N GLN A 95 25.83 -17.23 0.97
CA GLN A 95 25.21 -18.48 0.55
C GLN A 95 24.38 -18.30 -0.72
N ASN A 96 23.64 -17.18 -0.81
CA ASN A 96 22.85 -16.90 -2.01
C ASN A 96 23.73 -16.79 -3.26
N ALA A 97 24.92 -16.22 -3.10
CA ALA A 97 25.90 -16.12 -4.20
C ALA A 97 26.37 -17.47 -4.79
N ALA A 98 26.14 -18.57 -4.08
CA ALA A 98 26.43 -19.91 -4.63
C ALA A 98 25.34 -20.41 -5.57
N ARG A 99 24.17 -19.77 -5.59
CA ARG A 99 23.09 -20.24 -6.47
C ARG A 99 23.54 -20.13 -7.95
N PHE A 100 23.19 -21.16 -8.72
CA PHE A 100 23.56 -21.31 -10.14
C PHE A 100 25.06 -21.50 -10.46
N THR A 101 25.88 -21.78 -9.44
CA THR A 101 27.32 -22.02 -9.64
C THR A 101 27.68 -23.50 -9.46
N GLY A 102 26.69 -24.36 -9.20
CA GLY A 102 26.95 -25.77 -8.90
C GLY A 102 27.60 -26.02 -7.54
N GLU A 103 27.70 -25.00 -6.69
CA GLU A 103 28.39 -25.08 -5.38
C GLU A 103 27.39 -24.93 -4.23
N GLU A 104 26.09 -25.06 -4.49
CA GLU A 104 25.08 -24.85 -3.45
C GLU A 104 25.21 -25.89 -2.34
N GLU A 105 24.88 -25.50 -1.13
CA GLU A 105 24.85 -26.43 0.00
C GLU A 105 23.65 -27.37 -0.12
N ARG A 106 23.78 -28.56 0.41
CA ARG A 106 22.68 -29.51 0.46
C ARG A 106 21.63 -28.94 1.43
N SER A 107 20.38 -28.98 1.00
CA SER A 107 19.24 -28.50 1.79
C SER A 107 17.97 -29.29 1.48
N ALA A 108 17.01 -29.18 2.38
CA ALA A 108 15.72 -29.81 2.23
C ALA A 108 14.64 -29.07 3.01
N VAL A 109 13.40 -29.27 2.56
CA VAL A 109 12.20 -28.98 3.33
C VAL A 109 11.53 -30.33 3.63
N GLU A 110 11.12 -30.53 4.88
CA GLU A 110 10.16 -31.59 5.25
C GLU A 110 8.97 -30.88 5.86
N ALA A 111 7.78 -31.41 5.66
CA ALA A 111 6.59 -30.83 6.26
C ALA A 111 5.51 -31.84 6.53
N GLY A 112 4.62 -31.45 7.43
CA GLY A 112 3.51 -32.29 7.84
C GLY A 112 2.38 -31.45 8.39
N PHE A 113 1.46 -32.13 9.07
CA PHE A 113 0.26 -31.51 9.61
C PHE A 113 0.49 -31.16 11.10
N LEU A 114 0.68 -29.88 11.46
CA LEU A 114 0.91 -28.73 10.57
C LEU A 114 2.20 -28.08 11.04
N TRP A 115 3.29 -28.43 10.36
CA TRP A 115 4.64 -28.02 10.75
C TRP A 115 5.56 -28.09 9.54
N HIS A 116 6.72 -27.44 9.66
CA HIS A 116 7.66 -27.24 8.57
C HIS A 116 9.08 -27.34 9.11
N ALA A 117 9.96 -28.01 8.37
CA ALA A 117 11.36 -28.17 8.76
C ALA A 117 12.29 -27.86 7.59
N VAL A 118 13.22 -26.95 7.80
CA VAL A 118 14.29 -26.67 6.84
C VAL A 118 15.60 -27.23 7.37
N THR A 119 16.30 -27.99 6.54
CA THR A 119 17.64 -28.52 6.84
C THR A 119 18.70 -27.90 5.92
N ARG A 120 19.93 -27.79 6.41
CA ARG A 120 21.06 -27.34 5.62
C ARG A 120 22.37 -27.88 6.15
N GLU A 121 23.31 -28.15 5.23
CA GLU A 121 24.64 -28.63 5.58
C GLU A 121 25.73 -27.68 5.09
N ASN A 122 26.58 -27.23 6.01
CA ASN A 122 27.84 -26.57 5.67
C ASN A 122 28.90 -27.68 5.68
N GLU A 123 29.24 -28.18 4.48
CA GLU A 123 30.24 -29.23 4.33
C GLU A 123 31.65 -28.72 4.67
N LYS A 124 31.96 -27.50 4.23
CA LYS A 124 33.26 -26.85 4.52
C LYS A 124 33.58 -26.82 6.02
N ALA A 125 32.59 -26.47 6.84
CA ALA A 125 32.79 -26.27 8.27
C ALA A 125 32.47 -27.51 9.10
N GLY A 126 31.73 -28.45 8.53
CA GLY A 126 31.22 -29.61 9.27
C GLY A 126 30.08 -29.26 10.22
N LEU A 127 29.09 -28.51 9.72
CA LEU A 127 27.93 -28.10 10.53
C LEU A 127 26.65 -28.36 9.79
N LYS A 128 25.66 -28.91 10.50
CA LYS A 128 24.33 -29.16 9.98
C LYS A 128 23.35 -28.36 10.82
N ALA A 129 22.29 -27.82 10.19
CA ALA A 129 21.20 -27.18 10.91
C ALA A 129 19.85 -27.75 10.50
N ARG A 130 18.92 -27.75 11.44
CA ARG A 130 17.53 -28.15 11.19
C ARG A 130 16.64 -27.18 11.93
N THR A 131 15.73 -26.53 11.22
CA THR A 131 14.91 -25.48 11.78
C THR A 131 13.45 -25.86 11.60
N VAL A 132 12.77 -26.10 12.72
CA VAL A 132 11.38 -26.50 12.71
C VAL A 132 10.49 -25.32 13.06
N SER A 133 9.52 -25.01 12.21
CA SER A 133 8.54 -23.95 12.47
C SER A 133 7.14 -24.58 12.62
N PHE A 134 6.39 -24.12 13.62
CA PHE A 134 4.97 -24.43 13.72
C PHE A 134 4.25 -23.42 14.60
N VAL A 135 2.93 -23.32 14.41
CA VAL A 135 2.06 -22.51 15.24
C VAL A 135 1.40 -23.45 16.24
N PRO A 136 1.69 -23.27 17.55
CA PRO A 136 1.04 -24.10 18.53
C PRO A 136 -0.46 -23.96 18.47
N VAL A 137 -1.11 -25.00 18.96
CA VAL A 137 -2.55 -25.13 18.94
C VAL A 137 -3.17 -24.61 20.25
N THR A 138 -2.44 -23.74 20.95
CA THR A 138 -2.85 -23.12 22.20
C THR A 138 -3.72 -21.91 21.88
N ASP A 139 -4.19 -21.20 22.91
CA ASP A 139 -5.00 -19.98 22.74
C ASP A 139 -4.18 -18.68 22.55
N ASP A 140 -2.88 -18.77 22.26
CA ASP A 140 -2.07 -17.59 22.00
C ASP A 140 -1.82 -17.43 20.51
N LYS A 141 -1.59 -16.19 20.11
CA LYS A 141 -1.18 -15.90 18.74
C LYS A 141 0.34 -15.94 18.72
N ILE A 142 0.87 -17.11 18.38
CA ILE A 142 2.28 -17.40 18.54
C ILE A 142 2.77 -18.37 17.46
N GLU A 143 3.97 -18.10 16.93
CA GLU A 143 4.71 -19.03 16.10
C GLU A 143 6.00 -19.35 16.84
N LEU A 144 6.38 -20.63 16.81
CA LEU A 144 7.64 -21.09 17.37
C LEU A 144 8.62 -21.52 16.31
N MET A 145 9.90 -21.40 16.65
CA MET A 145 11.01 -21.86 15.80
C MET A 145 12.01 -22.60 16.70
N ARG A 146 12.43 -23.79 16.28
CA ARG A 146 13.53 -24.50 16.94
C ARG A 146 14.64 -24.74 15.94
N VAL A 147 15.82 -24.22 16.25
CA VAL A 147 17.01 -24.43 15.45
C VAL A 147 17.89 -25.38 16.20
N THR A 148 18.22 -26.51 15.57
CA THR A 148 19.17 -27.44 16.11
C THR A 148 20.41 -27.47 15.24
N LEU A 149 21.57 -27.24 15.85
CA LEU A 149 22.86 -27.22 15.18
C LEU A 149 23.62 -28.44 15.56
N THR A 150 24.25 -29.10 14.60
CA THR A 150 24.97 -30.34 14.85
C THR A 150 26.36 -30.32 14.22
N ASN A 151 27.38 -30.67 15.00
CA ASN A 151 28.74 -30.77 14.50
C ASN A 151 28.87 -32.14 13.83
N THR A 152 28.93 -32.12 12.49
CA THR A 152 29.11 -33.34 11.70
C THR A 152 30.58 -33.64 11.39
N GLY A 153 31.48 -32.76 11.82
CA GLY A 153 32.93 -32.91 11.56
C GLY A 153 33.70 -33.67 12.62
N ASN A 154 35.04 -33.60 12.52
CA ASN A 154 35.97 -34.37 13.35
C ASN A 154 36.58 -33.59 14.54
N ALA A 155 36.44 -32.27 14.57
CA ALA A 155 36.96 -31.47 15.69
C ALA A 155 35.86 -30.59 16.28
N PRO A 156 36.06 -30.13 17.54
CA PRO A 156 35.07 -29.19 18.11
C PRO A 156 34.89 -27.94 17.26
N LEU A 157 33.66 -27.43 17.19
CA LEU A 157 33.36 -26.16 16.53
C LEU A 157 33.00 -25.10 17.59
N LYS A 158 33.53 -23.88 17.43
CA LYS A 158 33.14 -22.75 18.28
C LYS A 158 32.16 -21.86 17.50
N LEU A 159 30.95 -21.69 18.03
CA LEU A 159 29.82 -21.08 17.31
C LEU A 159 29.24 -19.97 18.16
N THR A 160 28.93 -18.84 17.53
CA THR A 160 28.19 -17.75 18.15
C THR A 160 26.84 -17.59 17.45
N PRO A 161 25.72 -17.93 18.12
CA PRO A 161 24.39 -17.87 17.47
C PRO A 161 23.65 -16.55 17.67
N THR A 162 22.93 -16.15 16.62
CA THR A 162 22.08 -14.97 16.67
C THR A 162 20.80 -15.25 15.95
N ALA A 163 19.68 -15.22 16.68
CA ALA A 163 18.37 -15.27 16.04
C ALA A 163 18.08 -13.89 15.52
N ALA A 164 17.35 -13.79 14.39
CA ALA A 164 16.97 -12.51 13.83
C ALA A 164 15.62 -12.56 13.09
N ILE A 165 14.56 -12.12 13.76
CA ILE A 165 13.23 -12.03 13.18
C ILE A 165 12.94 -10.56 12.93
N PRO A 166 12.99 -10.12 11.65
CA PRO A 166 12.74 -8.69 11.36
C PRO A 166 11.31 -8.34 11.64
N LEU A 167 11.10 -7.22 12.31
CA LEU A 167 9.77 -6.84 12.79
C LEU A 167 9.22 -5.68 11.97
N TYR A 168 7.88 -5.66 11.89
CA TYR A 168 7.13 -4.62 11.22
C TYR A 168 6.18 -4.00 12.25
N GLY A 169 5.26 -4.80 12.81
CA GLY A 169 4.50 -4.42 13.99
C GLY A 169 3.47 -3.29 13.80
N ARG A 170 2.72 -3.36 12.69
CA ARG A 170 1.67 -2.39 12.43
C ARG A 170 0.85 -2.79 11.20
N SER A 171 0.00 -1.88 10.75
CA SER A 171 -0.90 -2.14 9.63
C SER A 171 -0.21 -2.27 8.28
N ALA A 172 -0.73 -3.18 7.46
CA ALA A 172 -0.32 -3.25 6.06
C ALA A 172 -0.54 -1.93 5.32
N ASP A 173 -1.44 -1.06 5.81
CA ASP A 173 -1.61 0.26 5.19
C ASP A 173 -0.32 1.08 5.17
N ASP A 174 0.59 0.78 6.11
CA ASP A 174 1.85 1.51 6.25
C ASP A 174 3.00 0.95 5.42
N LEU A 175 2.76 -0.01 4.54
CA LEU A 175 3.88 -0.72 3.84
C LEU A 175 4.83 0.27 3.22
N ARG A 176 4.29 1.20 2.45
CA ARG A 176 5.04 2.35 1.95
C ARG A 176 4.46 3.68 2.46
N ASP A 177 3.12 3.82 2.36
CA ASP A 177 2.43 5.05 2.71
C ASP A 177 2.64 5.35 4.22
N HIS A 178 3.44 6.38 4.51
CA HIS A 178 3.81 6.75 5.89
C HIS A 178 4.60 5.65 6.57
N ARG A 179 5.35 4.86 5.77
CA ARG A 179 6.17 3.78 6.31
C ARG A 179 7.19 4.39 7.30
N HIS A 180 7.94 5.36 6.84
CA HIS A 180 8.96 5.94 7.70
C HIS A 180 8.36 6.73 8.89
N VAL A 181 7.37 7.56 8.61
CA VAL A 181 6.71 8.31 9.68
C VAL A 181 6.22 7.37 10.79
N THR A 182 5.62 6.23 10.41
CA THR A 182 5.06 5.36 11.41
C THR A 182 6.15 4.62 12.16
N SER A 183 7.35 4.46 11.58
CA SER A 183 8.47 3.93 12.34
C SER A 183 8.83 4.78 13.57
N LEU A 184 8.55 6.07 13.52
CA LEU A 184 8.80 6.98 14.64
C LEU A 184 7.90 6.72 15.85
N LEU A 185 6.80 6.00 15.64
CA LEU A 185 5.86 5.65 16.68
C LEU A 185 6.26 4.37 17.44
N HIS A 186 7.23 3.62 16.91
CA HIS A 186 7.74 2.41 17.53
C HIS A 186 8.30 2.67 18.95
N ARG A 187 8.04 1.72 19.84
CA ARG A 187 8.62 1.70 21.17
C ARG A 187 9.08 0.27 21.36
N ILE A 188 10.37 0.13 21.64
CA ILE A 188 10.98 -1.17 21.84
C ILE A 188 11.33 -1.34 23.30
N PHE A 189 10.99 -2.49 23.87
CA PHE A 189 11.33 -2.83 25.26
C PHE A 189 12.01 -4.18 25.29
N THR A 190 13.22 -4.21 25.83
CA THR A 190 13.95 -5.46 25.99
C THR A 190 13.72 -6.01 27.41
N SER A 191 13.67 -7.33 27.51
CA SER A 191 13.61 -8.01 28.80
C SER A 191 14.49 -9.25 28.72
N GLU A 192 14.52 -10.05 29.79
CA GLU A 192 15.43 -11.17 29.91
C GLU A 192 15.47 -12.06 28.67
N TYR A 193 14.29 -12.42 28.14
CA TYR A 193 14.15 -13.37 27.07
C TYR A 193 13.93 -12.76 25.67
N GLY A 194 13.79 -11.45 25.57
CA GLY A 194 13.70 -10.84 24.24
C GLY A 194 13.17 -9.43 24.17
N ILE A 195 12.45 -9.18 23.09
CA ILE A 195 12.16 -7.84 22.60
C ILE A 195 10.67 -7.71 22.34
N GLU A 196 10.09 -6.62 22.84
CA GLU A 196 8.71 -6.26 22.58
C GLU A 196 8.68 -4.97 21.82
N VAL A 197 7.81 -4.88 20.81
CA VAL A 197 7.55 -3.61 20.13
C VAL A 197 6.08 -3.28 20.30
N GLN A 198 5.79 -2.12 20.86
CA GLN A 198 4.43 -1.67 21.07
C GLN A 198 4.40 -0.24 20.62
N PRO A 199 3.92 -0.01 19.40
CA PRO A 199 3.83 1.34 18.92
C PRO A 199 2.97 2.20 19.85
N ALA A 200 3.33 3.46 20.00
CA ALA A 200 2.58 4.39 20.85
C ALA A 200 1.21 4.69 20.25
N LEU A 201 1.19 4.87 18.92
CA LEU A 201 -0.02 5.16 18.17
C LEU A 201 -0.01 4.31 16.90
N SER A 202 -1.18 4.18 16.29
CA SER A 202 -1.33 3.61 14.96
C SER A 202 -1.87 4.71 14.02
N PHE A 203 -1.24 4.85 12.85
CA PHE A 203 -1.74 5.68 11.74
C PHE A 203 -2.00 4.70 10.58
N ASP A 204 -3.27 4.51 10.24
CA ASP A 204 -3.66 3.63 9.12
C ASP A 204 -5.04 4.07 8.63
N GLU A 205 -5.72 3.26 7.82
CA GLU A 205 -7.06 3.63 7.31
C GLU A 205 -8.12 3.77 8.40
N ARG A 206 -7.87 3.27 9.61
CA ARG A 206 -8.80 3.51 10.74
C ARG A 206 -8.67 4.92 11.27
N GLY A 207 -7.60 5.62 10.90
CA GLY A 207 -7.33 6.94 11.41
C GLY A 207 -6.10 6.88 12.31
N HIS A 208 -6.03 7.85 13.22
CA HIS A 208 -4.95 7.97 14.16
C HIS A 208 -5.48 7.60 15.53
N ARG A 209 -4.93 6.56 16.13
CA ARG A 209 -5.41 6.07 17.42
C ARG A 209 -4.28 5.64 18.30
N VAL A 210 -4.58 5.55 19.59
CA VAL A 210 -3.69 4.94 20.57
C VAL A 210 -3.57 3.45 20.24
N ASN A 211 -2.37 2.90 20.33
CA ASN A 211 -2.17 1.48 20.14
C ASN A 211 -1.68 0.80 21.42
N LYS A 212 -2.20 -0.38 21.68
CA LYS A 212 -1.65 -1.24 22.74
C LYS A 212 -1.08 -2.56 22.24
N VAL A 213 -1.40 -2.92 20.99
CA VAL A 213 -0.95 -4.19 20.40
C VAL A 213 0.58 -4.26 20.47
N THR A 214 1.06 -5.43 20.89
CA THR A 214 2.46 -5.66 21.14
C THR A 214 2.93 -6.88 20.36
N TYR A 215 4.13 -6.75 19.78
CA TYR A 215 4.75 -7.76 18.94
C TYR A 215 6.04 -8.15 19.65
N GLY A 216 6.21 -9.45 19.92
CA GLY A 216 7.33 -9.93 20.69
C GLY A 216 8.17 -10.97 19.99
N VAL A 217 9.48 -10.92 20.21
CA VAL A 217 10.37 -12.02 19.79
C VAL A 217 11.20 -12.37 21.01
N PHE A 218 11.07 -13.63 21.42
CA PHE A 218 11.73 -14.14 22.62
C PHE A 218 12.47 -15.44 22.27
N GLY A 219 13.44 -15.78 23.10
CA GLY A 219 14.19 -17.00 22.86
C GLY A 219 14.96 -17.50 24.05
N ALA A 220 15.31 -18.78 23.97
CA ALA A 220 16.18 -19.43 24.95
C ALA A 220 16.94 -20.57 24.33
N GLU A 221 18.07 -20.92 24.94
CA GLU A 221 18.73 -22.20 24.66
C GLU A 221 17.82 -23.35 25.06
N ALA A 222 18.07 -24.53 24.50
CA ALA A 222 17.32 -25.74 24.83
C ALA A 222 17.16 -25.92 26.34
N GLY A 223 18.26 -25.72 27.06
CA GLY A 223 18.28 -25.88 28.52
C GLY A 223 17.73 -24.73 29.36
N GLY A 224 17.25 -23.68 28.72
CA GLY A 224 16.48 -22.63 29.37
C GLY A 224 17.21 -21.31 29.54
N THR A 225 18.49 -21.28 29.13
CA THR A 225 19.35 -20.13 29.35
C THR A 225 18.90 -19.02 28.42
N ALA A 226 18.75 -17.82 28.99
CA ALA A 226 18.34 -16.65 28.23
C ALA A 226 19.40 -16.23 27.22
N PRO A 227 19.02 -15.41 26.24
CA PRO A 227 20.01 -14.78 25.39
C PRO A 227 21.02 -13.94 26.18
N ALA A 228 22.22 -13.80 25.61
CA ALA A 228 23.28 -12.99 26.20
C ALA A 228 23.05 -11.52 25.97
N GLY A 229 22.22 -11.17 25.00
CA GLY A 229 21.95 -9.78 24.69
C GLY A 229 21.23 -9.64 23.36
N PHE A 230 21.05 -8.40 22.93
CA PHE A 230 20.13 -8.07 21.84
C PHE A 230 20.64 -6.96 20.95
N PHE A 231 20.11 -6.95 19.74
CA PHE A 231 20.28 -5.85 18.79
C PHE A 231 18.89 -5.46 18.34
N PRO A 232 18.16 -4.66 19.16
CA PRO A 232 16.74 -4.45 18.84
C PRO A 232 16.43 -3.50 17.70
N VAL A 233 17.41 -2.69 17.30
CA VAL A 233 17.21 -1.63 16.36
C VAL A 233 17.76 -2.12 15.03
N THR A 234 16.87 -2.19 14.03
CA THR A 234 17.21 -2.77 12.74
C THR A 234 18.43 -2.11 12.11
N GLU A 235 18.49 -0.77 12.08
CA GLU A 235 19.63 -0.11 11.42
C GLU A 235 20.99 -0.37 12.12
N ASP A 236 20.94 -0.58 13.44
CA ASP A 236 22.14 -0.88 14.21
C ASP A 236 22.54 -2.33 14.03
N PHE A 237 21.55 -3.22 13.92
CA PHE A 237 21.83 -4.63 13.70
C PHE A 237 22.51 -4.85 12.35
N ILE A 238 21.93 -4.28 11.30
CA ILE A 238 22.49 -4.43 9.94
C ILE A 238 23.77 -3.60 9.74
N GLY A 239 23.88 -2.49 10.46
CA GLY A 239 25.04 -1.64 10.36
C GLY A 239 24.96 -0.70 9.17
N GLU A 240 25.83 0.31 9.15
CA GLU A 240 25.80 1.33 8.11
C GLU A 240 26.13 0.69 6.74
N GLY A 241 25.18 0.71 5.83
CA GLY A 241 25.32 0.06 4.54
C GLY A 241 25.10 -1.43 4.56
N GLY A 242 24.59 -1.98 5.66
CA GLY A 242 24.27 -3.40 5.74
C GLY A 242 22.86 -3.75 5.30
N ALA A 243 22.53 -5.03 5.39
CA ALA A 243 21.21 -5.55 5.09
C ALA A 243 20.94 -6.77 5.94
N LEU A 244 19.69 -7.21 5.96
CA LEU A 244 19.27 -8.31 6.85
C LEU A 244 19.77 -9.67 6.38
N ASP A 245 20.22 -9.79 5.14
CA ASP A 245 20.90 -11.00 4.68
C ASP A 245 22.42 -10.91 4.81
N TRP A 246 22.95 -9.81 5.37
CA TRP A 246 24.37 -9.69 5.63
C TRP A 246 24.61 -8.58 6.66
N PRO A 247 24.17 -8.83 7.90
CA PRO A 247 24.15 -7.78 8.93
C PRO A 247 25.44 -7.67 9.71
N GLU A 248 25.96 -6.45 9.83
CA GLU A 248 27.23 -6.22 10.51
C GLU A 248 27.35 -6.88 11.90
N ALA A 249 26.31 -6.76 12.72
CA ALA A 249 26.32 -7.35 14.06
C ALA A 249 26.69 -8.83 14.08
N VAL A 250 26.27 -9.55 13.05
CA VAL A 250 26.59 -10.98 12.94
C VAL A 250 27.91 -11.11 12.23
N VAL A 251 28.06 -10.43 11.09
CA VAL A 251 29.21 -10.62 10.20
C VAL A 251 30.53 -10.20 10.87
N ALA A 252 30.52 -9.06 11.55
CA ALA A 252 31.67 -8.64 12.34
C ALA A 252 31.60 -9.15 13.79
N ASN A 253 30.63 -9.99 14.11
CA ASN A 253 30.51 -10.60 15.44
C ASN A 253 30.62 -9.55 16.59
N ARG A 254 29.79 -8.51 16.51
CA ARG A 254 29.79 -7.42 17.49
C ARG A 254 29.21 -7.89 18.81
N GLU A 255 29.60 -7.21 19.88
CA GLU A 255 28.97 -7.36 21.20
C GLU A 255 27.56 -6.78 21.16
N PRO A 256 26.61 -7.39 21.88
CA PRO A 256 25.24 -6.89 21.86
C PRO A 256 25.08 -5.40 22.21
N ASP A 257 24.13 -4.76 21.55
CA ASP A 257 23.81 -3.36 21.79
C ASP A 257 23.03 -3.15 23.07
N ALA A 258 22.25 -4.14 23.48
CA ALA A 258 21.27 -3.92 24.54
C ALA A 258 21.13 -5.15 25.39
N GLN A 259 20.88 -4.93 26.67
CA GLN A 259 20.55 -5.98 27.61
C GLN A 259 19.10 -5.80 28.04
N ALA A 260 18.57 -6.74 28.81
CA ALA A 260 17.25 -6.61 29.47
C ALA A 260 17.09 -5.25 30.17
N GLY A 261 15.88 -4.71 30.11
CA GLY A 261 15.55 -3.41 30.72
C GLY A 261 15.81 -2.16 29.88
N THR A 262 16.32 -2.31 28.67
CA THR A 262 16.59 -1.19 27.75
C THR A 262 15.30 -0.84 26.98
N ALA A 263 14.97 0.45 26.90
CA ALA A 263 13.90 0.91 26.02
C ALA A 263 14.48 1.79 24.92
N VAL A 264 14.02 1.61 23.69
CA VAL A 264 14.47 2.44 22.56
C VAL A 264 13.25 2.85 21.77
N GLU A 265 13.14 4.15 21.48
N GLU A 265 13.13 4.14 21.48
CA GLU A 265 11.98 4.70 20.79
CA GLU A 265 11.97 4.70 20.79
C GLU A 265 12.32 5.20 19.39
C GLU A 265 12.32 5.20 19.39
N GLY A 266 11.43 4.99 18.44
CA GLY A 266 11.45 5.71 17.14
C GLY A 266 12.11 5.05 15.95
N TYR A 267 12.43 3.77 16.08
CA TYR A 267 13.18 3.03 15.07
C TYR A 267 12.53 1.70 14.72
N GLU A 268 12.64 1.34 13.44
CA GLU A 268 12.31 -0.01 13.00
C GLU A 268 13.07 -1.00 13.84
N ALA A 269 12.41 -2.11 14.16
CA ALA A 269 12.92 -3.09 15.11
C ALA A 269 13.20 -4.44 14.46
N VAL A 270 14.14 -5.16 15.04
CA VAL A 270 14.41 -6.55 14.69
C VAL A 270 14.51 -7.38 15.98
N GLY A 271 13.87 -8.54 16.01
CA GLY A 271 14.03 -9.49 17.10
C GLY A 271 15.34 -10.25 16.95
N ALA A 272 16.43 -9.56 17.27
CA ALA A 272 17.77 -10.10 17.13
C ALA A 272 18.33 -10.46 18.51
N LEU A 273 18.43 -11.76 18.73
CA LEU A 273 18.78 -12.33 20.00
C LEU A 273 20.13 -13.00 19.86
N ARG A 274 21.13 -12.45 20.56
CA ARG A 274 22.47 -13.04 20.62
C ARG A 274 22.53 -14.06 21.75
N PHE A 275 22.86 -15.30 21.43
CA PHE A 275 23.03 -16.33 22.43
C PHE A 275 24.50 -16.45 22.76
N ALA A 276 24.78 -17.06 23.90
CA ALA A 276 26.15 -17.22 24.36
C ALA A 276 26.93 -18.08 23.38
N PRO A 277 28.23 -17.76 23.19
CA PRO A 277 29.02 -18.62 22.33
C PRO A 277 29.17 -20.01 22.94
N VAL A 278 29.29 -21.01 22.07
CA VAL A 278 29.27 -22.37 22.53
C VAL A 278 30.29 -23.20 21.76
N GLU A 279 30.91 -24.16 22.44
CA GLU A 279 31.81 -25.12 21.82
C GLU A 279 31.00 -26.41 21.67
N LEU A 280 30.85 -26.83 20.42
CA LEU A 280 30.01 -27.96 20.07
C LEU A 280 30.92 -29.14 19.74
N ALA A 281 30.84 -30.21 20.55
CA ALA A 281 31.70 -31.38 20.34
C ALA A 281 31.31 -32.16 19.03
N PRO A 282 32.25 -32.93 18.44
CA PRO A 282 31.93 -33.76 17.27
C PRO A 282 30.76 -34.70 17.57
N GLY A 283 29.75 -34.69 16.69
CA GLY A 283 28.57 -35.50 16.89
C GLY A 283 27.50 -34.93 17.80
N LYS A 284 27.75 -33.81 18.46
CA LYS A 284 26.76 -33.22 19.38
C LYS A 284 25.91 -32.15 18.72
N SER A 285 24.76 -31.91 19.35
CA SER A 285 23.84 -30.89 18.96
C SER A 285 23.59 -29.89 20.10
N VAL A 286 23.29 -28.66 19.69
CA VAL A 286 22.69 -27.64 20.55
C VAL A 286 21.43 -27.13 19.85
N SER A 287 20.41 -26.80 20.64
CA SER A 287 19.18 -26.23 20.11
C SER A 287 18.77 -24.94 20.79
N TYR A 288 17.99 -24.14 20.04
CA TYR A 288 17.53 -22.82 20.47
C TYR A 288 16.06 -22.77 20.10
N VAL A 289 15.24 -22.18 20.97
CA VAL A 289 13.82 -21.97 20.71
C VAL A 289 13.49 -20.49 20.65
N VAL A 290 12.80 -20.09 19.58
CA VAL A 290 12.42 -18.69 19.35
C VAL A 290 10.89 -18.63 19.23
N ALA A 291 10.30 -17.61 19.84
CA ALA A 291 8.85 -17.42 19.88
C ALA A 291 8.53 -16.04 19.35
N MET A 292 7.54 -16.00 18.45
CA MET A 292 7.08 -14.78 17.80
C MET A 292 5.62 -14.61 18.24
N VAL A 293 5.33 -13.49 18.90
CA VAL A 293 4.07 -13.32 19.61
C VAL A 293 3.37 -12.03 19.25
N ILE A 294 2.05 -12.08 19.08
CA ILE A 294 1.22 -10.90 18.93
C ILE A 294 0.21 -10.94 20.05
N SER A 295 0.10 -9.82 20.77
CA SER A 295 -0.81 -9.72 21.91
C SER A 295 -1.53 -8.37 21.91
N GLY A 296 -2.74 -8.33 22.47
CA GLY A 296 -3.53 -7.10 22.59
C GLY A 296 -2.94 -5.99 23.46
N ASP A 297 -1.99 -6.33 24.32
CA ASP A 297 -1.30 -5.37 25.22
C ASP A 297 0.11 -5.93 25.51
N ARG A 298 0.86 -5.28 26.37
CA ARG A 298 2.21 -5.72 26.71
C ARG A 298 2.21 -7.19 27.14
N ILE A 299 3.24 -7.93 26.75
CA ILE A 299 3.25 -9.37 26.91
C ILE A 299 3.75 -9.76 28.29
N ASP A 300 3.08 -10.72 28.91
CA ASP A 300 3.55 -11.33 30.15
C ASP A 300 4.68 -12.27 29.76
N VAL A 301 5.90 -11.74 29.72
CA VAL A 301 7.00 -12.46 29.10
C VAL A 301 7.38 -13.66 29.96
N GLY A 302 7.20 -13.51 31.27
CA GLY A 302 7.37 -14.61 32.22
C GLY A 302 6.51 -15.80 31.89
N ARG A 303 5.22 -15.59 31.68
CA ARG A 303 4.34 -16.70 31.34
C ARG A 303 4.78 -17.33 29.99
N TYR A 304 5.06 -16.49 29.00
CA TYR A 304 5.43 -17.04 27.68
C TYR A 304 6.72 -17.87 27.77
N ALA A 305 7.67 -17.40 28.57
CA ALA A 305 8.92 -18.17 28.79
C ALA A 305 8.63 -19.54 29.39
N ALA A 306 7.82 -19.57 30.46
CA ALA A 306 7.43 -20.84 31.07
C ALA A 306 6.67 -21.76 30.13
N ASP A 307 5.72 -21.19 29.38
CA ASP A 307 4.87 -21.98 28.49
C ASP A 307 5.57 -22.44 27.20
N TYR A 308 6.49 -21.65 26.67
CA TYR A 308 7.07 -21.89 25.35
C TYR A 308 8.59 -22.13 25.29
N LEU A 309 9.35 -21.54 26.20
CA LEU A 309 10.82 -21.59 26.14
C LEU A 309 11.48 -22.58 27.12
N ALA A 310 10.75 -23.02 28.14
CA ALA A 310 11.28 -23.97 29.11
C ALA A 310 11.65 -25.26 28.40
N ALA A 311 12.66 -25.93 28.93
CA ALA A 311 13.12 -27.24 28.40
C ALA A 311 11.96 -28.21 28.18
N GLY A 312 11.79 -28.67 26.94
CA GLY A 312 10.75 -29.68 26.66
C GLY A 312 9.40 -29.15 26.16
N ARG A 313 9.16 -27.84 26.26
N ARG A 313 9.17 -27.84 26.25
CA ARG A 313 7.87 -27.27 25.87
CA ARG A 313 7.87 -27.27 25.87
C ARG A 313 7.63 -27.29 24.35
C ARG A 313 7.63 -27.29 24.35
N PHE A 314 8.64 -26.92 23.57
CA PHE A 314 8.56 -26.94 22.09
C PHE A 314 8.12 -28.34 21.61
N ASP A 315 8.77 -29.38 22.16
CA ASP A 315 8.53 -30.76 21.77
C ASP A 315 7.13 -31.23 22.17
N ALA A 316 6.71 -30.88 23.37
CA ALA A 316 5.37 -31.21 23.84
C ALA A 316 4.30 -30.52 23.01
N LEU A 317 4.49 -29.23 22.74
CA LEU A 317 3.55 -28.46 21.94
C LEU A 317 3.50 -28.91 20.47
N LEU A 318 4.64 -29.36 19.94
CA LEU A 318 4.67 -29.92 18.57
C LEU A 318 3.87 -31.22 18.48
N GLU A 319 4.05 -32.10 19.48
CA GLU A 319 3.22 -33.30 19.59
C GLU A 319 1.71 -32.95 19.70
N GLN A 320 1.38 -31.93 20.48
CA GLN A 320 -0.03 -31.45 20.62
C GLN A 320 -0.55 -30.94 19.27
N ASN A 321 0.29 -30.20 18.54
CA ASN A 321 -0.04 -29.74 17.18
C ASN A 321 -0.33 -30.94 16.26
N ARG A 322 0.62 -31.88 16.20
CA ARG A 322 0.46 -33.06 15.34
C ARG A 322 -0.84 -33.83 15.68
N ALA A 323 -1.17 -33.98 16.97
CA ALA A 323 -2.37 -34.71 17.40
C ALA A 323 -3.68 -33.97 17.06
N TYR A 324 -3.67 -32.65 17.23
CA TYR A 324 -4.83 -31.83 16.89
C TYR A 324 -5.15 -31.91 15.39
N TRP A 325 -4.13 -31.77 14.55
CA TRP A 325 -4.36 -31.77 13.11
C TRP A 325 -4.72 -33.19 12.61
N ARG A 326 -4.07 -34.21 13.18
CA ARG A 326 -4.40 -35.61 12.87
C ARG A 326 -5.87 -35.87 13.20
N ASP A 327 -6.30 -35.38 14.35
CA ASP A 327 -7.71 -35.49 14.72
C ASP A 327 -8.69 -34.75 13.77
N LYS A 328 -8.36 -33.53 13.34
CA LYS A 328 -9.20 -32.81 12.36
C LYS A 328 -9.33 -33.54 11.03
N LEU A 329 -8.20 -34.04 10.54
CA LEU A 329 -8.13 -34.63 9.18
C LEU A 329 -8.59 -36.09 9.07
N ASP A 330 -8.48 -36.84 10.17
CA ASP A 330 -8.96 -38.23 10.20
C ASP A 330 -10.48 -38.42 10.06
N THR A 331 -11.26 -37.34 10.12
CA THR A 331 -12.69 -37.40 9.77
C THR A 331 -13.02 -37.86 8.31
N VAL A 332 -12.06 -37.70 7.41
CA VAL A 332 -12.17 -38.17 6.02
C VAL A 332 -10.83 -38.79 5.62
N ARG A 333 -10.82 -40.08 5.29
CA ARG A 333 -9.61 -40.75 4.80
C ARG A 333 -9.97 -41.64 3.60
N PHE A 334 -9.26 -41.46 2.49
CA PHE A 334 -9.48 -42.21 1.27
C PHE A 334 -8.41 -43.27 1.15
N SER A 335 -8.79 -44.42 0.64
CA SER A 335 -7.86 -45.50 0.44
C SER A 335 -8.17 -46.18 -0.89
N SER A 336 -7.19 -46.18 -1.80
CA SER A 336 -7.39 -46.65 -3.16
C SER A 336 -6.11 -47.30 -3.71
N GLY A 337 -6.14 -47.65 -4.99
CA GLY A 337 -4.97 -48.15 -5.67
C GLY A 337 -3.90 -47.13 -5.94
N ASP A 338 -4.25 -45.84 -5.78
CA ASP A 338 -3.36 -44.72 -6.00
C ASP A 338 -3.04 -44.09 -4.63
N GLY A 339 -2.10 -44.72 -3.93
CA GLY A 339 -1.69 -44.33 -2.58
C GLY A 339 -1.18 -42.91 -2.51
N GLU A 340 -0.51 -42.45 -3.57
CA GLU A 340 0.00 -41.08 -3.65
C GLU A 340 -1.15 -40.07 -3.70
N GLN A 341 -2.14 -40.33 -4.54
CA GLN A 341 -3.34 -39.48 -4.61
C GLN A 341 -4.11 -39.46 -3.28
N ASP A 342 -4.21 -40.62 -2.62
CA ASP A 342 -4.83 -40.71 -1.27
C ASP A 342 -4.17 -39.77 -0.28
N LEU A 343 -2.83 -39.72 -0.32
CA LEU A 343 -2.08 -38.83 0.58
C LEU A 343 -2.21 -37.36 0.17
N TRP A 344 -2.13 -37.10 -1.13
CA TRP A 344 -2.38 -35.78 -1.67
C TRP A 344 -3.77 -35.30 -1.28
N MET A 345 -4.75 -36.21 -1.28
CA MET A 345 -6.13 -35.85 -0.84
C MET A 345 -6.25 -35.43 0.63
N LYS A 346 -5.34 -35.92 1.48
CA LYS A 346 -5.30 -35.48 2.88
C LYS A 346 -4.93 -33.97 2.95
N TRP A 347 -4.03 -33.53 2.08
CA TRP A 347 -3.72 -32.10 1.97
C TRP A 347 -4.91 -31.31 1.45
N VAL A 348 -5.62 -31.87 0.46
CA VAL A 348 -6.85 -31.25 -0.02
C VAL A 348 -7.85 -31.11 1.14
N THR A 349 -7.92 -32.14 1.98
CA THR A 349 -8.82 -32.17 3.12
C THR A 349 -8.52 -31.07 4.17
N LEU A 350 -7.25 -30.71 4.31
CA LEU A 350 -6.81 -29.59 5.16
C LEU A 350 -7.28 -28.25 4.68
N GLN A 351 -7.35 -28.07 3.35
CA GLN A 351 -7.49 -26.75 2.75
C GLN A 351 -8.76 -25.96 3.17
N PRO A 352 -9.91 -26.63 3.28
CA PRO A 352 -11.11 -25.88 3.70
C PRO A 352 -10.98 -25.24 5.08
N ILE A 353 -10.26 -25.91 5.97
CA ILE A 353 -9.96 -25.39 7.32
C ILE A 353 -9.07 -24.17 7.20
N LEU A 354 -8.03 -24.30 6.36
CA LEU A 354 -7.10 -23.19 6.10
C LEU A 354 -7.83 -21.96 5.55
N ARG A 355 -8.74 -22.16 4.59
CA ARG A 355 -9.51 -21.03 4.10
C ARG A 355 -10.28 -20.31 5.23
N ARG A 356 -10.92 -21.08 6.10
CA ARG A 356 -11.63 -20.50 7.27
C ARG A 356 -10.67 -19.71 8.16
N LEU A 357 -9.52 -20.28 8.50
CA LEU A 357 -8.64 -19.71 9.51
C LEU A 357 -7.74 -18.60 8.99
N TYR A 358 -7.60 -18.48 7.67
CA TYR A 358 -6.93 -17.36 7.02
C TYR A 358 -7.89 -16.28 6.51
N GLY A 359 -9.19 -16.59 6.48
CA GLY A 359 -10.18 -15.70 5.86
C GLY A 359 -9.82 -15.38 4.42
N ASN A 360 -9.38 -16.42 3.71
CA ASN A 360 -8.96 -16.33 2.32
C ASN A 360 -7.89 -15.25 2.06
N SER A 361 -7.01 -15.02 3.04
CA SER A 361 -6.08 -13.88 3.02
C SER A 361 -4.76 -14.24 3.66
N PHE A 362 -3.81 -13.31 3.61
CA PHE A 362 -2.56 -13.39 4.39
C PHE A 362 -1.68 -14.57 4.06
N LEU A 363 -1.65 -14.93 2.78
CA LEU A 363 -0.58 -15.76 2.23
C LEU A 363 -0.06 -14.95 1.03
N PRO A 364 1.20 -15.13 0.64
CA PRO A 364 1.79 -14.24 -0.35
C PRO A 364 1.01 -13.93 -1.65
N TYR A 365 0.45 -14.93 -2.34
CA TYR A 365 -0.33 -14.62 -3.56
C TYR A 365 -1.63 -13.87 -3.19
N HIS A 366 -2.22 -14.24 -2.06
CA HIS A 366 -3.48 -13.63 -1.61
C HIS A 366 -3.15 -12.28 -0.97
N ASP A 367 -2.68 -11.35 -1.78
CA ASP A 367 -2.05 -10.12 -1.29
C ASP A 367 -3.01 -8.95 -1.06
N TYR A 368 -4.31 -9.19 -1.26
CA TYR A 368 -5.33 -8.14 -1.07
C TYR A 368 -6.38 -8.43 -0.01
N GLY A 369 -6.63 -9.69 0.30
CA GLY A 369 -7.61 -10.06 1.32
C GLY A 369 -7.32 -9.38 2.67
N ARG A 370 -8.38 -8.96 3.37
CA ARG A 370 -8.25 -8.45 4.74
C ARG A 370 -8.90 -9.37 5.77
N GLY A 371 -9.11 -10.63 5.40
CA GLY A 371 -9.49 -11.68 6.35
C GLY A 371 -10.96 -11.88 6.64
N GLY A 372 -11.81 -11.08 5.99
CA GLY A 372 -13.24 -11.22 6.14
C GLY A 372 -13.82 -12.42 5.43
N ARG A 373 -15.13 -12.53 5.49
CA ARG A 373 -15.88 -13.54 4.74
C ARG A 373 -16.81 -12.81 3.78
N GLY A 374 -17.01 -13.37 2.60
CA GLY A 374 -18.06 -12.92 1.67
C GLY A 374 -19.30 -13.79 1.81
N TRP A 375 -20.37 -13.34 1.16
CA TRP A 375 -21.61 -14.09 1.08
C TRP A 375 -21.40 -15.53 0.62
N ARG A 376 -20.61 -15.74 -0.42
CA ARG A 376 -20.34 -17.10 -0.90
C ARG A 376 -19.74 -18.01 0.16
N ASP A 377 -18.80 -17.48 0.93
CA ASP A 377 -18.09 -18.24 1.96
C ASP A 377 -19.04 -18.77 3.01
N LEU A 378 -20.10 -18.01 3.33
CA LEU A 378 -21.05 -18.42 4.36
C LEU A 378 -21.64 -19.78 4.05
N TRP A 379 -21.91 -20.01 2.77
CA TRP A 379 -22.50 -21.26 2.28
C TRP A 379 -21.41 -22.27 1.96
N GLN A 380 -20.37 -21.86 1.27
CA GLN A 380 -19.31 -22.76 0.85
C GLN A 380 -18.60 -23.39 2.03
N ASP A 381 -18.35 -22.62 3.09
CA ASP A 381 -17.63 -23.16 4.26
C ASP A 381 -18.40 -24.33 4.88
N CYS A 382 -19.73 -24.32 4.79
CA CYS A 382 -20.57 -25.44 5.25
C CYS A 382 -20.34 -26.79 4.54
N LEU A 383 -19.78 -26.78 3.34
CA LEU A 383 -19.53 -28.02 2.62
C LEU A 383 -18.55 -28.94 3.34
N ALA A 384 -17.33 -28.46 3.60
CA ALA A 384 -16.36 -29.28 4.34
C ALA A 384 -16.82 -29.61 5.76
N LEU A 385 -17.52 -28.69 6.39
CA LEU A 385 -18.00 -28.86 7.76
C LEU A 385 -19.06 -29.98 7.87
N MET A 386 -19.97 -30.05 6.90
CA MET A 386 -20.92 -31.16 6.82
C MET A 386 -20.27 -32.54 6.85
N VAL A 387 -19.09 -32.67 6.27
CA VAL A 387 -18.32 -33.91 6.25
C VAL A 387 -17.33 -34.11 7.44
N MET A 388 -16.81 -33.01 7.98
CA MET A 388 -15.70 -33.02 8.92
C MET A 388 -16.03 -32.61 10.35
N GLU A 389 -17.04 -31.76 10.53
CA GLU A 389 -17.35 -31.19 11.83
C GLU A 389 -18.78 -30.65 11.73
N PRO A 390 -19.78 -31.52 11.63
CA PRO A 390 -21.13 -31.03 11.33
C PRO A 390 -21.92 -30.31 12.42
N ALA A 391 -21.42 -30.29 13.67
CA ALA A 391 -22.16 -29.73 14.79
C ALA A 391 -22.67 -28.31 14.56
N GLU A 392 -21.84 -27.41 14.00
CA GLU A 392 -22.30 -26.00 13.88
C GLU A 392 -23.04 -25.72 12.56
N VAL A 393 -23.15 -26.69 11.65
CA VAL A 393 -23.74 -26.40 10.32
C VAL A 393 -25.17 -25.86 10.37
N ARG A 394 -26.03 -26.47 11.19
CA ARG A 394 -27.42 -26.01 11.28
C ARG A 394 -27.49 -24.54 11.69
N HIS A 395 -26.79 -24.18 12.77
CA HIS A 395 -26.74 -22.78 13.25
C HIS A 395 -26.21 -21.81 12.19
N LEU A 396 -25.19 -22.22 11.43
CA LEU A 396 -24.61 -21.34 10.41
C LEU A 396 -25.62 -21.04 9.31
N LEU A 397 -26.27 -22.08 8.82
CA LEU A 397 -27.28 -21.95 7.78
C LEU A 397 -28.41 -21.01 8.23
N LEU A 398 -28.92 -21.20 9.44
CA LEU A 398 -30.00 -20.35 9.97
C LEU A 398 -29.59 -18.89 9.99
N ASN A 399 -28.42 -18.64 10.59
CA ASN A 399 -27.84 -17.29 10.69
C ASN A 399 -27.65 -16.64 9.30
N ASN A 400 -27.17 -17.42 8.33
CA ASN A 400 -26.87 -16.91 6.97
C ASN A 400 -28.09 -16.31 6.28
N TYR A 401 -29.25 -16.98 6.40
CA TYR A 401 -30.50 -16.47 5.82
C TYR A 401 -30.95 -15.10 6.34
N ALA A 402 -30.47 -14.65 7.50
CA ALA A 402 -30.73 -13.27 7.97
C ALA A 402 -30.23 -12.19 6.98
N GLY A 403 -29.23 -12.55 6.16
CA GLY A 403 -28.66 -11.63 5.17
C GLY A 403 -29.45 -11.41 3.88
N VAL A 404 -30.52 -12.18 3.66
CA VAL A 404 -31.34 -12.04 2.45
C VAL A 404 -32.24 -10.79 2.54
N ARG A 405 -32.30 -10.01 1.46
CA ARG A 405 -33.26 -8.88 1.36
C ARG A 405 -34.58 -9.39 0.81
N MET A 406 -35.64 -8.61 0.96
CA MET A 406 -36.98 -8.98 0.49
C MET A 406 -37.13 -8.94 -1.03
N ASP A 407 -36.10 -8.48 -1.74
CA ASP A 407 -36.01 -8.62 -3.21
C ASP A 407 -35.14 -9.82 -3.69
N GLY A 408 -34.76 -10.70 -2.77
CA GLY A 408 -33.96 -11.89 -3.10
C GLY A 408 -32.44 -11.69 -3.14
N SER A 409 -31.99 -10.43 -3.24
CA SER A 409 -30.58 -10.09 -3.14
C SER A 409 -30.16 -10.24 -1.69
N ASN A 410 -28.96 -9.78 -1.34
CA ASN A 410 -28.43 -10.00 -0.01
C ASN A 410 -27.34 -9.02 0.38
N ALA A 411 -27.13 -8.90 1.68
CA ALA A 411 -25.98 -8.19 2.22
C ALA A 411 -24.74 -8.83 1.63
N THR A 412 -23.72 -8.00 1.41
CA THR A 412 -22.44 -8.45 0.88
C THR A 412 -21.27 -8.16 1.79
N ILE A 413 -21.49 -7.53 2.94
CA ILE A 413 -20.43 -7.34 3.95
C ILE A 413 -20.87 -8.08 5.21
N ILE A 414 -20.05 -9.04 5.64
CA ILE A 414 -20.38 -9.91 6.78
C ILE A 414 -19.76 -9.33 8.03
N GLY A 415 -20.53 -9.31 9.12
CA GLY A 415 -20.10 -8.72 10.37
C GLY A 415 -19.49 -9.72 11.36
N ALA A 416 -19.29 -9.23 12.59
CA ALA A 416 -18.69 -10.00 13.67
C ALA A 416 -19.64 -11.06 14.25
N GLY A 417 -20.82 -10.62 14.73
CA GLY A 417 -21.73 -11.52 15.47
C GLY A 417 -22.41 -12.62 14.64
N PRO A 418 -23.05 -13.60 15.32
CA PRO A 418 -23.84 -14.63 14.62
C PRO A 418 -24.94 -14.01 13.75
N GLY A 419 -24.90 -14.25 12.44
CA GLY A 419 -25.87 -13.66 11.50
C GLY A 419 -25.91 -12.14 11.50
N GLU A 420 -24.74 -11.53 11.74
CA GLU A 420 -24.55 -10.08 11.64
C GLU A 420 -24.11 -9.72 10.22
N PHE A 421 -24.74 -8.71 9.65
CA PHE A 421 -24.44 -8.21 8.33
C PHE A 421 -24.36 -6.69 8.40
N VAL A 422 -23.45 -6.10 7.62
CA VAL A 422 -23.16 -4.68 7.69
C VAL A 422 -23.70 -3.97 6.46
N ALA A 423 -24.45 -2.90 6.67
CA ALA A 423 -24.90 -2.02 5.60
C ALA A 423 -23.80 -1.02 5.30
N ASP A 424 -23.46 -0.84 4.02
CA ASP A 424 -22.64 0.31 3.63
C ASP A 424 -23.59 1.25 2.94
N ARG A 425 -24.01 2.32 3.62
CA ARG A 425 -24.81 3.40 2.99
C ARG A 425 -24.00 4.26 1.99
N ASN A 426 -22.66 4.25 2.06
CA ASN A 426 -21.81 5.13 1.23
C ASN A 426 -21.51 4.64 -0.21
N ASN A 427 -21.04 3.41 -0.37
CA ASN A 427 -20.71 2.86 -1.71
C ASN A 427 -21.90 2.12 -2.29
N ILE A 428 -22.33 2.46 -3.51
CA ILE A 428 -23.42 1.71 -4.19
C ILE A 428 -22.93 0.30 -4.54
N PRO A 429 -23.45 -0.75 -3.88
CA PRO A 429 -22.82 -2.07 -4.00
C PRO A 429 -23.24 -2.86 -5.24
N ARG A 430 -22.38 -3.77 -5.66
CA ARG A 430 -22.68 -4.67 -6.75
C ARG A 430 -23.68 -5.70 -6.30
N VAL A 431 -24.48 -6.17 -7.23
CA VAL A 431 -25.29 -7.35 -7.03
C VAL A 431 -24.66 -8.45 -7.88
N TRP A 432 -24.39 -9.58 -7.25
CA TRP A 432 -23.96 -10.80 -7.93
C TRP A 432 -25.19 -11.70 -8.14
N MET A 433 -25.54 -11.94 -9.41
CA MET A 433 -26.80 -12.64 -9.76
C MET A 433 -26.90 -14.07 -9.25
N ASP A 434 -25.76 -14.72 -9.09
CA ASP A 434 -25.70 -16.09 -8.59
C ASP A 434 -25.74 -16.24 -7.06
N HIS A 435 -25.64 -15.14 -6.32
CA HIS A 435 -25.67 -15.20 -4.85
C HIS A 435 -26.91 -15.90 -4.29
N GLY A 436 -28.04 -15.80 -5.00
CA GLY A 436 -29.27 -16.48 -4.62
C GLY A 436 -29.36 -17.97 -4.92
N ALA A 437 -28.43 -18.51 -5.71
CA ALA A 437 -28.50 -19.92 -6.17
C ALA A 437 -27.78 -20.90 -5.22
N TRP A 438 -26.61 -20.50 -4.74
CA TRP A 438 -25.76 -21.36 -3.91
C TRP A 438 -26.39 -21.77 -2.57
N PRO A 439 -27.20 -20.90 -1.93
CA PRO A 439 -27.78 -21.26 -0.62
C PRO A 439 -28.68 -22.52 -0.65
N LEU A 440 -29.59 -22.60 -1.61
CA LEU A 440 -30.40 -23.81 -1.76
C LEU A 440 -29.54 -25.06 -1.99
N MET A 441 -28.52 -24.95 -2.85
CA MET A 441 -27.60 -26.09 -3.09
C MET A 441 -26.97 -26.58 -1.78
N THR A 442 -26.47 -25.65 -0.98
CA THR A 442 -25.84 -26.00 0.29
C THR A 442 -26.86 -26.57 1.26
N THR A 443 -28.03 -25.93 1.33
CA THR A 443 -29.07 -26.28 2.27
C THR A 443 -29.66 -27.68 1.96
N LEU A 444 -29.88 -27.95 0.67
CA LEU A 444 -30.31 -29.28 0.22
C LEU A 444 -29.34 -30.36 0.65
N LEU A 445 -28.04 -30.13 0.48
CA LEU A 445 -27.04 -31.08 0.98
C LEU A 445 -27.19 -31.33 2.49
N TYR A 446 -27.35 -30.25 3.26
CA TYR A 446 -27.61 -30.39 4.70
C TYR A 446 -28.84 -31.24 4.96
N LEU A 447 -29.94 -30.95 4.27
CA LEU A 447 -31.19 -31.69 4.49
C LEU A 447 -31.00 -33.18 4.21
N HIS A 448 -30.26 -33.49 3.14
CA HIS A 448 -30.06 -34.88 2.77
C HIS A 448 -29.04 -35.58 3.68
N GLN A 449 -28.01 -34.88 4.20
CA GLN A 449 -27.08 -35.49 5.17
C GLN A 449 -27.72 -35.71 6.55
N SER A 450 -28.58 -34.77 6.96
CA SER A 450 -29.07 -34.72 8.33
C SER A 450 -30.45 -35.32 8.51
N GLY A 451 -31.34 -35.11 7.55
CA GLY A 451 -32.75 -35.44 7.72
C GLY A 451 -33.54 -34.31 8.38
N ASP A 452 -32.88 -33.19 8.69
CA ASP A 452 -33.50 -32.11 9.48
C ASP A 452 -34.38 -31.24 8.57
N LEU A 453 -35.49 -31.80 8.11
CA LEU A 453 -36.43 -31.09 7.24
C LEU A 453 -37.06 -29.87 7.95
N ASP A 454 -37.19 -29.94 9.28
CA ASP A 454 -37.78 -28.83 10.05
C ASP A 454 -37.00 -27.52 9.98
N LEU A 455 -35.71 -27.56 9.66
CA LEU A 455 -34.92 -26.33 9.38
C LEU A 455 -35.66 -25.37 8.46
N LEU A 456 -36.33 -25.93 7.46
CA LEU A 456 -37.05 -25.15 6.46
C LEU A 456 -38.16 -24.25 7.05
N PHE A 457 -38.69 -24.60 8.23
CA PHE A 457 -39.78 -23.85 8.86
C PHE A 457 -39.36 -22.96 10.02
N GLN A 458 -38.06 -22.82 10.27
CA GLN A 458 -37.60 -21.92 11.34
C GLN A 458 -37.79 -20.47 10.88
N PRO A 459 -38.09 -19.56 11.81
CA PRO A 459 -38.29 -18.16 11.43
C PRO A 459 -36.95 -17.44 11.27
N GLN A 460 -36.91 -16.43 10.41
CA GLN A 460 -35.73 -15.60 10.27
C GLN A 460 -36.08 -14.24 9.67
N SER A 461 -35.35 -13.21 10.08
CA SER A 461 -35.54 -11.86 9.56
C SER A 461 -34.94 -11.70 8.16
N TYR A 462 -35.19 -10.54 7.56
CA TYR A 462 -34.59 -10.19 6.29
C TYR A 462 -33.76 -8.94 6.49
N PHE A 463 -32.64 -8.88 5.78
CA PHE A 463 -31.73 -7.73 5.81
C PHE A 463 -32.35 -6.57 5.05
N ARG A 464 -32.14 -5.37 5.58
CA ARG A 464 -32.69 -4.16 4.98
C ARG A 464 -31.70 -3.03 5.16
N ASP A 465 -31.42 -2.29 4.09
CA ASP A 465 -30.56 -1.12 4.13
C ASP A 465 -31.12 -0.08 3.16
N VAL A 466 -30.35 0.95 2.85
CA VAL A 466 -30.76 1.97 1.86
C VAL A 466 -31.07 1.47 0.44
N PHE A 467 -30.58 0.29 0.07
CA PHE A 467 -30.69 -0.22 -1.31
C PHE A 467 -31.89 -1.12 -1.56
N VAL A 468 -32.70 -0.73 -2.55
CA VAL A 468 -33.93 -1.44 -2.91
C VAL A 468 -33.97 -1.76 -4.41
N LYS A 469 -34.90 -2.65 -4.79
CA LYS A 469 -35.04 -3.16 -6.17
C LYS A 469 -33.68 -3.69 -6.67
N ARG A 470 -33.11 -4.59 -5.90
CA ARG A 470 -31.82 -5.23 -6.17
C ARG A 470 -30.74 -4.18 -6.47
N CYS A 471 -30.64 -3.23 -5.55
CA CYS A 471 -29.70 -2.11 -5.62
C CYS A 471 -29.82 -1.23 -6.85
N ARG A 472 -31.01 -1.17 -7.46
CA ARG A 472 -31.27 -0.26 -8.57
C ARG A 472 -31.59 1.16 -8.10
N GLU A 473 -32.12 1.32 -6.89
CA GLU A 473 -32.45 2.65 -6.35
C GLU A 473 -32.10 2.78 -4.87
N ARG A 474 -32.08 4.02 -4.41
CA ARG A 474 -31.90 4.35 -3.00
C ARG A 474 -33.27 4.69 -2.41
N ASP A 475 -33.59 4.11 -1.26
CA ASP A 475 -34.83 4.41 -0.57
C ASP A 475 -34.63 5.71 0.21
N ALA A 476 -35.41 6.73 -0.15
CA ALA A 476 -35.38 8.01 0.57
C ALA A 476 -35.90 7.89 2.01
N SER A 477 -36.78 6.92 2.26
CA SER A 477 -37.38 6.71 3.59
C SER A 477 -36.56 5.93 4.60
N TRP A 478 -35.38 5.41 4.22
N TRP A 478 -35.39 5.42 4.21
CA TRP A 478 -34.57 4.68 5.21
CA TRP A 478 -34.51 4.72 5.18
C TRP A 478 -34.01 5.65 6.25
C TRP A 478 -34.02 5.66 6.25
N THR A 479 -33.88 5.17 7.48
CA THR A 479 -33.18 5.96 8.56
C THR A 479 -32.28 5.08 9.41
N PRO A 480 -31.39 5.69 10.20
CA PRO A 480 -30.67 4.86 11.19
C PRO A 480 -31.63 4.26 12.22
N GLU A 481 -32.68 5.03 12.57
CA GLU A 481 -33.68 4.62 13.56
C GLU A 481 -34.53 3.38 13.19
N GLN A 482 -34.59 3.02 11.92
CA GLN A 482 -35.34 1.83 11.56
C GLN A 482 -34.53 0.57 11.90
N GLY A 483 -33.21 0.62 11.73
CA GLY A 483 -32.34 -0.54 11.96
C GLY A 483 -32.22 -1.36 10.69
N ASN A 484 -31.40 -2.40 10.72
CA ASN A 484 -31.02 -3.18 9.51
C ASN A 484 -31.85 -4.42 9.18
N LYS A 485 -33.12 -4.38 9.56
CA LYS A 485 -34.06 -5.47 9.35
C LYS A 485 -35.36 -4.97 8.72
N LEU A 486 -35.90 -5.77 7.82
CA LEU A 486 -37.15 -5.44 7.12
C LEU A 486 -38.30 -5.29 8.09
N LEU A 487 -39.10 -4.24 7.92
CA LEU A 487 -40.20 -3.95 8.84
C LEU A 487 -41.56 -4.17 8.18
N THR A 488 -42.54 -4.49 9.04
CA THR A 488 -43.95 -4.54 8.65
C THR A 488 -44.55 -3.14 8.60
N ALA A 489 -45.80 -3.05 8.14
CA ALA A 489 -46.54 -1.79 8.12
C ALA A 489 -46.66 -1.15 9.51
N ASP A 490 -46.97 -1.97 10.53
CA ASP A 490 -47.11 -1.42 11.90
C ASP A 490 -45.79 -1.37 12.71
N GLY A 491 -44.64 -1.59 12.08
CA GLY A 491 -43.33 -1.34 12.71
C GLY A 491 -42.62 -2.52 13.37
N GLN A 492 -43.07 -3.74 13.11
CA GLN A 492 -42.49 -4.96 13.70
C GLN A 492 -41.48 -5.60 12.74
N ILE A 493 -40.52 -6.31 13.30
CA ILE A 493 -39.53 -6.99 12.50
C ILE A 493 -40.22 -8.16 11.81
N TYR A 494 -40.22 -8.15 10.46
CA TYR A 494 -40.86 -9.21 9.68
C TYR A 494 -40.03 -10.46 9.78
N GLU A 495 -40.72 -11.59 10.01
CA GLU A 495 -40.08 -12.90 9.98
C GLU A 495 -40.82 -13.87 9.08
N GLY A 496 -40.05 -14.54 8.24
CA GLY A 496 -40.56 -15.60 7.40
C GLY A 496 -39.73 -16.83 7.60
N THR A 497 -40.29 -17.96 7.18
CA THR A 497 -39.57 -19.22 7.21
C THR A 497 -38.29 -19.18 6.36
N ILE A 498 -37.38 -20.09 6.70
CA ILE A 498 -36.20 -20.32 5.89
C ILE A 498 -36.65 -20.65 4.46
N LEU A 499 -37.67 -21.49 4.33
CA LEU A 499 -38.21 -21.85 3.02
C LEU A 499 -38.72 -20.63 2.24
N GLU A 500 -39.34 -19.68 2.93
CA GLU A 500 -39.78 -18.43 2.32
C GLU A 500 -38.60 -17.66 1.73
N HIS A 501 -37.49 -17.61 2.47
CA HIS A 501 -36.26 -16.95 2.02
C HIS A 501 -35.76 -17.62 0.73
N ILE A 502 -35.67 -18.95 0.78
CA ILE A 502 -35.19 -19.76 -0.34
C ILE A 502 -36.05 -19.56 -1.60
N LEU A 503 -37.37 -19.68 -1.44
CA LEU A 503 -38.31 -19.44 -2.53
C LEU A 503 -38.10 -18.06 -3.17
N LEU A 504 -38.00 -17.04 -2.33
CA LEU A 504 -37.73 -15.69 -2.82
C LEU A 504 -36.42 -15.57 -3.61
N GLN A 505 -35.33 -16.13 -3.06
CA GLN A 505 -34.01 -16.10 -3.73
C GLN A 505 -34.01 -16.67 -5.14
N ASN A 506 -34.88 -17.64 -5.38
CA ASN A 506 -34.91 -18.33 -6.66
C ASN A 506 -36.00 -17.85 -7.59
N ILE A 507 -37.14 -17.44 -7.06
CA ILE A 507 -38.22 -16.93 -7.90
C ILE A 507 -37.93 -15.53 -8.46
N VAL A 508 -37.28 -14.65 -7.71
CA VAL A 508 -37.01 -13.30 -8.22
C VAL A 508 -36.15 -13.31 -9.49
N PRO A 509 -34.98 -13.98 -9.47
CA PRO A 509 -34.17 -14.08 -10.69
C PRO A 509 -34.92 -14.59 -11.92
N PHE A 510 -35.86 -15.52 -11.73
CA PHE A 510 -36.71 -16.03 -12.82
C PHE A 510 -37.35 -14.89 -13.62
N PHE A 511 -37.83 -13.85 -12.95
CA PHE A 511 -38.50 -12.75 -13.62
C PHE A 511 -37.54 -11.65 -14.08
N ASN A 512 -36.30 -11.66 -13.58
CA ASN A 512 -35.31 -10.59 -13.85
C ASN A 512 -34.51 -10.89 -15.11
N VAL A 513 -35.22 -10.87 -16.24
CA VAL A 513 -34.70 -11.32 -17.52
C VAL A 513 -34.27 -10.17 -18.40
N GLY A 514 -33.26 -10.42 -19.24
CA GLY A 514 -32.76 -9.46 -20.19
C GLY A 514 -33.50 -9.57 -21.50
N GLU A 515 -33.02 -8.83 -22.49
CA GLU A 515 -33.68 -8.74 -23.79
C GLU A 515 -33.72 -10.07 -24.59
N HIS A 516 -32.81 -10.99 -24.31
CA HIS A 516 -32.88 -12.34 -24.90
C HIS A 516 -33.52 -13.40 -23.99
N GLY A 517 -34.10 -12.99 -22.86
CA GLY A 517 -34.98 -13.86 -22.06
C GLY A 517 -34.35 -14.72 -20.98
N ASN A 518 -33.03 -14.58 -20.81
CA ASN A 518 -32.30 -15.29 -19.78
C ASN A 518 -32.09 -14.31 -18.67
N ILE A 519 -31.72 -14.83 -17.50
CA ILE A 519 -31.62 -14.03 -16.30
C ILE A 519 -30.42 -13.06 -16.40
N LYS A 520 -30.65 -11.82 -15.99
CA LYS A 520 -29.66 -10.74 -16.08
C LYS A 520 -28.38 -11.08 -15.32
N LEU A 521 -27.26 -10.70 -15.93
CA LEU A 521 -25.93 -10.84 -15.33
C LEU A 521 -25.73 -9.98 -14.06
N GLU A 522 -26.42 -8.83 -14.02
CA GLU A 522 -26.20 -7.84 -12.96
C GLU A 522 -24.68 -7.50 -12.89
N GLY A 523 -24.08 -7.43 -11.70
CA GLY A 523 -22.69 -7.00 -11.53
C GLY A 523 -21.65 -8.08 -11.79
N ALA A 524 -22.12 -9.32 -11.95
CA ALA A 524 -21.35 -10.52 -12.31
C ALA A 524 -22.12 -11.74 -11.81
N ASP A 525 -21.70 -12.93 -12.23
CA ASP A 525 -22.14 -14.19 -11.61
C ASP A 525 -20.96 -14.75 -10.80
N TRP A 526 -20.81 -16.07 -10.72
CA TRP A 526 -19.67 -16.69 -10.07
C TRP A 526 -18.31 -16.15 -10.58
N ASN A 527 -18.19 -15.87 -11.88
N ASN A 527 -18.19 -15.87 -11.88
CA ASN A 527 -16.99 -15.20 -12.41
CA ASN A 527 -17.01 -15.22 -12.42
C ASN A 527 -17.08 -13.73 -12.04
C ASN A 527 -17.08 -13.74 -12.05
N ASP A 528 -16.35 -13.34 -11.01
N ASP A 528 -16.34 -13.36 -11.03
CA ASP A 528 -16.36 -11.95 -10.57
CA ASP A 528 -16.32 -11.98 -10.55
C ASP A 528 -15.81 -10.99 -11.62
C ASP A 528 -15.80 -10.99 -11.61
N GLY A 529 -15.04 -11.50 -12.58
CA GLY A 529 -14.53 -10.70 -13.68
C GLY A 529 -15.45 -10.49 -14.86
N LEU A 530 -16.68 -11.00 -14.79
CA LEU A 530 -17.70 -10.65 -15.78
C LEU A 530 -18.54 -9.50 -15.21
N ASP A 531 -17.88 -8.36 -15.08
CA ASP A 531 -18.37 -7.21 -14.33
C ASP A 531 -18.74 -6.02 -15.18
N LEU A 532 -18.62 -6.11 -16.51
CA LEU A 532 -18.86 -4.95 -17.36
C LEU A 532 -20.11 -5.07 -18.23
N ALA A 533 -21.09 -5.88 -17.77
CA ALA A 533 -22.35 -5.97 -18.48
C ALA A 533 -23.59 -5.90 -17.58
N PRO A 534 -23.61 -4.97 -16.59
CA PRO A 534 -24.80 -4.84 -15.74
C PRO A 534 -26.07 -4.38 -16.46
N GLU A 535 -25.95 -3.59 -17.53
CA GLU A 535 -27.12 -3.03 -18.21
C GLU A 535 -27.84 -4.08 -19.04
N ARG A 536 -27.12 -4.78 -19.91
CA ARG A 536 -27.74 -5.71 -20.85
C ARG A 536 -27.21 -7.13 -20.84
N GLY A 537 -26.21 -7.41 -20.00
CA GLY A 537 -25.66 -8.74 -19.91
C GLY A 537 -26.64 -9.74 -19.31
N GLU A 538 -26.46 -11.00 -19.68
CA GLU A 538 -27.28 -12.12 -19.21
C GLU A 538 -26.33 -13.27 -18.90
N SER A 539 -26.54 -13.94 -17.76
CA SER A 539 -25.85 -15.17 -17.44
C SER A 539 -26.79 -16.32 -17.78
N VAL A 540 -26.71 -16.81 -19.00
CA VAL A 540 -27.41 -18.05 -19.35
C VAL A 540 -26.88 -19.18 -18.45
N ALA A 541 -25.60 -19.12 -18.15
CA ALA A 541 -24.91 -20.12 -17.35
C ALA A 541 -25.64 -20.39 -16.06
N PHE A 542 -25.97 -19.32 -15.34
CA PHE A 542 -26.68 -19.44 -14.05
C PHE A 542 -28.21 -19.46 -14.19
N THR A 543 -28.74 -19.09 -15.36
CA THR A 543 -30.16 -19.34 -15.64
C THR A 543 -30.44 -20.85 -15.56
N ALA A 544 -29.50 -21.67 -16.01
CA ALA A 544 -29.59 -23.13 -15.89
C ALA A 544 -29.63 -23.62 -14.43
N PHE A 545 -28.83 -22.97 -13.60
CA PHE A 545 -28.72 -23.26 -12.17
C PHE A 545 -30.06 -22.90 -11.50
N TYR A 546 -30.59 -21.71 -11.79
CA TYR A 546 -31.88 -21.31 -11.23
C TYR A 546 -33.01 -22.19 -11.75
N ALA A 547 -32.93 -22.65 -13.00
CA ALA A 547 -33.96 -23.54 -13.55
C ALA A 547 -34.02 -24.83 -12.75
N SER A 548 -32.85 -25.40 -12.52
CA SER A 548 -32.65 -26.61 -11.74
C SER A 548 -33.07 -26.43 -10.27
N ASN A 549 -32.69 -25.32 -9.66
CA ASN A 549 -33.13 -24.99 -8.31
C ASN A 549 -34.65 -24.98 -8.18
N LEU A 550 -35.33 -24.35 -9.12
CA LEU A 550 -36.79 -24.29 -9.10
C LEU A 550 -37.42 -25.68 -9.20
N MET A 551 -36.83 -26.54 -10.04
CA MET A 551 -37.29 -27.93 -10.21
C MET A 551 -37.09 -28.74 -8.94
N GLU A 552 -35.91 -28.61 -8.33
CA GLU A 552 -35.62 -29.31 -7.08
C GLU A 552 -36.53 -28.84 -5.96
N LEU A 553 -36.81 -27.54 -5.92
CA LEU A 553 -37.73 -27.00 -4.95
C LEU A 553 -39.10 -27.64 -5.08
N SER A 554 -39.58 -27.74 -6.32
CA SER A 554 -40.87 -28.39 -6.60
C SER A 554 -40.88 -29.81 -6.03
N GLU A 555 -39.88 -30.62 -6.41
CA GLU A 555 -39.71 -31.97 -5.86
C GLU A 555 -39.59 -32.00 -4.33
N LEU A 556 -38.83 -31.07 -3.78
CA LEU A 556 -38.68 -30.94 -2.34
C LEU A 556 -40.02 -30.75 -1.62
N LEU A 557 -40.84 -29.84 -2.13
CA LEU A 557 -42.13 -29.56 -1.52
C LEU A 557 -43.08 -30.77 -1.53
N LEU A 558 -43.16 -31.46 -2.65
CA LEU A 558 -43.98 -32.67 -2.72
C LEU A 558 -43.42 -33.74 -1.78
N GLU A 559 -42.10 -33.84 -1.69
CA GLU A 559 -41.47 -34.76 -0.74
C GLU A 559 -41.72 -34.35 0.72
N LEU A 560 -41.78 -33.05 1.01
CA LEU A 560 -42.15 -32.58 2.35
C LEU A 560 -43.55 -33.07 2.74
N GLN A 561 -44.51 -32.93 1.82
CA GLN A 561 -45.87 -33.42 2.03
C GLN A 561 -45.85 -34.92 2.27
N LYS A 562 -45.24 -35.65 1.33
CA LYS A 562 -45.09 -37.12 1.42
C LYS A 562 -44.48 -37.62 2.76
N ARG A 563 -43.57 -36.83 3.34
CA ARG A 563 -42.80 -37.24 4.53
C ARG A 563 -43.23 -36.56 5.82
N THR A 564 -43.35 -35.23 5.80
CA THR A 564 -43.78 -34.44 6.97
C THR A 564 -45.31 -34.46 7.16
N GLY A 565 -46.08 -34.65 6.07
CA GLY A 565 -47.54 -34.45 6.11
C GLY A 565 -47.97 -32.98 6.05
N LYS A 566 -47.02 -32.05 5.87
CA LYS A 566 -47.32 -30.63 5.74
C LYS A 566 -48.09 -30.43 4.44
N ASP A 567 -49.27 -29.82 4.55
CA ASP A 567 -50.11 -29.50 3.39
C ASP A 567 -50.04 -28.01 3.04
N SER A 568 -49.37 -27.22 3.89
CA SER A 568 -49.47 -25.77 3.83
C SER A 568 -48.10 -25.13 3.92
N LEU A 569 -47.97 -23.96 3.28
CA LEU A 569 -46.79 -23.12 3.42
C LEU A 569 -47.20 -21.71 3.80
N ASP A 570 -46.56 -21.16 4.82
CA ASP A 570 -46.83 -19.81 5.26
C ASP A 570 -45.88 -18.88 4.51
N ILE A 571 -46.42 -18.01 3.64
CA ILE A 571 -45.61 -17.11 2.81
C ILE A 571 -46.16 -15.68 2.86
N ALA A 572 -45.27 -14.69 2.92
CA ALA A 572 -45.67 -13.26 2.90
C ALA A 572 -46.61 -13.01 1.74
N GLU A 573 -47.69 -12.28 1.99
CA GLU A 573 -48.78 -12.15 0.99
C GLU A 573 -48.30 -11.55 -0.33
N GLU A 574 -47.37 -10.61 -0.27
CA GLU A 574 -46.84 -9.93 -1.47
C GLU A 574 -46.12 -10.90 -2.44
N MET A 575 -45.49 -11.94 -1.89
CA MET A 575 -44.87 -12.99 -2.71
C MET A 575 -45.86 -13.79 -3.55
N ALA A 576 -47.15 -13.78 -3.20
CA ALA A 576 -48.19 -14.38 -4.05
C ALA A 576 -48.22 -13.79 -5.44
N LEU A 577 -47.86 -12.51 -5.59
CA LEU A 577 -47.68 -11.89 -6.91
C LEU A 577 -46.69 -12.68 -7.80
N LEU A 578 -45.60 -13.19 -7.23
CA LEU A 578 -44.57 -13.95 -7.95
C LEU A 578 -44.93 -15.42 -8.22
N LEU A 579 -45.82 -15.98 -7.40
CA LEU A 579 -46.42 -17.30 -7.64
C LEU A 579 -47.70 -17.12 -8.45
N ASP A 580 -47.54 -16.54 -9.63
CA ASP A 580 -48.69 -16.11 -10.47
C ASP A 580 -49.59 -17.27 -10.93
N THR A 581 -49.04 -18.48 -10.97
CA THR A 581 -49.83 -19.67 -11.29
C THR A 581 -51.03 -19.87 -10.36
N LEU A 582 -50.96 -19.37 -9.12
CA LEU A 582 -52.06 -19.52 -8.16
C LEU A 582 -53.23 -18.59 -8.41
N GLY A 583 -52.98 -17.42 -9.01
CA GLY A 583 -54.03 -16.40 -9.25
C GLY A 583 -54.32 -16.21 -10.73
N LYS A 584 -53.95 -15.05 -11.28
CA LYS A 584 -54.02 -14.77 -12.72
C LYS A 584 -52.63 -14.96 -13.31
N PRO A 585 -52.41 -16.08 -14.04
CA PRO A 585 -51.06 -16.31 -14.56
C PRO A 585 -50.67 -15.31 -15.66
N ILE A 586 -49.42 -14.85 -15.64
CA ILE A 586 -48.89 -14.06 -16.74
C ILE A 586 -48.26 -15.01 -17.78
N SER A 587 -47.90 -14.45 -18.93
CA SER A 587 -47.21 -15.23 -19.94
C SER A 587 -45.72 -15.18 -19.65
N TYR A 588 -45.13 -16.34 -19.39
CA TYR A 588 -43.68 -16.44 -19.17
C TYR A 588 -42.89 -16.27 -20.47
N ASP A 589 -43.56 -16.36 -21.63
CA ASP A 589 -42.94 -16.01 -22.92
C ASP A 589 -42.73 -14.50 -23.11
N SER A 590 -43.37 -13.67 -22.28
CA SER A 590 -43.24 -12.22 -22.40
C SER A 590 -42.23 -11.67 -21.40
N ILE A 591 -41.15 -11.10 -21.93
CA ILE A 591 -40.15 -10.42 -21.13
C ILE A 591 -40.79 -9.22 -20.45
N GLN A 592 -41.54 -8.43 -21.22
CA GLN A 592 -42.28 -7.26 -20.68
C GLN A 592 -43.14 -7.63 -19.49
N GLU A 593 -43.98 -8.65 -19.62
CA GLU A 593 -44.87 -9.08 -18.53
C GLU A 593 -44.13 -9.58 -17.31
N LYS A 594 -43.03 -10.32 -17.50
CA LYS A 594 -42.25 -10.82 -16.38
C LYS A 594 -41.58 -9.67 -15.62
N ARG A 595 -41.02 -8.71 -16.35
CA ARG A 595 -40.37 -7.55 -15.73
C ARG A 595 -41.39 -6.66 -15.00
N SER A 596 -42.55 -6.44 -15.62
CA SER A 596 -43.62 -5.62 -15.04
C SER A 596 -44.13 -6.20 -13.73
N LEU A 597 -44.36 -7.51 -13.74
CA LEU A 597 -44.76 -8.24 -12.55
C LEU A 597 -43.73 -8.08 -11.44
N LEU A 598 -42.45 -8.24 -11.78
CA LEU A 598 -41.36 -8.07 -10.81
C LEU A 598 -41.34 -6.64 -10.25
N ASP A 599 -41.58 -5.64 -11.09
CA ASP A 599 -41.73 -4.26 -10.62
C ASP A 599 -42.89 -4.07 -9.64
N ARG A 600 -44.03 -4.71 -9.91
CA ARG A 600 -45.19 -4.66 -9.00
C ARG A 600 -44.81 -5.31 -7.67
N TYR A 601 -44.11 -6.44 -7.72
CA TYR A 601 -43.62 -7.08 -6.49
C TYR A 601 -42.71 -6.15 -5.66
N TYR A 602 -41.70 -5.57 -6.32
CA TYR A 602 -40.80 -4.62 -5.67
C TYR A 602 -41.54 -3.46 -4.99
N ASP A 603 -42.50 -2.88 -5.70
CA ASP A 603 -43.33 -1.80 -5.15
C ASP A 603 -44.10 -2.26 -3.92
N ALA A 604 -44.65 -3.47 -3.97
CA ALA A 604 -45.42 -4.02 -2.85
C ALA A 604 -44.59 -4.21 -1.56
N VAL A 605 -43.28 -4.50 -1.69
CA VAL A 605 -42.44 -4.76 -0.50
C VAL A 605 -41.45 -3.66 -0.11
N THR A 606 -41.52 -2.49 -0.76
CA THR A 606 -40.60 -1.36 -0.49
C THR A 606 -41.44 -0.14 -0.12
N PRO A 607 -41.23 0.49 1.04
CA PRO A 607 -40.17 0.21 2.00
C PRO A 607 -40.42 -0.94 2.97
N ARG A 608 -41.70 -1.31 3.15
CA ARG A 608 -42.11 -2.26 4.18
C ARG A 608 -43.03 -3.33 3.57
N VAL A 609 -43.13 -4.48 4.24
CA VAL A 609 -44.16 -5.47 3.94
C VAL A 609 -45.34 -5.18 4.82
N SER A 610 -46.50 -5.73 4.47
CA SER A 610 -47.68 -5.58 5.32
C SER A 610 -47.53 -6.38 6.61
N GLY A 611 -46.86 -7.54 6.53
CA GLY A 611 -46.76 -8.46 7.66
C GLY A 611 -47.81 -9.57 7.64
N LYS A 612 -48.81 -9.41 6.75
CA LYS A 612 -49.80 -10.46 6.49
C LYS A 612 -49.16 -11.57 5.66
N LYS A 613 -49.47 -12.81 6.05
CA LYS A 613 -49.00 -14.01 5.38
C LYS A 613 -50.18 -14.80 4.84
N LEU A 614 -49.99 -15.49 3.72
CA LEU A 614 -51.01 -16.38 3.19
C LEU A 614 -50.57 -17.82 3.42
N LEU A 615 -51.54 -18.69 3.71
CA LEU A 615 -51.28 -20.12 3.75
C LEU A 615 -51.69 -20.71 2.41
N LEU A 616 -50.72 -21.28 1.70
CA LEU A 616 -50.88 -21.72 0.31
C LEU A 616 -50.68 -23.23 0.22
N ASP A 617 -51.51 -23.87 -0.61
CA ASP A 617 -51.42 -25.32 -0.84
C ASP A 617 -50.02 -25.67 -1.34
N ILE A 618 -49.35 -26.57 -0.63
CA ILE A 618 -47.97 -26.95 -0.95
C ILE A 618 -47.82 -27.59 -2.35
N ARG A 619 -48.85 -28.30 -2.81
CA ARG A 619 -48.90 -28.86 -4.17
C ARG A 619 -49.03 -27.76 -5.21
N LYS A 620 -49.83 -26.75 -4.93
CA LYS A 620 -50.05 -25.64 -5.86
C LYS A 620 -48.79 -24.79 -5.98
N VAL A 621 -48.08 -24.60 -4.87
CA VAL A 621 -46.81 -23.89 -4.90
C VAL A 621 -45.80 -24.72 -5.69
N ALA A 622 -45.76 -26.03 -5.45
CA ALA A 622 -44.89 -26.94 -6.20
C ALA A 622 -45.17 -26.87 -7.69
N GLU A 623 -46.45 -26.87 -8.04
CA GLU A 623 -46.90 -26.74 -9.43
C GLU A 623 -46.41 -25.44 -10.06
N ASP A 624 -46.47 -24.33 -9.33
CA ASP A 624 -45.97 -23.04 -9.82
C ASP A 624 -44.47 -23.12 -10.09
N LEU A 625 -43.73 -23.70 -9.14
CA LEU A 625 -42.29 -23.83 -9.28
C LEU A 625 -41.91 -24.71 -10.46
N LYS A 626 -42.67 -25.79 -10.69
CA LYS A 626 -42.45 -26.69 -11.83
C LYS A 626 -42.75 -26.02 -13.17
N ARG A 627 -43.80 -25.21 -13.22
CA ARG A 627 -44.11 -24.43 -14.44
C ARG A 627 -42.94 -23.52 -14.82
N LYS A 628 -42.45 -22.77 -13.83
CA LYS A 628 -41.28 -21.90 -14.03
C LYS A 628 -40.10 -22.71 -14.52
N ALA A 629 -39.82 -23.82 -13.84
CA ALA A 629 -38.64 -24.63 -14.16
C ALA A 629 -38.77 -25.25 -15.56
N ASP A 630 -39.95 -25.81 -15.85
CA ASP A 630 -40.22 -26.35 -17.18
C ASP A 630 -40.05 -25.29 -18.26
N TRP A 631 -40.54 -24.07 -18.00
CA TRP A 631 -40.42 -22.99 -18.96
C TRP A 631 -38.94 -22.69 -19.23
N ALA A 632 -38.17 -22.54 -18.16
CA ALA A 632 -36.75 -22.22 -18.28
C ALA A 632 -36.00 -23.32 -19.03
N VAL A 633 -36.29 -24.58 -18.72
CA VAL A 633 -35.64 -25.71 -19.38
C VAL A 633 -35.93 -25.70 -20.88
N ALA A 634 -37.18 -25.51 -21.26
CA ALA A 634 -37.57 -25.49 -22.68
C ALA A 634 -36.95 -24.30 -23.40
N HIS A 635 -36.91 -23.15 -22.75
CA HIS A 635 -36.29 -21.95 -23.34
C HIS A 635 -34.80 -22.11 -23.58
N LEU A 636 -34.08 -22.66 -22.61
CA LEU A 636 -32.64 -22.87 -22.75
C LEU A 636 -32.34 -23.88 -23.86
N ARG A 637 -33.03 -25.01 -23.86
CA ARG A 637 -32.87 -26.04 -24.91
C ARG A 637 -33.23 -25.55 -26.29
N GLY A 638 -34.28 -24.72 -26.39
CA GLY A 638 -34.77 -24.23 -27.66
C GLY A 638 -34.08 -22.98 -28.18
N SER A 639 -33.49 -22.17 -27.29
CA SER A 639 -32.90 -20.90 -27.70
C SER A 639 -31.44 -20.69 -27.42
N GLU A 640 -30.86 -21.43 -26.50
CA GLU A 640 -29.47 -21.21 -26.12
C GLU A 640 -28.57 -22.42 -26.39
N TRP A 641 -29.08 -23.45 -27.07
CA TRP A 641 -28.26 -24.55 -27.56
C TRP A 641 -27.66 -24.09 -28.88
N ILE A 642 -26.33 -24.06 -28.97
CA ILE A 642 -25.66 -23.57 -30.17
C ILE A 642 -24.72 -24.61 -30.76
N GLN A 643 -24.30 -24.34 -31.98
CA GLN A 643 -23.46 -25.24 -32.74
C GLN A 643 -22.40 -24.43 -33.51
N SER A 644 -21.18 -24.92 -33.58
CA SER A 644 -20.17 -24.30 -34.42
C SER A 644 -20.26 -24.92 -35.80
N LYS A 645 -19.77 -24.22 -36.81
CA LYS A 645 -19.70 -24.75 -38.19
C LYS A 645 -18.91 -26.06 -38.27
N GLU A 646 -17.89 -26.20 -37.44
CA GLU A 646 -17.15 -27.44 -37.35
C GLU A 646 -18.00 -28.64 -36.83
N GLY A 647 -19.13 -28.39 -36.19
CA GLY A 647 -20.09 -29.46 -35.86
C GLY A 647 -20.20 -29.81 -34.37
N TYR A 648 -19.48 -29.08 -33.53
CA TYR A 648 -19.62 -29.24 -32.10
C TYR A 648 -20.80 -28.42 -31.62
N ALA A 649 -21.44 -28.84 -30.53
CA ALA A 649 -22.55 -28.11 -29.97
C ALA A 649 -22.49 -28.06 -28.44
N TRP A 650 -23.04 -26.99 -27.87
CA TRP A 650 -22.97 -26.75 -26.44
C TRP A 650 -23.93 -25.60 -26.06
N PHE A 651 -24.00 -25.23 -24.78
CA PHE A 651 -24.87 -24.14 -24.36
C PHE A 651 -24.12 -22.80 -24.32
N ASN A 652 -24.72 -21.77 -24.94
CA ASN A 652 -24.23 -20.42 -24.78
C ASN A 652 -24.35 -20.04 -23.32
N GLY A 653 -23.33 -19.41 -22.76
CA GLY A 653 -23.36 -19.03 -21.35
C GLY A 653 -23.74 -17.57 -21.07
N TYR A 654 -23.56 -16.70 -22.07
CA TYR A 654 -23.54 -15.26 -21.84
C TYR A 654 -24.06 -14.40 -23.01
N TYR A 655 -24.62 -13.26 -22.65
CA TYR A 655 -24.83 -12.14 -23.54
C TYR A 655 -24.07 -10.98 -22.94
N ASN A 656 -23.43 -10.21 -23.80
CA ASN A 656 -22.60 -9.08 -23.37
C ASN A 656 -23.44 -7.80 -23.22
N ASN A 657 -22.79 -6.71 -22.87
CA ASN A 657 -23.47 -5.45 -22.60
C ASN A 657 -24.02 -4.75 -23.84
N ASP A 658 -23.69 -5.24 -25.03
CA ASP A 658 -24.38 -4.84 -26.25
C ASP A 658 -25.54 -5.76 -26.65
N GLY A 659 -25.94 -6.65 -25.76
CA GLY A 659 -26.97 -7.62 -26.05
C GLY A 659 -26.60 -8.68 -27.08
N GLU A 660 -25.30 -8.94 -27.27
CA GLU A 660 -24.84 -9.93 -28.25
C GLU A 660 -24.53 -11.23 -27.58
N ARG A 661 -24.83 -12.33 -28.27
CA ARG A 661 -24.47 -13.67 -27.82
C ARG A 661 -22.97 -13.76 -27.77
N VAL A 662 -22.44 -14.27 -26.66
CA VAL A 662 -21.00 -14.30 -26.45
C VAL A 662 -20.35 -15.50 -27.12
N GLU A 663 -20.97 -16.67 -27.02
CA GLU A 663 -20.32 -17.92 -27.45
C GLU A 663 -20.67 -18.33 -28.87
N GLY A 664 -19.80 -19.12 -29.46
CA GLY A 664 -19.94 -19.62 -30.83
C GLY A 664 -18.80 -19.20 -31.73
N ASP A 665 -18.99 -19.43 -33.02
CA ASP A 665 -18.02 -19.00 -34.01
C ASP A 665 -17.68 -17.53 -33.90
N HIS A 666 -16.43 -17.20 -34.18
CA HIS A 666 -15.98 -15.83 -34.11
C HIS A 666 -14.69 -15.70 -34.92
N PRO A 667 -14.46 -14.50 -35.49
CA PRO A 667 -13.12 -14.28 -36.05
C PRO A 667 -12.03 -14.60 -35.04
N ASP A 668 -10.94 -15.20 -35.51
CA ASP A 668 -9.83 -15.63 -34.66
C ASP A 668 -10.11 -16.80 -33.70
N GLY A 669 -11.29 -17.42 -33.76
CA GLY A 669 -11.54 -18.65 -33.02
C GLY A 669 -12.86 -18.71 -32.26
N VAL A 670 -13.38 -19.92 -32.15
CA VAL A 670 -14.58 -20.20 -31.39
C VAL A 670 -14.43 -19.71 -29.94
N ARG A 671 -15.50 -19.09 -29.45
CA ARG A 671 -15.59 -18.61 -28.08
C ARG A 671 -16.49 -19.55 -27.32
N MET A 672 -15.99 -20.12 -26.23
CA MET A 672 -16.72 -21.06 -25.40
C MET A 672 -16.32 -20.86 -23.94
N THR A 673 -17.27 -21.02 -23.02
CA THR A 673 -16.99 -20.96 -21.60
C THR A 673 -17.34 -22.27 -20.96
N LEU A 674 -16.53 -22.65 -19.96
CA LEU A 674 -16.83 -23.82 -19.14
C LEU A 674 -18.03 -23.56 -18.25
N THR A 675 -18.10 -22.37 -17.66
CA THR A 675 -19.20 -22.01 -16.75
C THR A 675 -20.60 -22.20 -17.39
N GLY A 676 -20.72 -21.88 -18.68
CA GLY A 676 -21.98 -22.07 -19.43
C GLY A 676 -22.46 -23.50 -19.59
N GLN A 677 -21.58 -24.46 -19.28
CA GLN A 677 -21.89 -25.87 -19.39
C GLN A 677 -22.20 -26.56 -18.07
N VAL A 678 -21.55 -26.12 -17.00
CA VAL A 678 -21.47 -26.93 -15.77
C VAL A 678 -22.82 -27.15 -15.14
N PHE A 679 -23.60 -26.07 -15.01
CA PHE A 679 -24.87 -26.14 -14.29
C PHE A 679 -25.97 -26.67 -15.18
N ALA A 680 -25.88 -26.41 -16.48
CA ALA A 680 -26.75 -27.07 -17.46
C ALA A 680 -26.69 -28.61 -17.28
N ILE A 681 -25.47 -29.12 -17.15
CA ILE A 681 -25.25 -30.53 -16.92
C ILE A 681 -25.70 -30.94 -15.52
N MET A 682 -25.24 -30.21 -14.51
CA MET A 682 -25.44 -30.61 -13.13
C MET A 682 -26.93 -30.69 -12.82
N GLY A 683 -27.68 -29.72 -13.31
CA GLY A 683 -29.06 -29.51 -12.93
C GLY A 683 -30.09 -30.17 -13.82
N GLY A 684 -29.68 -30.72 -14.96
CA GLY A 684 -30.58 -31.41 -15.86
C GLY A 684 -31.10 -30.62 -17.05
N VAL A 685 -30.77 -29.34 -17.16
CA VAL A 685 -31.16 -28.58 -18.37
C VAL A 685 -30.62 -29.27 -19.64
N ALA A 686 -29.39 -29.76 -19.58
CA ALA A 686 -28.81 -30.59 -20.63
C ALA A 686 -29.42 -31.97 -20.54
N THR A 687 -29.98 -32.43 -21.66
CA THR A 687 -30.36 -33.85 -21.79
C THR A 687 -29.09 -34.70 -21.76
N ASP A 688 -29.24 -36.02 -21.65
CA ASP A 688 -28.06 -36.91 -21.71
C ASP A 688 -27.30 -36.73 -23.03
N GLU A 689 -28.04 -36.58 -24.11
CA GLU A 689 -27.47 -36.38 -25.44
C GLU A 689 -26.69 -35.07 -25.50
N GLN A 690 -27.31 -34.00 -24.98
CA GLN A 690 -26.67 -32.70 -24.95
C GLN A 690 -25.42 -32.74 -24.09
N THR A 691 -25.46 -33.48 -23.00
CA THR A 691 -24.31 -33.64 -22.10
C THR A 691 -23.16 -34.35 -22.82
N GLU A 692 -23.47 -35.41 -23.58
CA GLU A 692 -22.45 -36.06 -24.37
C GLU A 692 -21.82 -35.06 -25.36
N LYS A 693 -22.66 -34.29 -26.03
CA LYS A 693 -22.19 -33.29 -26.99
C LYS A 693 -21.39 -32.17 -26.35
N ILE A 694 -21.85 -31.70 -25.18
CA ILE A 694 -21.13 -30.68 -24.42
C ILE A 694 -19.73 -31.15 -24.09
N SER A 695 -19.60 -32.38 -23.61
N SER A 695 -19.60 -32.38 -23.61
CA SER A 695 -18.30 -32.95 -23.27
CA SER A 695 -18.30 -32.95 -23.28
C SER A 695 -17.35 -33.01 -24.47
C SER A 695 -17.35 -33.01 -24.47
N GLN A 696 -17.88 -33.36 -25.65
CA GLN A 696 -17.09 -33.30 -26.88
C GLN A 696 -16.59 -31.86 -27.20
N ALA A 697 -17.50 -30.88 -27.06
CA ALA A 697 -17.17 -29.49 -27.29
C ALA A 697 -16.12 -28.99 -26.26
N VAL A 698 -16.29 -29.37 -24.99
CA VAL A 698 -15.31 -29.06 -23.94
C VAL A 698 -13.94 -29.60 -24.34
N ASN A 699 -13.90 -30.88 -24.69
CA ASN A 699 -12.64 -31.53 -25.03
C ASN A 699 -12.00 -30.90 -26.28
N ARG A 700 -12.83 -30.41 -27.20
CA ARG A 700 -12.35 -29.77 -28.41
C ARG A 700 -11.77 -28.36 -28.19
N TYR A 701 -12.53 -27.53 -27.47
CA TYR A 701 -12.27 -26.09 -27.39
C TYR A 701 -11.60 -25.65 -26.10
N LEU A 702 -11.77 -26.41 -25.01
CA LEU A 702 -11.28 -26.02 -23.71
C LEU A 702 -10.18 -26.90 -23.14
N LYS A 703 -10.12 -28.17 -23.52
CA LYS A 703 -9.18 -29.10 -22.90
C LYS A 703 -7.83 -28.91 -23.55
N ASP A 704 -6.92 -28.34 -22.80
CA ASP A 704 -5.55 -28.09 -23.24
C ASP A 704 -4.69 -29.31 -22.90
N GLU A 705 -3.91 -29.75 -23.87
CA GLU A 705 -3.01 -30.88 -23.67
C GLU A 705 -1.98 -30.66 -22.54
N ARG A 706 -1.50 -29.44 -22.35
CA ARG A 706 -0.50 -29.12 -21.32
C ARG A 706 -1.13 -28.72 -19.99
N ILE A 707 -2.20 -27.92 -19.99
CA ILE A 707 -2.72 -27.37 -18.72
C ILE A 707 -4.13 -27.80 -18.31
N GLY A 708 -4.77 -28.67 -19.10
CA GLY A 708 -6.04 -29.22 -18.69
C GLY A 708 -7.25 -28.36 -19.08
N TYR A 709 -8.31 -28.49 -18.31
CA TYR A 709 -9.63 -27.95 -18.72
C TYR A 709 -9.75 -26.45 -18.46
N ARG A 710 -9.64 -25.64 -19.50
CA ARG A 710 -9.65 -24.18 -19.34
C ARG A 710 -11.02 -23.67 -19.02
N LEU A 711 -11.03 -22.51 -18.35
CA LEU A 711 -12.29 -21.85 -17.98
C LEU A 711 -13.03 -21.30 -19.21
N ASN A 712 -12.28 -20.97 -20.24
CA ASN A 712 -12.81 -20.39 -21.48
C ASN A 712 -11.73 -20.48 -22.53
N SER A 713 -12.13 -20.39 -23.79
CA SER A 713 -11.23 -20.31 -24.92
C SER A 713 -10.79 -18.86 -25.06
N ARG A 714 -9.84 -18.62 -25.96
CA ARG A 714 -9.23 -17.29 -26.11
C ARG A 714 -10.14 -16.28 -26.85
N PHE A 715 -10.45 -15.17 -26.20
CA PHE A 715 -11.09 -14.02 -26.83
C PHE A 715 -9.92 -13.08 -27.08
N GLY A 716 -9.69 -12.64 -28.30
CA GLY A 716 -8.53 -11.74 -28.54
C GLY A 716 -8.71 -10.36 -27.89
N GLY A 717 -7.78 -9.96 -27.03
CA GLY A 717 -7.81 -8.62 -26.46
C GLY A 717 -8.84 -8.39 -25.36
N ILE A 718 -8.84 -7.16 -24.81
CA ILE A 718 -9.80 -6.79 -23.77
C ILE A 718 -11.24 -6.80 -24.30
N GLN A 719 -12.18 -7.01 -23.40
CA GLN A 719 -13.59 -7.15 -23.72
C GLN A 719 -14.37 -6.24 -22.78
N GLN A 720 -14.33 -4.95 -23.11
CA GLN A 720 -14.88 -3.89 -22.24
C GLN A 720 -16.44 -3.81 -22.18
N ASN A 721 -17.11 -4.57 -23.04
CA ASN A 721 -18.55 -4.79 -22.94
C ASN A 721 -18.90 -6.12 -22.23
N LEU A 722 -17.94 -6.73 -21.56
CA LEU A 722 -18.19 -8.01 -20.90
C LEU A 722 -17.55 -8.10 -19.53
N GLY A 723 -16.23 -7.93 -19.45
CA GLY A 723 -15.60 -7.97 -18.14
C GLY A 723 -14.12 -7.73 -18.09
N ARG A 724 -13.67 -7.29 -16.92
CA ARG A 724 -12.25 -7.04 -16.65
C ARG A 724 -11.42 -8.35 -16.71
N ALA A 725 -12.06 -9.52 -16.57
CA ALA A 725 -11.35 -10.79 -16.68
C ALA A 725 -10.49 -10.87 -17.96
N PHE A 726 -10.98 -10.29 -19.04
CA PHE A 726 -10.31 -10.34 -20.33
C PHE A 726 -9.08 -9.42 -20.48
N GLY A 727 -8.83 -8.59 -19.45
CA GLY A 727 -7.61 -7.84 -19.33
C GLY A 727 -6.45 -8.67 -18.81
N PHE A 728 -6.74 -9.77 -18.11
CA PHE A 728 -5.70 -10.73 -17.74
C PHE A 728 -5.20 -11.45 -18.97
N ALA A 729 -3.90 -11.76 -18.95
CA ALA A 729 -3.30 -12.61 -19.96
C ALA A 729 -4.02 -13.98 -20.00
N PHE A 730 -4.20 -14.46 -21.23
CA PHE A 730 -4.85 -15.74 -21.45
C PHE A 730 -4.08 -16.84 -20.70
N GLY A 731 -4.81 -17.70 -20.03
CA GLY A 731 -4.24 -18.72 -19.17
C GLY A 731 -3.93 -18.34 -17.73
N HIS A 732 -4.50 -17.24 -17.24
CA HIS A 732 -4.24 -16.76 -15.88
C HIS A 732 -5.54 -16.30 -15.24
N LYS A 733 -5.82 -16.80 -14.03
CA LYS A 733 -6.91 -16.33 -13.24
C LYS A 733 -8.25 -16.55 -13.97
N GLU A 734 -9.12 -15.53 -14.09
CA GLU A 734 -10.41 -15.78 -14.67
C GLU A 734 -10.40 -15.66 -16.22
N ASN A 735 -9.24 -15.53 -16.85
CA ASN A 735 -9.14 -15.63 -18.32
C ASN A 735 -8.41 -16.89 -18.77
N GLY A 736 -9.17 -17.98 -18.92
CA GLY A 736 -8.68 -19.18 -19.60
C GLY A 736 -7.66 -20.04 -18.90
N ALA A 737 -7.47 -19.84 -17.59
CA ALA A 737 -6.62 -20.71 -16.82
C ALA A 737 -7.44 -21.99 -16.60
N MET A 738 -6.75 -23.05 -16.16
CA MET A 738 -7.41 -24.22 -15.59
C MET A 738 -7.83 -23.79 -14.18
N PHE A 739 -9.07 -23.32 -14.04
CA PHE A 739 -9.54 -22.75 -12.78
C PHE A 739 -10.21 -23.88 -12.00
N SER A 740 -9.47 -24.36 -10.99
CA SER A 740 -9.78 -25.60 -10.32
C SER A 740 -11.23 -25.75 -9.84
N HIS A 741 -11.77 -24.66 -9.30
CA HIS A 741 -13.11 -24.66 -8.73
C HIS A 741 -14.16 -25.04 -9.77
N MET A 742 -14.13 -24.38 -10.93
CA MET A 742 -15.10 -24.65 -11.97
C MET A 742 -14.87 -26.04 -12.61
N THR A 743 -13.61 -26.42 -12.77
CA THR A 743 -13.28 -27.72 -13.34
C THR A 743 -13.77 -28.86 -12.46
N VAL A 744 -13.60 -28.72 -11.14
CA VAL A 744 -14.11 -29.73 -10.19
C VAL A 744 -15.63 -29.81 -10.26
N MET A 745 -16.29 -28.65 -10.37
CA MET A 745 -17.75 -28.65 -10.49
C MET A 745 -18.21 -29.31 -11.79
N TYR A 746 -17.45 -29.14 -12.87
CA TYR A 746 -17.71 -29.83 -14.12
C TYR A 746 -17.67 -31.34 -13.91
N ALA A 747 -16.61 -31.82 -13.28
CA ALA A 747 -16.49 -33.25 -12.93
C ALA A 747 -17.67 -33.75 -12.08
N ASN A 748 -18.01 -32.96 -11.07
CA ASN A 748 -19.11 -33.29 -10.18
C ASN A 748 -20.40 -33.48 -10.99
N ALA A 749 -20.67 -32.51 -11.87
CA ALA A 749 -21.80 -32.54 -12.78
C ALA A 749 -21.79 -33.82 -13.63
N LEU A 750 -20.62 -34.15 -14.22
CA LEU A 750 -20.50 -35.39 -15.03
C LEU A 750 -20.79 -36.64 -14.23
N TYR A 751 -20.23 -36.75 -13.02
CA TYR A 751 -20.51 -37.91 -12.15
C TYR A 751 -22.00 -38.01 -11.79
N LYS A 752 -22.61 -36.88 -11.41
CA LYS A 752 -24.04 -36.78 -11.10
C LYS A 752 -24.86 -37.38 -12.20
N ARG A 753 -24.51 -37.07 -13.45
CA ARG A 753 -25.28 -37.49 -14.60
C ARG A 753 -24.87 -38.87 -15.14
N GLY A 754 -23.90 -39.52 -14.51
CA GLY A 754 -23.48 -40.86 -14.87
C GLY A 754 -22.40 -40.94 -15.94
N PHE A 755 -21.77 -39.80 -16.25
CA PHE A 755 -20.64 -39.75 -17.20
C PHE A 755 -19.37 -39.94 -16.40
N VAL A 756 -19.17 -41.17 -15.92
CA VAL A 756 -18.15 -41.50 -14.93
C VAL A 756 -16.73 -41.51 -15.47
N GLN A 757 -16.52 -42.06 -16.67
CA GLN A 757 -15.18 -42.08 -17.27
C GLN A 757 -14.74 -40.64 -17.58
N GLU A 758 -15.68 -39.81 -18.03
CA GLU A 758 -15.41 -38.41 -18.36
C GLU A 758 -15.10 -37.65 -17.07
N GLY A 759 -15.94 -37.85 -16.05
CA GLY A 759 -15.72 -37.28 -14.72
C GLY A 759 -14.37 -37.65 -14.13
N PHE A 760 -14.02 -38.94 -14.22
CA PHE A 760 -12.71 -39.43 -13.77
C PHE A 760 -11.54 -38.70 -14.45
N GLU A 761 -11.62 -38.55 -15.77
CA GLU A 761 -10.61 -37.86 -16.57
C GLU A 761 -10.39 -36.45 -16.02
N VAL A 762 -11.48 -35.76 -15.71
CA VAL A 762 -11.41 -34.38 -15.23
C VAL A 762 -10.71 -34.32 -13.87
N LEU A 763 -11.18 -35.13 -12.92
CA LEU A 763 -10.60 -35.14 -11.59
C LEU A 763 -9.14 -35.58 -11.61
N ASP A 764 -8.84 -36.63 -12.37
CA ASP A 764 -7.47 -37.12 -12.53
C ASP A 764 -6.54 -36.03 -13.14
N SER A 765 -7.03 -35.25 -14.11
N SER A 765 -7.03 -35.25 -14.11
CA SER A 765 -6.27 -34.14 -14.67
CA SER A 765 -6.27 -34.14 -14.67
C SER A 765 -5.86 -33.09 -13.62
C SER A 765 -5.86 -33.09 -13.62
N ILE A 766 -6.78 -32.74 -12.72
CA ILE A 766 -6.48 -31.77 -11.65
C ILE A 766 -5.33 -32.26 -10.78
N TYR A 767 -5.43 -33.51 -10.34
CA TYR A 767 -4.37 -34.13 -9.55
C TYR A 767 -3.05 -34.21 -10.30
N ARG A 768 -3.06 -34.72 -11.53
CA ARG A 768 -1.82 -34.86 -12.30
C ARG A 768 -1.11 -33.51 -12.49
N LEU A 769 -1.89 -32.50 -12.87
CA LEU A 769 -1.36 -31.14 -13.02
C LEU A 769 -0.78 -30.62 -11.74
N SER A 770 -1.53 -30.77 -10.66
CA SER A 770 -1.09 -30.28 -9.33
C SER A 770 0.18 -30.95 -8.86
N ALA A 771 0.28 -32.27 -9.08
CA ALA A 771 1.39 -33.08 -8.59
C ALA A 771 2.62 -33.12 -9.52
N ASP A 772 2.50 -32.59 -10.74
CA ASP A 772 3.62 -32.51 -11.67
C ASP A 772 4.54 -31.35 -11.29
N PHE A 773 5.29 -31.54 -10.21
CA PHE A 773 6.05 -30.47 -9.57
C PHE A 773 6.95 -29.66 -10.52
N GLU A 774 7.59 -30.33 -11.46
CA GLU A 774 8.43 -29.65 -12.45
C GLU A 774 7.73 -28.44 -13.09
N ASN A 775 6.43 -28.58 -13.35
CA ASN A 775 5.63 -27.49 -13.89
C ASN A 775 4.83 -26.76 -12.80
N SER A 776 4.18 -27.49 -11.90
CA SER A 776 3.29 -26.86 -10.91
C SER A 776 4.05 -26.04 -9.85
N ARG A 777 5.22 -26.53 -9.45
CA ARG A 777 6.08 -25.90 -8.43
C ARG A 777 5.30 -25.55 -7.17
N ILE A 778 4.42 -26.47 -6.74
CA ILE A 778 3.68 -26.31 -5.50
C ILE A 778 3.81 -27.57 -4.67
N TYR A 779 3.60 -27.38 -3.37
CA TYR A 779 3.53 -28.46 -2.43
C TYR A 779 2.20 -29.25 -2.60
N PRO A 780 2.06 -30.39 -1.91
CA PRO A 780 0.80 -31.11 -2.01
C PRO A 780 -0.42 -30.25 -1.69
N GLY A 781 -1.42 -30.37 -2.54
CA GLY A 781 -2.65 -29.59 -2.45
C GLY A 781 -3.12 -29.23 -3.83
N VAL A 782 -4.34 -28.71 -3.89
CA VAL A 782 -4.91 -28.20 -5.14
C VAL A 782 -4.83 -26.68 -5.15
N PRO A 783 -4.31 -26.09 -6.24
CA PRO A 783 -4.23 -24.61 -6.32
C PRO A 783 -5.54 -24.01 -6.83
N GLU A 784 -5.67 -22.70 -6.70
CA GLU A 784 -6.82 -22.01 -7.30
C GLU A 784 -6.84 -22.20 -8.83
N TYR A 785 -5.67 -22.10 -9.47
CA TYR A 785 -5.58 -22.38 -10.90
C TYR A 785 -4.20 -22.91 -11.30
N ILE A 786 -4.17 -23.63 -12.41
CA ILE A 786 -2.95 -23.97 -13.11
C ILE A 786 -2.89 -22.99 -14.26
N ASN A 787 -1.74 -22.33 -14.44
CA ASN A 787 -1.65 -21.24 -15.39
C ASN A 787 -1.08 -21.69 -16.74
N GLU A 788 -0.91 -20.72 -17.63
CA GLU A 788 -0.45 -20.95 -19.00
C GLU A 788 0.89 -21.70 -19.07
N ARG A 789 1.72 -21.54 -18.05
CA ARG A 789 3.01 -22.25 -17.95
C ARG A 789 2.99 -23.51 -17.12
N GLY A 790 1.78 -23.92 -16.70
CA GLY A 790 1.59 -25.09 -15.86
C GLY A 790 1.80 -24.88 -14.38
N ARG A 791 2.01 -23.64 -13.95
CA ARG A 791 2.33 -23.36 -12.53
C ARG A 791 1.06 -23.33 -11.69
N GLY A 792 1.16 -23.85 -10.46
CA GLY A 792 0.08 -23.78 -9.51
C GLY A 792 0.07 -22.42 -8.84
N MET A 793 -1.09 -21.76 -8.83
CA MET A 793 -1.20 -20.38 -8.38
C MET A 793 -2.28 -20.24 -7.31
N TYR A 794 -2.02 -19.35 -6.34
CA TYR A 794 -2.94 -19.08 -5.24
C TYR A 794 -3.23 -20.40 -4.50
N THR A 795 -2.24 -20.82 -3.73
CA THR A 795 -2.27 -22.11 -3.08
C THR A 795 -3.10 -22.10 -1.81
N TYR A 796 -3.48 -23.32 -1.40
CA TYR A 796 -4.09 -23.64 -0.09
C TYR A 796 -5.53 -23.18 0.18
N LEU A 797 -5.83 -21.92 -0.11
CA LEU A 797 -7.07 -21.29 0.36
C LEU A 797 -8.28 -21.48 -0.56
N THR A 798 -8.03 -22.01 -1.73
CA THR A 798 -9.04 -22.18 -2.78
C THR A 798 -10.24 -23.04 -2.34
N GLY A 799 -11.42 -22.51 -2.64
CA GLY A 799 -12.68 -23.21 -2.48
C GLY A 799 -12.81 -24.50 -3.27
N SER A 800 -11.96 -24.68 -4.28
CA SER A 800 -11.94 -25.90 -5.06
C SER A 800 -11.68 -27.15 -4.22
N ALA A 801 -10.94 -26.98 -3.12
CA ALA A 801 -10.67 -28.08 -2.22
C ALA A 801 -11.93 -28.62 -1.58
N SER A 802 -12.83 -27.73 -1.14
CA SER A 802 -14.12 -28.14 -0.59
C SER A 802 -14.91 -28.99 -1.62
N TRP A 803 -14.94 -28.50 -2.85
CA TRP A 803 -15.63 -29.24 -3.93
C TRP A 803 -14.96 -30.56 -4.29
N LEU A 804 -13.64 -30.59 -4.26
CA LEU A 804 -12.91 -31.80 -4.58
C LEU A 804 -13.17 -32.87 -3.52
N LEU A 805 -13.02 -32.48 -2.26
CA LEU A 805 -13.36 -33.34 -1.12
C LEU A 805 -14.79 -33.87 -1.22
N LEU A 806 -15.74 -32.95 -1.41
CA LEU A 806 -17.14 -33.33 -1.48
C LEU A 806 -17.44 -34.29 -2.65
N THR A 807 -16.82 -34.04 -3.79
CA THR A 807 -17.07 -34.81 -4.98
C THR A 807 -16.49 -36.22 -4.83
N GLN A 808 -15.25 -36.31 -4.34
CA GLN A 808 -14.60 -37.60 -4.09
C GLN A 808 -15.41 -38.45 -3.12
N LEU A 809 -15.92 -37.83 -2.05
CA LEU A 809 -16.76 -38.54 -1.06
C LEU A 809 -18.15 -38.92 -1.59
N THR A 810 -18.90 -37.93 -2.11
CA THR A 810 -20.33 -38.09 -2.36
C THR A 810 -20.69 -38.56 -3.76
N GLU A 811 -19.74 -38.48 -4.69
CA GLU A 811 -19.94 -38.92 -6.08
C GLU A 811 -19.05 -40.09 -6.50
N VAL A 812 -17.75 -39.96 -6.29
CA VAL A 812 -16.79 -41.00 -6.71
C VAL A 812 -16.95 -42.28 -5.88
N TYR A 813 -16.75 -42.15 -4.57
CA TYR A 813 -17.04 -43.25 -3.61
C TYR A 813 -18.55 -43.40 -3.38
N GLY A 814 -19.30 -42.34 -3.61
CA GLY A 814 -20.76 -42.38 -3.63
C GLY A 814 -21.43 -42.60 -2.29
N VAL A 815 -20.83 -42.05 -1.23
CA VAL A 815 -21.37 -42.13 0.14
C VAL A 815 -22.00 -40.78 0.44
N LYS A 816 -23.33 -40.75 0.47
CA LYS A 816 -24.09 -39.50 0.58
C LYS A 816 -25.39 -39.79 1.28
N GLY A 817 -25.98 -38.75 1.85
CA GLY A 817 -27.28 -38.84 2.43
C GLY A 817 -28.41 -38.71 1.42
N ARG A 818 -29.54 -39.34 1.70
CA ARG A 818 -30.83 -39.11 1.02
C ARG A 818 -31.88 -39.00 2.12
N PHE A 819 -32.39 -37.80 2.32
CA PHE A 819 -33.29 -37.44 3.42
C PHE A 819 -32.87 -38.01 4.78
N GLY A 820 -31.57 -38.03 5.06
CA GLY A 820 -31.07 -38.56 6.33
C GLY A 820 -30.64 -40.01 6.29
N ASP A 821 -31.21 -40.79 5.38
CA ASP A 821 -30.74 -42.16 5.12
C ASP A 821 -29.43 -42.14 4.35
N LEU A 822 -28.66 -43.21 4.49
CA LEU A 822 -27.38 -43.37 3.81
C LEU A 822 -27.59 -44.05 2.47
N ARG A 823 -27.28 -43.35 1.38
CA ARG A 823 -27.22 -43.93 0.03
C ARG A 823 -25.76 -44.24 -0.31
N LEU A 824 -25.51 -45.46 -0.78
CA LEU A 824 -24.21 -45.89 -1.26
C LEU A 824 -24.34 -46.14 -2.77
N GLU A 825 -23.54 -45.46 -3.59
CA GLU A 825 -23.61 -45.62 -5.05
C GLU A 825 -22.24 -45.44 -5.68
N PRO A 826 -21.39 -46.48 -5.61
CA PRO A 826 -20.01 -46.28 -6.05
C PRO A 826 -19.91 -45.93 -7.54
N LYS A 827 -19.04 -44.96 -7.85
CA LYS A 827 -18.70 -44.62 -9.23
C LYS A 827 -17.19 -44.68 -9.42
N LEU A 828 -16.59 -45.70 -8.81
CA LEU A 828 -15.17 -45.92 -8.93
C LEU A 828 -14.92 -46.67 -10.22
N VAL A 829 -13.86 -46.29 -10.93
CA VAL A 829 -13.39 -47.08 -12.08
C VAL A 829 -12.47 -48.19 -11.58
N GLN A 830 -12.23 -49.21 -12.41
CA GLN A 830 -11.40 -50.37 -12.04
C GLN A 830 -9.99 -50.00 -11.61
N ALA A 831 -9.38 -49.06 -12.33
CA ALA A 831 -8.04 -48.58 -11.97
C ALA A 831 -7.94 -48.02 -10.53
N GLN A 832 -9.06 -47.59 -9.94
CA GLN A 832 -9.04 -47.05 -8.57
C GLN A 832 -8.98 -48.11 -7.47
N PHE A 833 -9.21 -49.38 -7.80
CA PHE A 833 -9.16 -50.41 -6.78
C PHE A 833 -7.71 -50.85 -6.55
N ASP A 834 -7.38 -51.15 -5.31
CA ASP A 834 -6.00 -51.51 -4.94
C ASP A 834 -5.64 -52.98 -5.26
N GLY A 835 -4.40 -53.37 -4.94
CA GLY A 835 -3.92 -54.75 -5.12
C GLY A 835 -4.71 -55.86 -4.46
N SER A 836 -5.49 -55.54 -3.45
CA SER A 836 -6.46 -56.46 -2.86
C SER A 836 -7.87 -56.32 -3.43
N GLY A 837 -8.04 -55.56 -4.51
CA GLY A 837 -9.35 -55.36 -5.14
C GLY A 837 -10.33 -54.52 -4.34
N GLU A 838 -9.80 -53.56 -3.57
CA GLU A 838 -10.59 -52.76 -2.64
C GLU A 838 -10.34 -51.28 -2.85
N ALA A 839 -11.36 -50.49 -2.59
CA ALA A 839 -11.20 -49.06 -2.36
C ALA A 839 -12.16 -48.68 -1.25
N ALA A 840 -11.69 -47.84 -0.32
CA ALA A 840 -12.47 -47.51 0.88
C ALA A 840 -12.42 -46.04 1.25
N VAL A 841 -13.42 -45.60 2.00
CA VAL A 841 -13.43 -44.25 2.55
C VAL A 841 -13.92 -44.31 3.98
N GLU A 842 -13.20 -43.60 4.88
CA GLU A 842 -13.63 -43.42 6.25
C GLU A 842 -14.27 -42.07 6.33
N THR A 843 -15.47 -42.02 6.89
CA THR A 843 -16.28 -40.83 6.86
C THR A 843 -17.30 -40.87 7.99
N LEU A 844 -17.68 -39.69 8.43
CA LEU A 844 -18.59 -39.51 9.55
C LEU A 844 -20.00 -39.39 8.95
N PHE A 845 -20.94 -40.20 9.41
CA PHE A 845 -22.34 -40.06 8.98
C PHE A 845 -23.30 -40.31 10.13
N ALA A 846 -24.30 -39.45 10.24
CA ALA A 846 -25.27 -39.51 11.33
C ALA A 846 -24.59 -39.69 12.70
N GLY A 847 -23.52 -38.93 12.90
CA GLY A 847 -22.72 -38.99 14.12
C GLY A 847 -21.93 -40.26 14.39
N ARG A 848 -21.64 -41.06 13.36
CA ARG A 848 -20.82 -42.27 13.52
C ARG A 848 -19.72 -42.28 12.47
N MET A 849 -18.54 -42.81 12.84
CA MET A 849 -17.43 -42.98 11.89
C MET A 849 -17.62 -44.34 11.20
N LEU A 850 -17.68 -44.30 9.86
CA LEU A 850 -17.89 -45.50 9.05
C LEU A 850 -16.69 -45.65 8.13
N ARG A 851 -16.24 -46.90 7.95
CA ARG A 851 -15.27 -47.24 6.90
C ARG A 851 -16.06 -48.02 5.83
N VAL A 852 -16.42 -47.32 4.76
CA VAL A 852 -17.15 -47.91 3.67
C VAL A 852 -16.13 -48.55 2.72
N VAL A 853 -16.13 -49.88 2.64
CA VAL A 853 -15.20 -50.64 1.81
C VAL A 853 -15.92 -51.26 0.60
N TYR A 854 -15.48 -50.91 -0.60
CA TYR A 854 -16.00 -51.51 -1.81
C TYR A 854 -15.05 -52.61 -2.25
N ARG A 855 -15.56 -53.84 -2.35
CA ARG A 855 -14.77 -54.95 -2.83
C ARG A 855 -15.19 -55.29 -4.25
N ASN A 856 -14.20 -55.33 -5.14
CA ASN A 856 -14.41 -55.60 -6.56
C ASN A 856 -13.53 -56.79 -6.92
N PRO A 857 -13.79 -57.96 -6.34
CA PRO A 857 -12.92 -59.10 -6.60
C PRO A 857 -12.92 -59.53 -8.07
N GLN A 858 -14.02 -59.29 -8.80
CA GLN A 858 -14.09 -59.65 -10.22
C GLN A 858 -13.44 -58.60 -11.13
N ALA A 859 -12.91 -57.52 -10.54
CA ALA A 859 -12.18 -56.49 -11.27
C ALA A 859 -13.02 -55.91 -12.42
N ALA A 860 -14.31 -55.71 -12.14
CA ALA A 860 -15.22 -55.15 -13.13
C ALA A 860 -15.03 -53.63 -13.23
N GLU A 861 -15.14 -53.12 -14.45
CA GLU A 861 -15.22 -51.70 -14.72
C GLU A 861 -16.56 -51.10 -14.24
N HIS A 862 -16.62 -49.79 -14.01
CA HIS A 862 -17.90 -49.11 -13.72
C HIS A 862 -18.84 -49.26 -14.90
N GLY A 863 -20.11 -49.51 -14.62
CA GLY A 863 -21.06 -49.93 -15.66
C GLY A 863 -21.19 -51.44 -15.80
N GLN A 864 -20.10 -52.17 -15.55
CA GLN A 864 -20.12 -53.65 -15.50
C GLN A 864 -20.42 -54.24 -14.10
N TYR A 865 -20.41 -53.43 -13.02
CA TYR A 865 -20.63 -53.94 -11.66
C TYR A 865 -21.92 -53.48 -10.99
N ARG A 866 -22.36 -54.24 -9.98
CA ARG A 866 -23.49 -53.89 -9.12
C ARG A 866 -23.23 -54.32 -7.68
N VAL A 867 -24.02 -53.78 -6.76
CA VAL A 867 -23.93 -54.16 -5.34
C VAL A 867 -24.49 -55.57 -5.10
N ASP A 868 -23.61 -56.56 -4.89
CA ASP A 868 -24.03 -57.96 -4.61
C ASP A 868 -24.51 -58.18 -3.17
N SER A 869 -23.83 -57.58 -2.19
CA SER A 869 -24.24 -57.61 -0.77
C SER A 869 -23.56 -56.54 0.08
N VAL A 870 -24.18 -56.25 1.23
CA VAL A 870 -23.70 -55.20 2.16
C VAL A 870 -23.76 -55.72 3.59
N SER A 871 -22.63 -55.61 4.31
CA SER A 871 -22.57 -56.02 5.72
C SER A 871 -22.02 -54.89 6.60
N LEU A 872 -22.51 -54.84 7.83
CA LEU A 872 -22.21 -53.74 8.78
C LEU A 872 -21.85 -54.32 10.14
N ASN A 873 -20.68 -53.91 10.65
CA ASN A 873 -20.17 -54.35 11.96
C ASN A 873 -20.18 -55.88 12.14
N GLY A 874 -20.03 -56.63 11.04
CA GLY A 874 -20.08 -58.12 11.07
C GLY A 874 -21.48 -58.71 11.05
N GLN A 875 -22.33 -58.22 10.16
CA GLN A 875 -23.72 -58.70 10.04
C GLN A 875 -24.37 -58.16 8.77
N SER A 876 -25.31 -58.93 8.25
CA SER A 876 -25.98 -58.63 6.99
C SER A 876 -26.91 -57.42 7.14
N VAL A 877 -26.82 -56.47 6.21
CA VAL A 877 -27.72 -55.32 6.14
C VAL A 877 -28.66 -55.45 4.95
N ASP A 878 -29.96 -55.28 5.17
CA ASP A 878 -30.92 -55.23 4.06
C ASP A 878 -31.00 -53.81 3.57
N CYS A 879 -31.20 -53.64 2.26
CA CYS A 879 -31.15 -52.32 1.61
C CYS A 879 -32.45 -52.06 0.86
N GLN A 880 -32.97 -50.83 0.90
CA GLN A 880 -34.20 -50.48 0.20
C GLN A 880 -33.90 -49.95 -1.22
N ASN A 881 -33.08 -50.71 -1.97
CA ASN A 881 -32.77 -50.44 -3.39
C ASN A 881 -31.79 -51.51 -3.97
N ASP A 882 -31.91 -51.78 -5.27
CA ASP A 882 -30.95 -52.64 -6.00
C ASP A 882 -30.27 -51.86 -7.16
N GLY A 883 -31.09 -51.29 -8.03
CA GLY A 883 -30.63 -50.35 -9.06
C GLY A 883 -30.13 -49.05 -8.44
N ALA A 884 -29.49 -48.23 -9.28
CA ALA A 884 -28.66 -47.09 -8.86
C ALA A 884 -27.64 -47.57 -7.80
N GLY A 885 -27.97 -47.45 -6.52
CA GLY A 885 -27.21 -48.11 -5.45
C GLY A 885 -28.15 -48.49 -4.33
N CYS A 886 -27.59 -48.93 -3.22
CA CYS A 886 -28.38 -49.35 -2.07
C CYS A 886 -28.60 -48.21 -1.09
N LEU A 887 -29.72 -48.33 -0.36
CA LEU A 887 -30.15 -47.30 0.59
C LEU A 887 -30.30 -47.94 1.97
N ILE A 888 -29.59 -47.40 2.96
CA ILE A 888 -29.58 -47.93 4.32
C ILE A 888 -30.28 -46.91 5.24
N GLY A 889 -31.27 -47.39 6.00
CA GLY A 889 -32.01 -46.54 6.95
C GLY A 889 -31.13 -45.94 8.03
N ARG A 890 -31.38 -44.68 8.36
CA ARG A 890 -30.56 -43.94 9.32
C ARG A 890 -30.49 -44.60 10.71
N SER A 891 -31.57 -45.27 11.10
CA SER A 891 -31.64 -45.93 12.40
C SER A 891 -30.50 -46.95 12.61
N LEU A 892 -30.21 -47.74 11.58
CA LEU A 892 -29.16 -48.77 11.64
C LEU A 892 -27.78 -48.19 11.88
N ILE A 893 -27.56 -46.98 11.37
CA ILE A 893 -26.28 -46.31 11.59
C ILE A 893 -26.26 -45.81 13.04
N GLU A 894 -27.31 -45.06 13.42
CA GLU A 894 -27.42 -44.46 14.76
C GLU A 894 -27.37 -45.46 15.89
N ALA A 895 -27.89 -46.66 15.68
CA ALA A 895 -27.80 -47.76 16.65
C ALA A 895 -26.37 -48.27 16.91
N LEU A 896 -25.40 -48.00 16.02
CA LEU A 896 -24.00 -48.41 16.22
C LEU A 896 -23.40 -47.69 17.43
N PRO A 897 -22.40 -48.30 18.11
CA PRO A 897 -21.65 -47.60 19.18
C PRO A 897 -21.02 -46.29 18.71
N ALA A 898 -21.02 -45.27 19.58
CA ALA A 898 -20.44 -43.96 19.27
C ALA A 898 -18.92 -44.01 19.16
N ASP A 899 -18.24 -44.83 19.97
CA ASP A 899 -16.78 -44.98 19.89
C ASP A 899 -16.40 -45.94 18.76
N GLY A 900 -15.26 -45.68 18.13
CA GLY A 900 -14.69 -46.56 17.11
C GLY A 900 -15.18 -46.33 15.70
N VAL A 901 -14.51 -47.01 14.77
CA VAL A 901 -14.80 -46.94 13.33
C VAL A 901 -15.52 -48.23 12.94
N HIS A 902 -16.76 -48.09 12.46
CA HIS A 902 -17.60 -49.24 12.09
C HIS A 902 -17.48 -49.57 10.59
N GLU A 903 -17.08 -50.80 10.30
CA GLU A 903 -16.79 -51.20 8.93
C GLU A 903 -18.06 -51.60 8.21
N LEU A 904 -18.25 -51.04 7.01
CA LEU A 904 -19.41 -51.31 6.16
C LEU A 904 -18.88 -51.83 4.81
N ILE A 905 -19.02 -53.15 4.58
CA ILE A 905 -18.44 -53.80 3.40
C ILE A 905 -19.49 -53.99 2.30
N VAL A 906 -19.24 -53.37 1.15
CA VAL A 906 -20.09 -53.47 -0.03
C VAL A 906 -19.40 -54.34 -1.08
N THR A 907 -19.91 -55.55 -1.28
CA THR A 907 -19.31 -56.49 -2.23
C THR A 907 -19.93 -56.23 -3.60
N LEU A 908 -19.08 -56.00 -4.61
CA LEU A 908 -19.50 -55.72 -5.97
C LEU A 908 -19.31 -56.93 -6.91
N GLY A 909 -20.37 -57.28 -7.66
CA GLY A 909 -20.33 -58.35 -8.66
C GLY A 909 -20.82 -57.92 -10.03
N ARG A 910 -20.59 -58.79 -11.02
CA ARG A 910 -20.91 -58.47 -12.40
C ARG A 910 -22.41 -58.55 -12.65
N ASN A 911 -22.85 -57.99 -13.77
CA ASN A 911 -24.25 -58.00 -14.19
C ASN A 911 -24.60 -59.24 -14.99
N ILE A 912 -25.88 -59.55 -15.00
CA ILE A 912 -26.44 -60.70 -15.70
C ILE A 912 -26.70 -60.32 -17.17
N SER A 913 -26.82 -61.35 -18.01
CA SER A 913 -27.28 -61.26 -19.40
C SER A 913 -26.15 -60.77 -20.27
N LYS B 6 34.09 9.19 7.39
CA LYS B 6 34.78 9.95 6.29
C LYS B 6 33.76 10.45 5.25
N GLY B 7 33.67 11.77 5.16
CA GLY B 7 32.59 12.40 4.44
C GLY B 7 32.88 12.75 2.99
N TRP B 8 31.90 13.39 2.38
CA TRP B 8 32.04 13.93 1.05
C TRP B 8 32.95 15.16 1.06
N LYS B 9 33.57 15.43 -0.08
CA LYS B 9 34.47 16.57 -0.26
C LYS B 9 34.09 17.26 -1.56
N PHE B 10 34.01 18.60 -1.53
CA PHE B 10 33.80 19.36 -2.75
C PHE B 10 35.04 19.27 -3.65
N GLN B 11 34.79 19.21 -4.95
CA GLN B 11 35.82 19.27 -5.98
C GLN B 11 35.46 20.38 -6.94
N GLY B 12 36.44 21.24 -7.25
CA GLY B 12 36.20 22.37 -8.13
C GLY B 12 35.37 23.40 -7.41
N GLU B 13 34.90 24.39 -8.16
CA GLU B 13 34.24 25.57 -7.57
C GLU B 13 32.77 25.72 -8.00
N GLN B 14 32.19 24.68 -8.58
N GLN B 14 32.22 24.66 -8.61
CA GLN B 14 30.79 24.73 -9.03
CA GLN B 14 30.86 24.61 -9.13
C GLN B 14 29.86 23.83 -8.21
C GLN B 14 29.88 23.86 -8.20
N GLY B 15 30.38 23.23 -7.13
CA GLY B 15 29.55 22.46 -6.20
C GLY B 15 29.54 20.95 -6.38
N GLU B 16 30.30 20.47 -7.36
CA GLU B 16 30.54 19.04 -7.51
C GLU B 16 31.21 18.45 -6.25
N PHE B 17 30.79 17.25 -5.85
CA PHE B 17 31.39 16.58 -4.69
C PHE B 17 31.68 15.11 -4.97
N ARG B 18 32.53 14.53 -4.12
CA ARG B 18 32.90 13.13 -4.18
C ARG B 18 32.82 12.54 -2.79
N LEU B 19 32.35 11.29 -2.70
CA LEU B 19 32.30 10.50 -1.49
C LEU B 19 32.87 9.09 -1.74
N GLU B 20 33.94 8.76 -1.01
CA GLU B 20 34.55 7.43 -1.09
C GLU B 20 33.72 6.40 -0.30
N GLN B 21 33.78 5.13 -0.74
CA GLN B 21 33.08 4.01 -0.13
C GLN B 21 31.64 4.41 0.26
N PRO B 22 30.87 4.93 -0.69
CA PRO B 22 29.58 5.55 -0.38
C PRO B 22 28.51 4.58 0.12
N GLU B 23 28.53 3.33 -0.36
CA GLU B 23 27.57 2.33 0.11
C GLU B 23 27.83 1.88 1.55
N HIS B 24 28.91 2.34 2.19
CA HIS B 24 29.13 2.13 3.63
C HIS B 24 28.22 3.00 4.53
N ASN B 25 27.24 3.69 3.95
CA ASN B 25 26.32 4.57 4.65
C ASN B 25 24.91 4.17 4.29
N SER B 26 24.03 3.96 5.28
CA SER B 26 22.66 3.58 4.99
C SER B 26 21.84 4.77 4.51
N TYR B 27 20.88 4.47 3.63
CA TYR B 27 19.80 5.38 3.27
C TYR B 27 20.16 6.54 2.34
N LEU B 28 21.39 6.64 1.86
CA LEU B 28 21.76 7.73 0.96
C LEU B 28 20.99 7.67 -0.36
N TYR B 29 20.57 8.83 -0.85
CA TYR B 29 20.05 8.95 -2.20
C TYR B 29 20.18 10.36 -2.73
N PHE B 30 20.18 10.43 -4.06
CA PHE B 30 20.43 11.64 -4.81
C PHE B 30 19.31 11.82 -5.85
N PRO B 31 18.87 13.09 -6.07
CA PRO B 31 17.72 13.37 -6.96
C PRO B 31 18.11 13.70 -8.41
N LEU B 32 17.37 13.14 -9.36
CA LEU B 32 17.47 13.45 -10.79
C LEU B 32 16.05 13.73 -11.28
N VAL B 33 15.85 14.88 -11.90
CA VAL B 33 14.49 15.34 -12.22
C VAL B 33 14.50 16.33 -13.37
N ASN B 34 13.40 16.40 -14.11
CA ASN B 34 13.20 17.46 -15.07
C ASN B 34 11.80 18.08 -15.05
N GLU B 35 11.65 19.18 -15.77
CA GLU B 35 10.36 19.87 -15.87
C GLU B 35 9.34 19.02 -16.59
N ALA B 36 9.78 18.15 -17.50
CA ALA B 36 8.85 17.27 -18.25
C ALA B 36 8.13 16.33 -17.32
N GLY B 37 8.75 15.97 -16.19
CA GLY B 37 8.09 15.21 -15.14
C GLY B 37 8.66 13.85 -14.81
N MET B 38 9.89 13.58 -15.25
CA MET B 38 10.57 12.41 -14.81
C MET B 38 11.18 12.70 -13.44
N MET B 39 10.85 11.86 -12.45
CA MET B 39 11.27 12.08 -11.08
C MET B 39 11.94 10.82 -10.58
N SER B 40 13.26 10.90 -10.35
CA SER B 40 14.08 9.78 -9.97
C SER B 40 14.87 10.02 -8.69
N ALA B 41 15.20 8.93 -8.01
CA ALA B 41 16.16 8.89 -6.93
C ALA B 41 17.16 7.78 -7.23
N VAL B 42 18.42 8.02 -6.91
CA VAL B 42 19.50 7.08 -7.15
C VAL B 42 20.44 6.99 -5.96
N THR B 43 20.71 5.75 -5.53
CA THR B 43 21.54 5.48 -4.37
C THR B 43 22.92 5.08 -4.85
N PRO B 44 23.86 4.89 -3.91
CA PRO B 44 25.22 4.47 -4.34
C PRO B 44 25.33 3.10 -5.04
N ASN B 45 24.37 2.20 -4.86
CA ASN B 45 24.33 0.94 -5.59
C ASN B 45 23.32 0.94 -6.77
N LEU B 46 22.81 2.13 -7.09
CA LEU B 46 21.87 2.42 -8.18
C LEU B 46 20.40 2.09 -7.89
N HIS B 47 20.07 1.88 -6.61
CA HIS B 47 18.70 1.68 -6.17
C HIS B 47 18.04 3.04 -6.14
N GLY B 48 16.80 3.08 -5.68
CA GLY B 48 16.02 4.33 -5.58
C GLY B 48 14.69 4.07 -6.25
N GLU B 49 14.24 4.97 -7.11
CA GLU B 49 12.97 4.84 -7.78
C GLU B 49 12.90 5.78 -8.97
N ILE B 50 11.91 5.55 -9.84
CA ILE B 50 11.71 6.28 -11.08
C ILE B 50 10.21 6.32 -11.30
N THR B 51 9.68 7.53 -11.40
CA THR B 51 8.26 7.68 -11.59
C THR B 51 7.91 8.97 -12.24
N SER B 52 6.73 9.02 -12.85
CA SER B 52 6.15 10.28 -13.33
C SER B 52 4.93 10.70 -12.52
N GLY B 53 4.62 9.99 -11.45
CA GLY B 53 3.45 10.29 -10.64
C GLY B 53 3.02 9.09 -9.81
N HIS B 54 2.04 9.32 -8.95
CA HIS B 54 1.59 8.28 -8.02
C HIS B 54 1.15 7.00 -8.75
N ASN B 55 0.53 7.17 -9.91
CA ASN B 55 -0.05 6.05 -10.65
C ASN B 55 0.84 5.48 -11.75
N THR B 56 2.05 6.06 -11.92
CA THR B 56 2.92 5.74 -13.04
C THR B 56 4.39 5.60 -12.65
N PHE B 57 4.64 4.68 -11.74
CA PHE B 57 5.99 4.25 -11.35
C PHE B 57 6.64 3.28 -12.35
N LEU B 58 7.76 3.68 -12.92
CA LEU B 58 8.55 2.79 -13.77
C LEU B 58 9.26 1.72 -12.96
N MET B 59 9.96 2.14 -11.90
CA MET B 59 10.55 1.21 -10.92
C MET B 59 9.65 1.16 -9.70
N GLU B 60 9.78 0.09 -8.92
CA GLU B 60 8.93 -0.14 -7.77
C GLU B 60 8.96 1.05 -6.80
N PRO B 61 7.79 1.49 -6.28
CA PRO B 61 7.74 2.50 -5.21
C PRO B 61 8.50 2.01 -3.98
N VAL B 62 9.30 2.90 -3.40
CA VAL B 62 10.08 2.53 -2.22
C VAL B 62 9.89 3.50 -1.07
N SER B 63 10.30 3.03 0.12
CA SER B 63 10.58 3.93 1.27
C SER B 63 12.05 3.73 1.67
N ALA B 64 12.46 4.30 2.81
CA ALA B 64 13.85 4.21 3.26
C ALA B 64 14.37 2.77 3.42
N GLU B 65 13.63 1.90 4.10
CA GLU B 65 14.14 0.54 4.34
C GLU B 65 14.35 -0.27 3.05
N SER B 66 13.57 0.00 2.01
CA SER B 66 13.76 -0.63 0.69
C SER B 66 15.20 -0.46 0.14
N LEU B 67 15.84 0.66 0.47
CA LEU B 67 17.11 0.98 -0.12
C LEU B 67 18.20 -0.05 0.24
N HIS B 68 18.04 -0.73 1.37
CA HIS B 68 18.88 -1.88 1.70
C HIS B 68 18.19 -3.23 1.53
N ASN B 69 16.88 -3.28 1.75
CA ASN B 69 16.17 -4.54 1.85
C ASN B 69 15.69 -5.12 0.51
N SER B 70 15.45 -4.23 -0.47
CA SER B 70 15.07 -4.67 -1.82
C SER B 70 16.30 -4.87 -2.67
N LYS B 71 16.30 -5.97 -3.43
CA LYS B 71 17.41 -6.29 -4.31
C LYS B 71 17.27 -5.60 -5.67
N ALA B 72 16.12 -4.96 -5.92
CA ALA B 72 15.77 -4.49 -7.26
C ALA B 72 16.31 -3.09 -7.58
N SER B 73 17.60 -2.88 -7.42
CA SER B 73 18.25 -1.67 -7.91
C SER B 73 18.28 -1.67 -9.44
N ARG B 74 18.49 -0.50 -10.02
CA ARG B 74 19.03 -0.46 -11.38
C ARG B 74 20.32 -1.26 -11.30
N ASN B 75 20.64 -1.98 -12.36
CA ASN B 75 21.86 -2.74 -12.35
C ASN B 75 22.44 -2.87 -13.74
N PHE B 76 23.71 -3.18 -13.77
CA PHE B 76 24.40 -3.46 -15.01
C PHE B 76 25.43 -4.49 -14.65
N TRP B 77 25.39 -5.59 -15.36
CA TRP B 77 26.19 -6.73 -15.04
C TRP B 77 27.24 -6.96 -16.08
N VAL B 78 28.39 -7.44 -15.63
CA VAL B 78 29.43 -7.94 -16.51
C VAL B 78 29.71 -9.38 -16.09
N PHE B 79 29.67 -10.31 -17.05
CA PHE B 79 30.13 -11.66 -16.83
C PHE B 79 31.57 -11.70 -17.34
N ILE B 80 32.50 -11.78 -16.40
CA ILE B 80 33.92 -11.61 -16.70
C ILE B 80 34.52 -13.01 -16.81
N GLU B 81 35.14 -13.31 -17.94
CA GLU B 81 35.76 -14.62 -18.11
C GLU B 81 36.80 -14.81 -17.01
N GLY B 82 36.74 -15.94 -16.31
CA GLY B 82 37.69 -16.25 -15.23
C GLY B 82 37.27 -15.74 -13.86
N TYR B 83 36.21 -14.96 -13.78
CA TYR B 83 35.72 -14.40 -12.51
C TYR B 83 34.23 -14.65 -12.36
N GLY B 84 33.43 -14.40 -13.39
CA GLY B 84 32.00 -14.63 -13.36
C GLY B 84 31.21 -13.32 -13.24
N ALA B 85 30.02 -13.41 -12.66
CA ALA B 85 29.08 -12.29 -12.64
C ALA B 85 29.57 -11.20 -11.68
N TRP B 86 29.38 -9.95 -12.09
CA TRP B 86 29.86 -8.77 -11.35
C TRP B 86 28.95 -7.58 -11.67
N SER B 87 28.53 -6.89 -10.62
CA SER B 87 27.69 -5.71 -10.72
C SER B 87 28.55 -4.46 -10.74
N VAL B 88 28.32 -3.57 -11.70
CA VAL B 88 29.11 -2.32 -11.75
C VAL B 88 28.87 -1.38 -10.57
N SER B 89 27.75 -1.57 -9.86
CA SER B 89 27.45 -0.77 -8.67
C SER B 89 27.64 -1.51 -7.37
N GLY B 90 28.17 -2.73 -7.45
CA GLY B 90 28.36 -3.53 -6.25
C GLY B 90 27.12 -4.26 -5.76
N ASN B 91 25.98 -4.17 -6.47
CA ASN B 91 24.80 -4.87 -6.03
C ASN B 91 24.69 -6.27 -6.64
N SER B 92 25.54 -7.16 -6.16
CA SER B 92 25.37 -8.59 -6.38
C SER B 92 25.49 -9.26 -5.02
N ALA B 93 24.93 -10.45 -4.91
CA ALA B 93 25.05 -11.25 -3.70
C ALA B 93 26.53 -11.45 -3.32
N ARG B 94 27.37 -11.71 -4.33
CA ARG B 94 28.79 -11.94 -4.10
C ARG B 94 29.47 -10.72 -3.56
N GLN B 95 29.26 -9.58 -4.20
CA GLN B 95 29.91 -8.35 -3.77
C GLN B 95 29.37 -7.85 -2.43
N ASN B 96 28.06 -7.99 -2.22
CA ASN B 96 27.46 -7.61 -0.93
C ASN B 96 28.03 -8.43 0.21
N ALA B 97 28.32 -9.71 -0.04
CA ALA B 97 28.94 -10.58 0.96
C ALA B 97 30.34 -10.15 1.44
N ALA B 98 31.00 -9.25 0.72
CA ALA B 98 32.27 -8.67 1.17
C ALA B 98 32.08 -7.55 2.18
N ARG B 99 30.87 -7.01 2.33
CA ARG B 99 30.65 -5.92 3.29
C ARG B 99 30.97 -6.41 4.71
N PHE B 100 31.65 -5.54 5.47
CA PHE B 100 32.12 -5.82 6.85
C PHE B 100 33.18 -6.91 7.02
N THR B 101 33.82 -7.34 5.94
CA THR B 101 34.91 -8.35 6.01
C THR B 101 36.28 -7.73 5.71
N GLY B 102 36.33 -6.42 5.50
CA GLY B 102 37.57 -5.76 5.10
C GLY B 102 38.05 -6.07 3.68
N GLU B 103 37.20 -6.72 2.87
CA GLU B 103 37.54 -7.13 1.48
C GLU B 103 36.77 -6.34 0.44
N GLU B 104 36.11 -5.25 0.84
CA GLU B 104 35.24 -4.52 -0.08
C GLU B 104 36.05 -3.91 -1.22
N GLU B 105 35.44 -3.84 -2.39
CA GLU B 105 36.04 -3.20 -3.54
C GLU B 105 36.06 -1.68 -3.35
N ARG B 106 37.03 -1.02 -3.95
CA ARG B 106 37.09 0.44 -3.92
C ARG B 106 35.93 0.97 -4.78
N SER B 107 35.22 1.96 -4.25
CA SER B 107 34.11 2.60 -4.90
C SER B 107 33.97 4.08 -4.51
N ALA B 108 33.21 4.81 -5.30
CA ALA B 108 32.93 6.23 -5.05
C ALA B 108 31.65 6.67 -5.69
N VAL B 109 31.08 7.74 -5.14
CA VAL B 109 30.04 8.52 -5.79
C VAL B 109 30.66 9.91 -6.06
N GLU B 110 30.45 10.42 -7.28
CA GLU B 110 30.66 11.84 -7.59
C GLU B 110 29.32 12.37 -8.07
N ALA B 111 29.02 13.63 -7.76
CA ALA B 111 27.78 14.21 -8.22
C ALA B 111 27.88 15.71 -8.44
N GLY B 112 26.95 16.21 -9.23
CA GLY B 112 26.90 17.61 -9.57
C GLY B 112 25.49 18.00 -10.01
N PHE B 113 25.42 19.17 -10.63
CA PHE B 113 24.15 19.76 -11.06
C PHE B 113 23.88 19.42 -12.53
N LEU B 114 22.96 18.50 -12.85
CA LEU B 114 22.27 17.58 -11.93
C LEU B 114 22.49 16.17 -12.47
N TRP B 115 23.49 15.51 -11.92
CA TRP B 115 23.98 14.22 -12.41
C TRP B 115 24.71 13.49 -11.29
N HIS B 116 24.89 12.19 -11.49
CA HIS B 116 25.40 11.28 -10.46
C HIS B 116 26.31 10.25 -11.14
N ALA B 117 27.43 9.93 -10.50
CA ALA B 117 28.39 8.93 -11.05
C ALA B 117 28.83 7.97 -9.95
N VAL B 118 28.66 6.67 -10.21
CA VAL B 118 29.17 5.61 -9.33
C VAL B 118 30.33 4.95 -10.01
N THR B 119 31.45 4.84 -9.27
CA THR B 119 32.64 4.09 -9.74
C THR B 119 32.89 2.83 -8.89
N ARG B 120 33.51 1.84 -9.49
CA ARG B 120 33.91 0.63 -8.78
C ARG B 120 35.10 -0.07 -9.46
N GLU B 121 35.95 -0.70 -8.66
CA GLU B 121 37.11 -1.42 -9.16
C GLU B 121 37.08 -2.89 -8.74
N ASN B 122 37.13 -3.79 -9.72
CA ASN B 122 37.43 -5.21 -9.47
C ASN B 122 38.93 -5.37 -9.61
N GLU B 123 39.64 -5.40 -8.49
CA GLU B 123 41.10 -5.57 -8.48
C GLU B 123 41.51 -6.98 -8.91
N LYS B 124 40.78 -7.99 -8.47
CA LYS B 124 41.01 -9.39 -8.85
C LYS B 124 41.06 -9.59 -10.37
N ALA B 125 40.10 -8.97 -11.08
CA ALA B 125 39.94 -9.19 -12.51
C ALA B 125 40.64 -8.13 -13.37
N GLY B 126 40.99 -7.01 -12.76
CA GLY B 126 41.53 -5.87 -13.49
C GLY B 126 40.48 -5.12 -14.31
N LEU B 127 39.34 -4.81 -13.68
CA LEU B 127 38.25 -4.10 -14.37
C LEU B 127 37.73 -2.97 -13.52
N LYS B 128 37.49 -1.82 -14.14
CA LYS B 128 36.94 -0.65 -13.49
C LYS B 128 35.65 -0.29 -14.21
N ALA B 129 34.63 0.17 -13.48
CA ALA B 129 33.41 0.67 -14.08
C ALA B 129 33.07 2.07 -13.57
N ARG B 130 32.43 2.87 -14.43
CA ARG B 130 31.91 4.17 -14.05
C ARG B 130 30.53 4.32 -14.66
N THR B 131 29.53 4.59 -13.83
CA THR B 131 28.15 4.63 -14.27
C THR B 131 27.57 5.99 -13.96
N VAL B 132 27.25 6.74 -15.02
CA VAL B 132 26.73 8.09 -14.89
C VAL B 132 25.23 8.08 -15.13
N SER B 133 24.47 8.63 -14.18
CA SER B 133 23.00 8.75 -14.29
C SER B 133 22.62 10.24 -14.35
N PHE B 134 21.69 10.59 -15.24
CA PHE B 134 21.07 11.91 -15.23
C PHE B 134 19.75 11.89 -15.99
N VAL B 135 18.90 12.87 -15.68
CA VAL B 135 17.65 13.07 -16.38
C VAL B 135 17.89 14.22 -17.37
N PRO B 136 17.81 13.93 -18.69
CA PRO B 136 17.97 15.00 -19.63
C PRO B 136 16.96 16.09 -19.43
N VAL B 137 17.32 17.28 -19.87
CA VAL B 137 16.51 18.46 -19.73
C VAL B 137 15.68 18.70 -21.02
N THR B 138 15.40 17.62 -21.74
CA THR B 138 14.54 17.63 -22.93
C THR B 138 13.08 17.53 -22.48
N ASP B 139 12.14 17.52 -23.43
CA ASP B 139 10.71 17.43 -23.11
C ASP B 139 10.16 15.97 -22.96
N ASP B 140 11.04 14.99 -22.80
CA ASP B 140 10.65 13.62 -22.56
C ASP B 140 10.79 13.26 -21.09
N LYS B 141 10.00 12.30 -20.66
CA LYS B 141 10.14 11.74 -19.30
C LYS B 141 11.10 10.57 -19.42
N ILE B 142 12.37 10.86 -19.18
CA ILE B 142 13.44 9.93 -19.48
C ILE B 142 14.61 10.08 -18.48
N GLU B 143 15.17 8.94 -18.07
CA GLU B 143 16.43 8.89 -17.37
C GLU B 143 17.41 8.12 -18.24
N LEU B 144 18.63 8.61 -18.31
CA LEU B 144 19.73 7.94 -19.01
C LEU B 144 20.76 7.39 -18.06
N MET B 145 21.41 6.32 -18.49
CA MET B 145 22.53 5.70 -17.77
C MET B 145 23.64 5.39 -18.78
N ARG B 146 24.88 5.78 -18.45
CA ARG B 146 26.04 5.35 -19.23
C ARG B 146 27.01 4.60 -18.36
N VAL B 147 27.28 3.36 -18.75
CA VAL B 147 28.26 2.52 -18.09
C VAL B 147 29.49 2.45 -18.97
N THR B 148 30.63 2.87 -18.43
CA THR B 148 31.89 2.68 -19.10
C THR B 148 32.75 1.68 -18.34
N LEU B 149 33.22 0.66 -19.06
CA LEU B 149 34.06 -0.40 -18.49
C LEU B 149 35.46 -0.21 -18.99
N THR B 150 36.45 -0.34 -18.11
CA THR B 150 37.84 -0.14 -18.48
C THR B 150 38.74 -1.27 -17.96
N ASN B 151 39.56 -1.85 -18.86
CA ASN B 151 40.51 -2.89 -18.49
C ASN B 151 41.73 -2.20 -17.85
N THR B 152 41.87 -2.35 -16.54
CA THR B 152 43.03 -1.82 -15.78
C THR B 152 44.18 -2.83 -15.66
N GLY B 153 43.98 -4.06 -16.16
CA GLY B 153 44.99 -5.12 -16.12
C GLY B 153 45.95 -5.17 -17.29
N ASN B 154 46.71 -6.27 -17.34
CA ASN B 154 47.82 -6.46 -18.30
C ASN B 154 47.48 -7.33 -19.53
N ALA B 155 46.36 -8.04 -19.50
CA ALA B 155 45.94 -8.86 -20.62
C ALA B 155 44.51 -8.51 -21.05
N PRO B 156 44.13 -8.86 -22.30
CA PRO B 156 42.73 -8.63 -22.71
C PRO B 156 41.73 -9.31 -21.79
N LEU B 157 40.59 -8.66 -21.56
CA LEU B 157 39.46 -9.23 -20.81
C LEU B 157 38.33 -9.56 -21.77
N LYS B 158 37.69 -10.72 -21.59
CA LYS B 158 36.47 -11.07 -22.34
C LYS B 158 35.26 -10.86 -21.42
N LEU B 159 34.35 -9.99 -21.85
CA LEU B 159 33.24 -9.50 -21.01
C LEU B 159 31.94 -9.68 -21.74
N THR B 160 30.93 -10.17 -21.04
CA THR B 160 29.55 -10.22 -21.54
C THR B 160 28.67 -9.30 -20.71
N PRO B 161 28.19 -8.16 -21.28
CA PRO B 161 27.40 -7.19 -20.50
C PRO B 161 25.89 -7.40 -20.56
N THR B 162 25.23 -7.13 -19.45
CA THR B 162 23.77 -7.21 -19.38
C THR B 162 23.28 -6.07 -18.54
N ALA B 163 22.52 -5.16 -19.15
CA ALA B 163 21.83 -4.12 -18.39
C ALA B 163 20.59 -4.78 -17.79
N ALA B 164 20.18 -4.33 -16.61
CA ALA B 164 18.97 -4.86 -15.97
C ALA B 164 18.27 -3.82 -15.08
N ILE B 165 17.22 -3.22 -15.64
CA ILE B 165 16.40 -2.24 -14.94
C ILE B 165 15.08 -2.93 -14.60
N PRO B 166 14.87 -3.30 -13.31
CA PRO B 166 13.62 -3.96 -12.94
C PRO B 166 12.45 -3.04 -13.08
N LEU B 167 11.38 -3.53 -13.69
CA LEU B 167 10.21 -2.73 -14.01
C LEU B 167 9.06 -3.04 -13.09
N TYR B 168 8.22 -2.02 -12.88
CA TYR B 168 7.00 -2.11 -12.08
C TYR B 168 5.84 -1.70 -13.00
N GLY B 169 5.86 -0.46 -13.49
CA GLY B 169 4.96 -0.04 -14.56
C GLY B 169 3.49 0.07 -14.22
N ARG B 170 3.19 0.65 -13.06
CA ARG B 170 1.82 0.87 -12.65
C ARG B 170 1.75 1.71 -11.35
N SER B 171 0.56 1.81 -10.78
CA SER B 171 0.32 2.62 -9.60
C SER B 171 0.97 2.08 -8.33
N ALA B 172 1.43 3.02 -7.50
CA ALA B 172 1.87 2.67 -6.16
C ALA B 172 0.79 1.99 -5.34
N ASP B 173 -0.50 2.19 -5.68
CA ASP B 173 -1.59 1.48 -5.00
C ASP B 173 -1.43 -0.05 -5.07
N ASP B 174 -0.72 -0.53 -6.10
CA ASP B 174 -0.57 -1.95 -6.34
C ASP B 174 0.66 -2.59 -5.66
N LEU B 175 1.34 -1.84 -4.78
CA LEU B 175 2.64 -2.31 -4.25
C LEU B 175 2.51 -3.70 -3.67
N ARG B 176 1.51 -3.88 -2.81
CA ARG B 176 1.11 -5.22 -2.34
C ARG B 176 -0.33 -5.54 -2.73
N ASP B 177 -1.24 -4.58 -2.50
CA ASP B 177 -2.66 -4.78 -2.73
C ASP B 177 -2.91 -5.05 -4.24
N HIS B 178 -3.28 -6.31 -4.55
CA HIS B 178 -3.46 -6.78 -5.93
C HIS B 178 -2.18 -6.66 -6.74
N ARG B 179 -1.03 -6.81 -6.07
CA ARG B 179 0.26 -6.76 -6.72
C ARG B 179 0.32 -7.89 -7.77
N HIS B 180 0.02 -9.10 -7.34
CA HIS B 180 0.11 -10.22 -8.26
C HIS B 180 -0.96 -10.17 -9.35
N VAL B 181 -2.20 -9.93 -8.94
CA VAL B 181 -3.31 -9.80 -9.91
C VAL B 181 -2.95 -8.80 -11.00
N THR B 182 -2.38 -7.64 -10.62
CA THR B 182 -2.12 -6.61 -11.60
C THR B 182 -0.95 -6.99 -12.49
N SER B 183 -0.05 -7.86 -12.03
CA SER B 183 1.00 -8.39 -12.91
C SER B 183 0.42 -9.13 -14.13
N LEU B 184 -0.75 -9.71 -14.00
CA LEU B 184 -1.42 -10.42 -15.09
C LEU B 184 -1.88 -9.49 -16.23
N LEU B 185 -1.96 -8.18 -15.93
CA LEU B 185 -2.37 -7.18 -16.90
C LEU B 185 -1.20 -6.67 -17.77
N HIS B 186 0.03 -6.98 -17.36
CA HIS B 186 1.23 -6.59 -18.10
C HIS B 186 1.23 -7.16 -19.54
N ARG B 187 1.74 -6.34 -20.45
CA ARG B 187 1.99 -6.71 -21.83
C ARG B 187 3.39 -6.19 -22.11
N ILE B 188 4.27 -7.09 -22.50
CA ILE B 188 5.64 -6.75 -22.80
C ILE B 188 5.87 -6.87 -24.30
N PHE B 189 6.53 -5.86 -24.89
CA PHE B 189 6.86 -5.85 -26.31
C PHE B 189 8.33 -5.54 -26.50
N THR B 190 9.05 -6.44 -27.17
CA THR B 190 10.45 -6.23 -27.47
C THR B 190 10.61 -5.66 -28.87
N SER B 191 11.60 -4.79 -29.03
CA SER B 191 11.98 -4.27 -30.35
C SER B 191 13.50 -4.22 -30.40
N GLU B 192 14.04 -3.68 -31.49
CA GLU B 192 15.47 -3.72 -31.76
C GLU B 192 16.31 -3.22 -30.58
N TYR B 193 15.90 -2.10 -29.98
CA TYR B 193 16.66 -1.41 -28.95
C TYR B 193 16.19 -1.67 -27.51
N GLY B 194 15.10 -2.42 -27.31
CA GLY B 194 14.69 -2.80 -25.96
C GLY B 194 13.26 -3.25 -25.77
N ILE B 195 12.73 -2.89 -24.60
CA ILE B 195 11.56 -3.51 -24.02
C ILE B 195 10.57 -2.43 -23.62
N GLU B 196 9.31 -2.63 -24.01
CA GLU B 196 8.20 -1.79 -23.61
C GLU B 196 7.25 -2.61 -22.77
N VAL B 197 6.73 -2.03 -21.69
CA VAL B 197 5.65 -2.63 -20.93
C VAL B 197 4.46 -1.67 -20.94
N GLN B 198 3.32 -2.14 -21.41
CA GLN B 198 2.11 -1.34 -21.48
C GLN B 198 1.01 -2.22 -20.97
N PRO B 199 0.66 -2.04 -19.70
CA PRO B 199 -0.42 -2.82 -19.13
C PRO B 199 -1.71 -2.61 -19.93
N ALA B 200 -2.50 -3.67 -20.08
CA ALA B 200 -3.75 -3.61 -20.81
C ALA B 200 -4.79 -2.77 -20.08
N LEU B 201 -4.82 -2.93 -18.75
CA LEU B 201 -5.71 -2.18 -17.86
C LEU B 201 -4.91 -1.73 -16.63
N SER B 202 -5.47 -0.78 -15.91
CA SER B 202 -4.98 -0.36 -14.60
C SER B 202 -6.07 -0.63 -13.56
N PHE B 203 -5.70 -1.26 -12.43
CA PHE B 203 -6.56 -1.43 -11.27
C PHE B 203 -5.85 -0.69 -10.13
N ASP B 204 -6.44 0.42 -9.66
CA ASP B 204 -5.88 1.20 -8.56
C ASP B 204 -7.02 2.00 -7.92
N GLU B 205 -6.72 2.98 -7.07
CA GLU B 205 -7.79 3.75 -6.42
C GLU B 205 -8.65 4.57 -7.40
N ARG B 206 -8.21 4.76 -8.65
CA ARG B 206 -9.07 5.40 -9.67
C ARG B 206 -10.14 4.44 -10.16
N GLY B 207 -9.99 3.16 -9.86
CA GLY B 207 -10.92 2.15 -10.34
C GLY B 207 -10.21 1.27 -11.37
N HIS B 208 -11.00 0.68 -12.24
CA HIS B 208 -10.53 -0.22 -13.26
C HIS B 208 -10.70 0.47 -14.59
N ARG B 209 -9.60 0.68 -15.30
CA ARG B 209 -9.63 1.44 -16.55
C ARG B 209 -8.69 0.87 -17.55
N VAL B 210 -8.92 1.21 -18.81
CA VAL B 210 -7.98 0.94 -19.90
C VAL B 210 -6.72 1.75 -19.64
N ASN B 211 -5.56 1.15 -19.88
CA ASN B 211 -4.30 1.86 -19.77
C ASN B 211 -3.58 1.95 -21.11
N LYS B 212 -2.99 3.11 -21.38
CA LYS B 212 -2.10 3.26 -22.52
C LYS B 212 -0.66 3.59 -22.14
N VAL B 213 -0.45 4.03 -20.89
CA VAL B 213 0.88 4.43 -20.42
C VAL B 213 1.86 3.27 -20.65
N THR B 214 3.02 3.64 -21.17
CA THR B 214 4.05 2.68 -21.53
C THR B 214 5.37 3.03 -20.86
N TYR B 215 6.05 2.00 -20.38
CA TYR B 215 7.31 2.08 -19.66
C TYR B 215 8.33 1.34 -20.51
N GLY B 216 9.43 2.01 -20.84
CA GLY B 216 10.43 1.46 -21.74
C GLY B 216 11.83 1.43 -21.17
N VAL B 217 12.57 0.38 -21.51
CA VAL B 217 14.01 0.33 -21.21
C VAL B 217 14.67 -0.05 -22.53
N PHE B 218 15.55 0.84 -23.00
CA PHE B 218 16.24 0.69 -24.26
C PHE B 218 17.72 0.88 -24.04
N GLY B 219 18.51 0.38 -24.97
CA GLY B 219 19.94 0.53 -24.87
C GLY B 219 20.71 0.34 -26.14
N ALA B 220 21.94 0.81 -26.13
CA ALA B 220 22.89 0.60 -27.20
C ALA B 220 24.32 0.65 -26.72
N GLU B 221 25.21 0.02 -27.47
CA GLU B 221 26.64 0.24 -27.33
C GLU B 221 26.98 1.69 -27.66
N ALA B 222 28.16 2.12 -27.25
CA ALA B 222 28.66 3.49 -27.52
C ALA B 222 28.45 3.92 -28.96
N GLY B 223 28.77 3.03 -29.89
CA GLY B 223 28.64 3.33 -31.33
C GLY B 223 27.24 3.21 -31.94
N GLY B 224 26.27 2.83 -31.14
CA GLY B 224 24.86 2.77 -31.54
C GLY B 224 24.34 1.37 -31.83
N THR B 225 25.18 0.35 -31.63
CA THR B 225 24.81 -1.02 -31.93
C THR B 225 23.79 -1.48 -30.92
N ALA B 226 22.70 -2.07 -31.42
CA ALA B 226 21.61 -2.57 -30.59
C ALA B 226 22.05 -3.72 -29.72
N PRO B 227 21.28 -4.00 -28.67
CA PRO B 227 21.52 -5.19 -27.87
C PRO B 227 21.43 -6.46 -28.72
N ALA B 228 22.13 -7.50 -28.26
CA ALA B 228 22.10 -8.82 -28.92
C ALA B 228 20.81 -9.56 -28.58
N GLY B 229 20.15 -9.19 -27.51
CA GLY B 229 18.92 -9.89 -27.13
C GLY B 229 18.49 -9.48 -25.73
N PHE B 230 17.45 -10.14 -25.25
CA PHE B 230 16.72 -9.67 -24.05
C PHE B 230 16.25 -10.81 -23.18
N PHE B 231 16.02 -10.46 -21.91
CA PHE B 231 15.35 -11.31 -20.96
C PHE B 231 14.23 -10.46 -20.36
N PRO B 232 13.09 -10.32 -21.07
CA PRO B 232 12.07 -9.39 -20.60
C PRO B 232 11.23 -9.79 -19.39
N VAL B 233 11.24 -11.07 -19.05
CA VAL B 233 10.35 -11.61 -18.04
C VAL B 233 11.19 -11.80 -16.80
N THR B 234 10.82 -11.11 -15.73
CA THR B 234 11.61 -11.09 -14.49
C THR B 234 11.86 -12.50 -13.97
N GLU B 235 10.85 -13.36 -13.89
CA GLU B 235 11.10 -14.69 -13.29
C GLU B 235 12.03 -15.58 -14.13
N ASP B 236 12.05 -15.35 -15.45
CA ASP B 236 12.95 -16.07 -16.34
C ASP B 236 14.36 -15.50 -16.26
N PHE B 237 14.46 -14.18 -16.12
CA PHE B 237 15.76 -13.55 -15.97
C PHE B 237 16.48 -14.00 -14.69
N ILE B 238 15.77 -13.95 -13.56
CA ILE B 238 16.35 -14.37 -12.26
C ILE B 238 16.50 -15.88 -12.16
N GLY B 239 15.64 -16.62 -12.84
CA GLY B 239 15.68 -18.06 -12.81
C GLY B 239 14.99 -18.63 -11.58
N GLU B 240 14.76 -19.95 -11.59
CA GLU B 240 14.08 -20.62 -10.52
C GLU B 240 14.91 -20.54 -9.22
N GLY B 241 14.36 -19.87 -8.23
CA GLY B 241 15.07 -19.64 -6.98
C GLY B 241 16.08 -18.51 -7.02
N GLY B 242 16.09 -17.72 -8.09
CA GLY B 242 17.02 -16.60 -8.22
C GLY B 242 16.47 -15.30 -7.66
N ALA B 243 17.28 -14.26 -7.76
CA ALA B 243 16.88 -12.91 -7.38
C ALA B 243 17.60 -11.91 -8.24
N LEU B 244 17.18 -10.64 -8.16
CA LEU B 244 17.71 -9.59 -9.02
C LEU B 244 19.14 -9.19 -8.70
N ASP B 245 19.62 -9.54 -7.51
CA ASP B 245 21.03 -9.34 -7.17
C ASP B 245 21.87 -10.58 -7.43
N TRP B 246 21.27 -11.64 -7.99
CA TRP B 246 22.03 -12.83 -8.38
C TRP B 246 21.19 -13.65 -9.38
N PRO B 247 21.00 -13.08 -10.59
CA PRO B 247 20.08 -13.67 -11.56
C PRO B 247 20.72 -14.72 -12.45
N GLU B 248 20.06 -15.86 -12.58
CA GLU B 248 20.60 -16.97 -13.36
C GLU B 248 21.04 -16.59 -14.78
N ALA B 249 20.24 -15.82 -15.49
CA ALA B 249 20.58 -15.40 -16.87
C ALA B 249 21.98 -14.77 -16.97
N VAL B 250 22.41 -14.05 -15.93
CA VAL B 250 23.72 -13.42 -15.93
C VAL B 250 24.69 -14.40 -15.35
N VAL B 251 24.35 -14.99 -14.21
CA VAL B 251 25.29 -15.82 -13.44
C VAL B 251 25.69 -17.09 -14.21
N ALA B 252 24.73 -17.76 -14.83
CA ALA B 252 25.02 -18.89 -15.71
C ALA B 252 25.25 -18.45 -17.16
N ASN B 253 25.31 -17.14 -17.43
CA ASN B 253 25.60 -16.60 -18.77
C ASN B 253 24.75 -17.28 -19.86
N ARG B 254 23.42 -17.29 -19.66
CA ARG B 254 22.49 -17.91 -20.59
C ARG B 254 22.40 -17.09 -21.89
N GLU B 255 22.01 -17.75 -22.97
CA GLU B 255 21.64 -17.05 -24.20
C GLU B 255 20.34 -16.31 -24.02
N PRO B 256 20.17 -15.15 -24.67
CA PRO B 256 18.93 -14.39 -24.49
C PRO B 256 17.64 -15.19 -24.77
N ASP B 257 16.60 -14.87 -24.00
CA ASP B 257 15.29 -15.48 -24.16
C ASP B 257 14.53 -14.93 -25.35
N ALA B 258 14.79 -13.69 -25.74
CA ALA B 258 13.92 -13.01 -26.68
C ALA B 258 14.74 -12.10 -27.57
N GLN B 259 14.28 -11.98 -28.80
CA GLN B 259 14.81 -11.01 -29.75
C GLN B 259 13.70 -9.97 -30.00
N ALA B 260 14.03 -8.96 -30.79
CA ALA B 260 13.04 -7.97 -31.29
C ALA B 260 11.82 -8.65 -31.90
N GLY B 261 10.66 -8.05 -31.70
CA GLY B 261 9.38 -8.56 -32.19
C GLY B 261 8.64 -9.58 -31.34
N THR B 262 9.19 -9.92 -30.18
CA THR B 262 8.56 -10.86 -29.24
C THR B 262 7.55 -10.10 -28.33
N ALA B 263 6.35 -10.62 -28.17
CA ALA B 263 5.40 -10.11 -27.17
C ALA B 263 5.15 -11.17 -26.10
N VAL B 264 5.10 -10.76 -24.84
CA VAL B 264 4.87 -11.69 -23.71
C VAL B 264 3.87 -11.05 -22.77
N GLU B 265 2.83 -11.78 -22.39
CA GLU B 265 1.75 -11.24 -21.58
C GLU B 265 1.70 -11.87 -20.19
N GLY B 266 1.38 -11.07 -19.16
CA GLY B 266 0.97 -11.60 -17.87
C GLY B 266 2.00 -11.76 -16.76
N TYR B 267 3.20 -11.24 -16.99
CA TYR B 267 4.34 -11.39 -16.11
C TYR B 267 5.03 -10.07 -15.78
N GLU B 268 5.49 -9.97 -14.54
CA GLU B 268 6.39 -8.91 -14.13
C GLU B 268 7.56 -8.89 -15.08
N ALA B 269 8.01 -7.68 -15.40
CA ALA B 269 8.98 -7.42 -16.42
C ALA B 269 10.27 -6.83 -15.89
N VAL B 270 11.36 -7.11 -16.59
CA VAL B 270 12.66 -6.47 -16.34
C VAL B 270 13.26 -5.98 -17.65
N GLY B 271 13.78 -4.76 -17.66
CA GLY B 271 14.53 -4.24 -18.82
C GLY B 271 15.94 -4.80 -18.82
N ALA B 272 16.03 -6.07 -19.21
CA ALA B 272 17.28 -6.80 -19.23
C ALA B 272 17.79 -6.94 -20.65
N LEU B 273 18.84 -6.21 -20.93
CA LEU B 273 19.39 -6.06 -22.27
C LEU B 273 20.76 -6.72 -22.28
N ARG B 274 20.89 -7.80 -23.05
CA ARG B 274 22.16 -8.50 -23.26
C ARG B 274 22.87 -7.85 -24.45
N PHE B 275 24.08 -7.36 -24.19
CA PHE B 275 24.90 -6.78 -25.24
C PHE B 275 25.87 -7.86 -25.70
N ALA B 276 26.43 -7.64 -26.89
CA ALA B 276 27.31 -8.65 -27.48
C ALA B 276 28.55 -8.78 -26.61
N PRO B 277 29.09 -10.01 -26.52
CA PRO B 277 30.36 -10.14 -25.80
C PRO B 277 31.47 -9.37 -26.49
N VAL B 278 32.40 -8.88 -25.69
CA VAL B 278 33.45 -8.04 -26.22
C VAL B 278 34.78 -8.39 -25.57
N GLU B 279 35.86 -8.25 -26.34
CA GLU B 279 37.23 -8.41 -25.85
C GLU B 279 37.78 -7.00 -25.68
N LEU B 280 38.12 -6.67 -24.43
CA LEU B 280 38.52 -5.34 -24.05
C LEU B 280 40.04 -5.32 -23.86
N ALA B 281 40.74 -4.53 -24.69
CA ALA B 281 42.20 -4.46 -24.61
C ALA B 281 42.70 -3.78 -23.30
N PRO B 282 43.95 -4.09 -22.85
CA PRO B 282 44.52 -3.40 -21.69
C PRO B 282 44.53 -1.89 -21.85
N GLY B 283 44.04 -1.18 -20.85
CA GLY B 283 43.93 0.28 -20.92
C GLY B 283 42.72 0.84 -21.65
N LYS B 284 41.93 0.01 -22.32
CA LYS B 284 40.85 0.50 -23.16
C LYS B 284 39.50 0.40 -22.50
N SER B 285 38.53 1.15 -23.05
CA SER B 285 37.20 1.24 -22.52
C SER B 285 36.15 0.88 -23.57
N VAL B 286 35.03 0.36 -23.08
CA VAL B 286 33.78 0.25 -23.85
C VAL B 286 32.67 0.89 -23.03
N SER B 287 31.70 1.50 -23.71
CA SER B 287 30.58 2.13 -23.03
C SER B 287 29.23 1.72 -23.60
N TYR B 288 28.21 1.80 -22.75
CA TYR B 288 26.83 1.38 -23.07
C TYR B 288 25.93 2.48 -22.54
N VAL B 289 24.85 2.78 -23.27
CA VAL B 289 23.84 3.76 -22.88
C VAL B 289 22.51 3.08 -22.72
N VAL B 290 21.86 3.33 -21.57
CA VAL B 290 20.53 2.80 -21.25
C VAL B 290 19.58 3.97 -21.02
N ALA B 291 18.37 3.84 -21.54
CA ALA B 291 17.33 4.85 -21.46
C ALA B 291 16.08 4.24 -20.84
N MET B 292 15.53 4.94 -19.85
CA MET B 292 14.36 4.53 -19.10
C MET B 292 13.30 5.58 -19.36
N VAL B 293 12.18 5.16 -19.94
CA VAL B 293 11.22 6.07 -20.52
C VAL B 293 9.79 5.82 -20.05
N ILE B 294 9.05 6.88 -19.75
CA ILE B 294 7.62 6.79 -19.47
C ILE B 294 6.94 7.66 -20.51
N SER B 295 5.91 7.10 -21.15
CA SER B 295 5.17 7.79 -22.20
C SER B 295 3.67 7.54 -22.06
N GLY B 296 2.85 8.48 -22.52
CA GLY B 296 1.39 8.35 -22.48
C GLY B 296 0.79 7.22 -23.37
N ASP B 297 1.58 6.71 -24.32
CA ASP B 297 1.14 5.64 -25.22
C ASP B 297 2.41 4.88 -25.67
N ARG B 298 2.27 3.92 -26.58
CA ARG B 298 3.42 3.15 -27.06
C ARG B 298 4.53 4.07 -27.56
N ILE B 299 5.77 3.71 -27.30
CA ILE B 299 6.89 4.62 -27.54
C ILE B 299 7.36 4.52 -28.99
N ASP B 300 7.65 5.67 -29.60
CA ASP B 300 8.32 5.72 -30.89
C ASP B 300 9.79 5.40 -30.65
N VAL B 301 10.12 4.11 -30.67
CA VAL B 301 11.42 3.67 -30.20
C VAL B 301 12.52 4.13 -31.15
N GLY B 302 12.17 4.23 -32.42
CA GLY B 302 13.06 4.80 -33.44
C GLY B 302 13.50 6.20 -33.09
N ARG B 303 12.56 7.09 -32.76
CA ARG B 303 12.94 8.44 -32.42
C ARG B 303 13.82 8.43 -31.14
N TYR B 304 13.43 7.65 -30.14
CA TYR B 304 14.21 7.61 -28.88
C TYR B 304 15.64 7.13 -29.14
N ALA B 305 15.80 6.13 -30.01
CA ALA B 305 17.12 5.65 -30.38
C ALA B 305 17.97 6.73 -31.02
N ALA B 306 17.40 7.42 -32.01
CA ALA B 306 18.11 8.54 -32.64
C ALA B 306 18.46 9.67 -31.66
N ASP B 307 17.53 10.03 -30.79
CA ASP B 307 17.73 11.16 -29.89
C ASP B 307 18.63 10.82 -28.68
N TYR B 308 18.60 9.58 -28.21
CA TYR B 308 19.26 9.22 -26.95
C TYR B 308 20.37 8.17 -27.03
N LEU B 309 20.29 7.25 -28.01
CA LEU B 309 21.22 6.12 -28.08
C LEU B 309 22.30 6.25 -29.14
N ALA B 310 22.13 7.15 -30.10
CA ALA B 310 23.10 7.33 -31.15
C ALA B 310 24.41 7.79 -30.54
N ALA B 311 25.50 7.44 -31.20
CA ALA B 311 26.86 7.84 -30.79
C ALA B 311 26.97 9.31 -30.43
N GLY B 312 27.36 9.60 -29.19
CA GLY B 312 27.57 11.00 -28.78
C GLY B 312 26.40 11.72 -28.15
N ARG B 313 25.20 11.13 -28.17
N ARG B 313 25.20 11.12 -28.16
CA ARG B 313 24.00 11.82 -27.68
CA ARG B 313 24.00 11.82 -27.68
C ARG B 313 23.98 11.96 -26.15
C ARG B 313 23.98 11.96 -26.15
N PHE B 314 24.32 10.90 -25.43
CA PHE B 314 24.47 10.93 -23.97
C PHE B 314 25.36 12.09 -23.51
N ASP B 315 26.52 12.23 -24.15
CA ASP B 315 27.51 13.24 -23.79
C ASP B 315 27.01 14.64 -24.09
N ALA B 316 26.39 14.82 -25.25
CA ALA B 316 25.81 16.10 -25.63
C ALA B 316 24.68 16.50 -24.68
N LEU B 317 23.80 15.56 -24.38
CA LEU B 317 22.69 15.81 -23.47
C LEU B 317 23.14 16.05 -22.02
N LEU B 318 24.22 15.39 -21.60
CA LEU B 318 24.78 15.65 -20.26
C LEU B 318 25.35 17.08 -20.16
N GLU B 319 26.07 17.51 -21.19
CA GLU B 319 26.52 18.90 -21.27
C GLU B 319 25.33 19.90 -21.27
N GLN B 320 24.24 19.56 -21.97
CA GLN B 320 23.03 20.40 -21.98
C GLN B 320 22.39 20.45 -20.57
N ASN B 321 22.37 19.30 -19.87
CA ASN B 321 21.91 19.23 -18.48
C ASN B 321 22.78 20.15 -17.58
N ARG B 322 24.09 19.97 -17.65
CA ARG B 322 25.00 20.78 -16.84
C ARG B 322 24.82 22.29 -17.09
N ALA B 323 24.63 22.70 -18.34
CA ALA B 323 24.44 24.11 -18.68
C ALA B 323 23.10 24.67 -18.19
N TYR B 324 22.04 23.87 -18.33
CA TYR B 324 20.73 24.28 -17.86
C TYR B 324 20.71 24.51 -16.34
N TRP B 325 21.28 23.57 -15.58
CA TRP B 325 21.25 23.69 -14.15
C TRP B 325 22.19 24.81 -13.67
N ARG B 326 23.36 24.93 -14.32
CA ARG B 326 24.29 26.03 -14.02
C ARG B 326 23.59 27.36 -14.23
N ASP B 327 22.85 27.48 -15.32
CA ASP B 327 22.07 28.69 -15.58
C ASP B 327 20.98 28.96 -14.50
N LYS B 328 20.24 27.94 -14.07
CA LYS B 328 19.22 28.11 -13.01
C LYS B 328 19.83 28.58 -11.69
N LEU B 329 20.95 27.98 -11.31
CA LEU B 329 21.56 28.21 -9.99
C LEU B 329 22.48 29.43 -9.88
N ASP B 330 23.03 29.88 -11.00
CA ASP B 330 23.82 31.11 -11.06
C ASP B 330 23.05 32.41 -10.77
N THR B 331 21.72 32.36 -10.70
CA THR B 331 20.92 33.49 -10.22
C THR B 331 21.21 33.95 -8.75
N VAL B 332 21.75 33.04 -7.94
CA VAL B 332 22.19 33.34 -6.57
C VAL B 332 23.53 32.67 -6.32
N ARG B 333 24.59 33.45 -6.06
CA ARG B 333 25.89 32.92 -5.68
C ARG B 333 26.47 33.69 -4.50
N PHE B 334 26.86 32.98 -3.45
CA PHE B 334 27.41 33.56 -2.25
C PHE B 334 28.91 33.37 -2.25
N SER B 335 29.63 34.37 -1.76
CA SER B 335 31.07 34.30 -1.68
C SER B 335 31.54 34.92 -0.37
N SER B 336 32.22 34.12 0.45
CA SER B 336 32.61 34.55 1.82
C SER B 336 33.94 33.93 2.22
N GLY B 337 34.32 34.12 3.48
CA GLY B 337 35.47 33.48 4.06
C GLY B 337 35.28 31.98 4.31
N ASP B 338 34.05 31.47 4.21
CA ASP B 338 33.72 30.06 4.41
C ASP B 338 33.31 29.46 3.05
N GLY B 339 34.35 29.13 2.26
CA GLY B 339 34.18 28.63 0.90
C GLY B 339 33.34 27.38 0.81
N GLU B 340 33.46 26.51 1.82
CA GLU B 340 32.71 25.25 1.86
C GLU B 340 31.22 25.54 2.05
N GLN B 341 30.87 26.44 2.96
CA GLN B 341 29.48 26.85 3.16
C GLN B 341 28.89 27.51 1.93
N ASP B 342 29.68 28.33 1.23
CA ASP B 342 29.27 28.95 -0.04
C ASP B 342 28.85 27.90 -1.07
N LEU B 343 29.62 26.82 -1.16
CA LEU B 343 29.33 25.73 -2.08
C LEU B 343 28.12 24.90 -1.63
N TRP B 344 28.07 24.59 -0.33
CA TRP B 344 26.92 23.93 0.26
C TRP B 344 25.65 24.74 0.02
N MET B 345 25.77 26.10 0.08
CA MET B 345 24.60 26.95 -0.21
C MET B 345 24.08 26.85 -1.65
N LYS B 346 24.94 26.50 -2.59
CA LYS B 346 24.49 26.25 -3.99
C LYS B 346 23.52 25.05 -4.03
N TRP B 347 23.80 24.03 -3.23
CA TRP B 347 22.87 22.91 -3.09
C TRP B 347 21.57 23.31 -2.44
N VAL B 348 21.65 24.17 -1.41
CA VAL B 348 20.45 24.72 -0.82
C VAL B 348 19.65 25.49 -1.86
N THR B 349 20.34 26.23 -2.74
CA THR B 349 19.73 27.01 -3.79
C THR B 349 18.94 26.15 -4.81
N LEU B 350 19.42 24.92 -5.06
CA LEU B 350 18.74 23.94 -5.90
C LEU B 350 17.42 23.46 -5.32
N GLN B 351 17.36 23.35 -4.00
CA GLN B 351 16.27 22.61 -3.33
C GLN B 351 14.86 23.16 -3.59
N PRO B 352 14.68 24.49 -3.62
CA PRO B 352 13.32 24.99 -3.88
C PRO B 352 12.77 24.56 -5.26
N ILE B 353 13.67 24.45 -6.25
CA ILE B 353 13.32 23.95 -7.58
C ILE B 353 12.91 22.49 -7.48
N LEU B 354 13.71 21.70 -6.76
CA LEU B 354 13.42 20.29 -6.51
C LEU B 354 12.05 20.08 -5.85
N ARG B 355 11.75 20.87 -4.83
CA ARG B 355 10.43 20.77 -4.20
C ARG B 355 9.29 20.98 -5.22
N ARG B 356 9.42 22.00 -6.08
CA ARG B 356 8.44 22.24 -7.13
C ARG B 356 8.31 21.06 -8.09
N LEU B 357 9.43 20.53 -8.56
CA LEU B 357 9.43 19.51 -9.63
C LEU B 357 9.12 18.10 -9.14
N TYR B 358 9.24 17.86 -7.83
CA TYR B 358 8.84 16.63 -7.19
C TYR B 358 7.44 16.69 -6.54
N GLY B 359 6.88 17.89 -6.41
CA GLY B 359 5.62 18.08 -5.67
C GLY B 359 5.73 17.54 -4.25
N ASN B 360 6.87 17.82 -3.63
CA ASN B 360 7.19 17.35 -2.28
C ASN B 360 7.02 15.84 -2.06
N SER B 361 7.29 15.05 -3.10
CA SER B 361 6.96 13.62 -3.11
C SER B 361 8.01 12.82 -3.87
N PHE B 362 7.84 11.50 -3.89
CA PHE B 362 8.61 10.62 -4.79
C PHE B 362 10.12 10.63 -4.57
N LEU B 363 10.53 10.77 -3.33
CA LEU B 363 11.90 10.42 -2.91
C LEU B 363 11.69 9.46 -1.74
N PRO B 364 12.65 8.57 -1.49
CA PRO B 364 12.40 7.50 -0.51
C PRO B 364 11.81 7.85 0.87
N TYR B 365 12.31 8.86 1.58
CA TYR B 365 11.69 9.24 2.86
C TYR B 365 10.29 9.82 2.65
N HIS B 366 10.11 10.57 1.57
CA HIS B 366 8.82 11.18 1.25
C HIS B 366 7.90 10.13 0.66
N ASP B 367 7.52 9.16 1.47
CA ASP B 367 6.89 7.93 0.98
C ASP B 367 5.37 8.00 0.91
N TYR B 368 4.78 9.16 1.21
CA TYR B 368 3.33 9.32 1.13
C TYR B 368 2.81 10.38 0.19
N GLY B 369 3.62 11.38 -0.15
CA GLY B 369 3.15 12.41 -1.07
C GLY B 369 2.70 11.82 -2.42
N ARG B 370 1.67 12.41 -3.00
CA ARG B 370 1.22 12.06 -4.36
C ARG B 370 1.46 13.17 -5.36
N GLY B 371 2.33 14.11 -5.03
CA GLY B 371 2.83 15.09 -5.99
C GLY B 371 2.03 16.38 -6.13
N GLY B 372 0.94 16.52 -5.38
CA GLY B 372 0.17 17.76 -5.41
C GLY B 372 0.84 18.89 -4.64
N ARG B 373 0.13 20.00 -4.56
CA ARG B 373 0.53 21.15 -3.79
C ARG B 373 -0.54 21.40 -2.73
N GLY B 374 -0.10 21.85 -1.56
CA GLY B 374 -0.99 22.33 -0.52
C GLY B 374 -1.09 23.84 -0.55
N TRP B 375 -2.00 24.38 0.26
CA TRP B 375 -2.18 25.82 0.40
C TRP B 375 -0.87 26.53 0.74
N ARG B 376 -0.12 25.99 1.69
CA ARG B 376 1.16 26.58 2.07
C ARG B 376 2.16 26.72 0.90
N ASP B 377 2.20 25.68 0.06
CA ASP B 377 3.13 25.65 -1.08
C ASP B 377 2.87 26.76 -2.05
N LEU B 378 1.60 27.15 -2.22
CA LEU B 378 1.24 28.18 -3.16
C LEU B 378 1.97 29.47 -2.88
N TRP B 379 2.14 29.77 -1.58
CA TRP B 379 2.80 30.98 -1.13
C TRP B 379 4.30 30.74 -0.98
N GLN B 380 4.68 29.62 -0.37
CA GLN B 380 6.08 29.33 -0.12
C GLN B 380 6.89 29.22 -1.41
N ASP B 381 6.31 28.62 -2.45
CA ASP B 381 7.02 28.44 -3.72
C ASP B 381 7.41 29.77 -4.34
N CYS B 382 6.62 30.82 -4.08
CA CYS B 382 6.95 32.19 -4.53
C CYS B 382 8.24 32.79 -3.96
N LEU B 383 8.69 32.31 -2.80
CA LEU B 383 9.89 32.84 -2.17
C LEU B 383 11.15 32.66 -3.04
N ALA B 384 11.49 31.42 -3.39
CA ALA B 384 12.67 31.20 -4.22
C ALA B 384 12.54 31.82 -5.61
N LEU B 385 11.32 31.80 -6.14
CA LEU B 385 11.03 32.33 -7.47
C LEU B 385 11.26 33.86 -7.54
N MET B 386 10.83 34.58 -6.51
CA MET B 386 11.09 36.02 -6.42
C MET B 386 12.56 36.37 -6.59
N VAL B 387 13.48 35.54 -6.09
CA VAL B 387 14.91 35.83 -6.30
C VAL B 387 15.62 35.09 -7.41
N MET B 388 15.02 34.02 -7.96
CA MET B 388 15.67 33.20 -8.99
C MET B 388 15.03 33.28 -10.36
N GLU B 389 13.71 33.49 -10.42
CA GLU B 389 12.96 33.35 -11.65
C GLU B 389 11.64 34.08 -11.44
N PRO B 390 11.66 35.41 -11.34
CA PRO B 390 10.46 36.13 -10.88
C PRO B 390 9.28 36.29 -11.84
N ALA B 391 9.40 35.91 -13.09
CA ALA B 391 8.41 36.33 -14.11
C ALA B 391 6.96 35.94 -13.74
N GLU B 392 6.74 34.72 -13.27
CA GLU B 392 5.37 34.26 -13.01
C GLU B 392 4.86 34.60 -11.61
N VAL B 393 5.66 35.22 -10.74
CA VAL B 393 5.24 35.42 -9.33
C VAL B 393 3.94 36.22 -9.20
N ARG B 394 3.80 37.30 -9.94
CA ARG B 394 2.59 38.14 -9.85
C ARG B 394 1.33 37.31 -10.18
N HIS B 395 1.35 36.59 -11.31
CA HIS B 395 0.23 35.72 -11.70
C HIS B 395 -0.10 34.64 -10.64
N LEU B 396 0.92 34.06 -10.03
CA LEU B 396 0.71 33.00 -9.02
C LEU B 396 -0.02 33.57 -7.81
N LEU B 397 0.46 34.71 -7.31
CA LEU B 397 -0.13 35.37 -6.18
C LEU B 397 -1.60 35.70 -6.45
N LEU B 398 -1.91 36.29 -7.60
CA LEU B 398 -3.29 36.64 -7.95
C LEU B 398 -4.19 35.42 -7.94
N ASN B 399 -3.75 34.37 -8.63
CA ASN B 399 -4.47 33.09 -8.70
C ASN B 399 -4.71 32.48 -7.31
N ASN B 400 -3.70 32.53 -6.44
CA ASN B 400 -3.77 31.92 -5.10
C ASN B 400 -4.91 32.50 -4.25
N TYR B 401 -5.10 33.81 -4.29
CA TYR B 401 -6.19 34.47 -3.57
C TYR B 401 -7.61 34.01 -3.96
N ALA B 402 -7.80 33.40 -5.13
CA ALA B 402 -9.09 32.79 -5.48
C ALA B 402 -9.53 31.70 -4.50
N GLY B 403 -8.57 31.10 -3.79
CA GLY B 403 -8.85 30.06 -2.81
C GLY B 403 -9.37 30.49 -1.44
N VAL B 404 -9.40 31.79 -1.18
CA VAL B 404 -9.88 32.30 0.11
C VAL B 404 -11.41 32.23 0.18
N ARG B 405 -11.96 31.75 1.30
CA ARG B 405 -13.42 31.80 1.56
C ARG B 405 -13.77 33.13 2.20
N MET B 406 -15.06 33.48 2.19
CA MET B 406 -15.51 34.75 2.77
C MET B 406 -15.43 34.82 4.30
N ASP B 407 -15.10 33.70 4.95
CA ASP B 407 -14.78 33.65 6.38
C ASP B 407 -13.27 33.68 6.70
N GLY B 408 -12.43 33.96 5.71
CA GLY B 408 -10.98 34.04 5.89
C GLY B 408 -10.21 32.72 5.78
N SER B 409 -10.93 31.59 5.91
CA SER B 409 -10.33 30.27 5.70
C SER B 409 -10.12 30.09 4.22
N ASN B 410 -9.78 28.88 3.79
CA ASN B 410 -9.43 28.65 2.40
C ASN B 410 -9.59 27.21 1.97
N ALA B 411 -9.69 27.03 0.66
CA ALA B 411 -9.62 25.71 0.06
C ALA B 411 -8.29 25.10 0.46
N THR B 412 -8.28 23.79 0.64
CA THR B 412 -7.07 23.06 1.00
C THR B 412 -6.71 21.98 0.00
N ILE B 413 -7.48 21.81 -1.08
CA ILE B 413 -7.12 20.91 -2.19
C ILE B 413 -6.96 21.79 -3.41
N ILE B 414 -5.75 21.76 -4.01
CA ILE B 414 -5.42 22.58 -5.17
C ILE B 414 -5.66 21.78 -6.43
N GLY B 415 -6.30 22.41 -7.42
CA GLY B 415 -6.65 21.76 -8.67
C GLY B 415 -5.63 21.95 -9.79
N ALA B 416 -6.02 21.52 -11.00
CA ALA B 416 -5.16 21.58 -12.19
C ALA B 416 -4.98 23.02 -12.73
N GLY B 417 -6.07 23.71 -13.06
CA GLY B 417 -5.99 25.01 -13.72
C GLY B 417 -5.43 26.18 -12.90
N PRO B 418 -5.10 27.31 -13.57
CA PRO B 418 -4.68 28.54 -12.86
C PRO B 418 -5.76 29.00 -11.87
N GLY B 419 -5.41 29.06 -10.58
CA GLY B 419 -6.38 29.44 -9.53
C GLY B 419 -7.59 28.51 -9.42
N GLU B 420 -7.39 27.24 -9.74
CA GLU B 420 -8.40 26.19 -9.56
C GLU B 420 -8.24 25.55 -8.18
N PHE B 421 -9.35 25.40 -7.48
CA PHE B 421 -9.41 24.80 -6.17
C PHE B 421 -10.54 23.80 -6.15
N VAL B 422 -10.35 22.69 -5.45
CA VAL B 422 -11.31 21.59 -5.43
C VAL B 422 -12.01 21.54 -4.08
N ALA B 423 -13.34 21.40 -4.10
CA ALA B 423 -14.11 21.18 -2.88
C ALA B 423 -13.96 19.76 -2.38
N ASP B 424 -13.77 19.62 -1.08
CA ASP B 424 -13.49 18.32 -0.42
C ASP B 424 -14.72 17.37 -0.33
N ARG B 425 -15.83 17.87 0.20
CA ARG B 425 -17.16 17.25 0.09
C ARG B 425 -17.41 16.01 0.98
N ASN B 426 -16.58 14.97 0.81
CA ASN B 426 -16.68 13.70 1.57
C ASN B 426 -16.12 13.74 3.03
N ASN B 427 -14.88 14.24 3.22
CA ASN B 427 -14.33 14.50 4.54
C ASN B 427 -14.72 15.90 5.01
N ILE B 428 -15.24 16.02 6.24
CA ILE B 428 -15.26 17.33 6.96
C ILE B 428 -13.81 17.80 7.19
N PRO B 429 -13.36 18.86 6.50
CA PRO B 429 -11.91 19.14 6.45
C PRO B 429 -11.42 19.95 7.65
N ARG B 430 -10.12 19.84 7.89
CA ARG B 430 -9.46 20.61 8.90
C ARG B 430 -9.35 22.04 8.43
N VAL B 431 -9.32 22.94 9.40
CA VAL B 431 -8.91 24.29 9.19
C VAL B 431 -7.57 24.40 9.91
N TRP B 432 -6.58 24.92 9.19
CA TRP B 432 -5.28 25.27 9.76
C TRP B 432 -5.30 26.79 10.05
N MET B 433 -5.20 27.15 11.33
CA MET B 433 -5.39 28.54 11.75
C MET B 433 -4.37 29.54 11.18
N ASP B 434 -3.17 29.04 10.87
CA ASP B 434 -2.11 29.85 10.31
C ASP B 434 -2.16 30.04 8.80
N HIS B 435 -3.04 29.32 8.10
CA HIS B 435 -3.13 29.45 6.62
C HIS B 435 -3.40 30.87 6.16
N GLY B 436 -4.13 31.64 6.97
CA GLY B 436 -4.38 33.05 6.67
C GLY B 436 -3.24 34.03 6.91
N ALA B 437 -2.17 33.60 7.57
CA ALA B 437 -1.05 34.49 7.96
C ALA B 437 0.05 34.58 6.88
N TRP B 438 0.40 33.43 6.32
CA TRP B 438 1.49 33.31 5.36
C TRP B 438 1.32 34.13 4.07
N PRO B 439 0.08 34.28 3.56
CA PRO B 439 -0.11 35.01 2.28
C PRO B 439 0.34 36.48 2.32
N LEU B 440 -0.06 37.21 3.36
CA LEU B 440 0.42 38.59 3.52
C LEU B 440 1.96 38.65 3.61
N MET B 441 2.56 37.74 4.37
CA MET B 441 4.03 37.69 4.48
C MET B 441 4.69 37.56 3.10
N THR B 442 4.18 36.64 2.29
CA THR B 442 4.71 36.41 0.96
C THR B 442 4.45 37.62 0.07
N THR B 443 3.23 38.13 0.14
CA THR B 443 2.79 39.22 -0.71
C THR B 443 3.56 40.53 -0.43
N LEU B 444 3.78 40.82 0.87
CA LEU B 444 4.63 41.94 1.27
C LEU B 444 6.02 41.86 0.71
N LEU B 445 6.64 40.68 0.77
CA LEU B 445 7.94 40.47 0.12
C LEU B 445 7.89 40.81 -1.39
N TYR B 446 6.86 40.31 -2.08
CA TYR B 446 6.65 40.65 -3.48
C TYR B 446 6.56 42.16 -3.68
N LEU B 447 5.73 42.83 -2.88
CA LEU B 447 5.56 44.27 -3.01
C LEU B 447 6.87 45.01 -2.85
N HIS B 448 7.68 44.58 -1.88
CA HIS B 448 8.94 45.25 -1.60
C HIS B 448 10.01 44.90 -2.65
N GLN B 449 10.02 43.68 -3.20
CA GLN B 449 10.98 43.35 -4.29
C GLN B 449 10.61 44.03 -5.61
N SER B 450 9.31 44.16 -5.89
CA SER B 450 8.84 44.54 -7.21
C SER B 450 8.46 46.00 -7.32
N GLY B 451 7.84 46.55 -6.27
CA GLY B 451 7.25 47.89 -6.34
C GLY B 451 5.82 47.85 -6.85
N ASP B 452 5.30 46.65 -7.16
CA ASP B 452 3.99 46.52 -7.79
C ASP B 452 2.85 46.65 -6.77
N LEU B 453 2.67 47.86 -6.26
CA LEU B 453 1.61 48.13 -5.27
C LEU B 453 0.20 47.91 -5.84
N ASP B 454 0.04 48.10 -7.15
CA ASP B 454 -1.25 47.95 -7.80
C ASP B 454 -1.83 46.53 -7.74
N LEU B 455 -0.98 45.52 -7.54
CA LEU B 455 -1.46 44.14 -7.27
C LEU B 455 -2.58 44.10 -6.24
N LEU B 456 -2.45 44.94 -5.21
CA LEU B 456 -3.40 44.97 -4.11
C LEU B 456 -4.83 45.32 -4.52
N PHE B 457 -4.99 45.99 -5.67
CA PHE B 457 -6.31 46.45 -6.15
C PHE B 457 -6.89 45.63 -7.30
N GLN B 458 -6.24 44.52 -7.65
CA GLN B 458 -6.78 43.64 -8.68
C GLN B 458 -7.99 42.88 -8.11
N PRO B 459 -8.98 42.59 -8.96
CA PRO B 459 -10.16 41.88 -8.49
C PRO B 459 -9.90 40.38 -8.42
N GLN B 460 -10.59 39.69 -7.51
CA GLN B 460 -10.53 38.23 -7.44
C GLN B 460 -11.74 37.65 -6.73
N SER B 461 -12.14 36.45 -7.14
CA SER B 461 -13.27 35.75 -6.52
C SER B 461 -12.89 35.13 -5.17
N TYR B 462 -13.90 34.58 -4.51
CA TYR B 462 -13.70 33.86 -3.27
C TYR B 462 -14.21 32.45 -3.47
N PHE B 463 -13.52 31.49 -2.86
CA PHE B 463 -13.88 30.09 -2.93
C PHE B 463 -15.10 29.83 -2.05
N ARG B 464 -15.96 28.93 -2.51
CA ARG B 464 -17.18 28.58 -1.81
C ARG B 464 -17.46 27.07 -2.00
N ASP B 465 -17.75 26.38 -0.90
CA ASP B 465 -18.16 24.99 -0.93
C ASP B 465 -19.21 24.76 0.17
N VAL B 466 -19.48 23.52 0.55
CA VAL B 466 -20.48 23.23 1.57
C VAL B 466 -20.14 23.74 3.00
N PHE B 467 -18.86 24.04 3.24
CA PHE B 467 -18.36 24.38 4.58
C PHE B 467 -18.34 25.88 4.88
N VAL B 468 -19.04 26.26 5.95
CA VAL B 468 -19.20 27.66 6.35
C VAL B 468 -18.81 27.83 7.82
N LYS B 469 -18.64 29.09 8.24
CA LYS B 469 -18.17 29.42 9.60
C LYS B 469 -16.88 28.68 9.94
N ARG B 470 -15.91 28.81 9.05
CA ARG B 470 -14.59 28.16 9.14
C ARG B 470 -14.74 26.66 9.40
N CYS B 471 -15.53 26.02 8.54
CA CYS B 471 -15.83 24.61 8.61
C CYS B 471 -16.47 24.12 9.90
N ARG B 472 -17.15 25.00 10.62
CA ARG B 472 -17.88 24.62 11.84
C ARG B 472 -19.25 24.04 11.51
N GLU B 473 -19.84 24.43 10.38
CA GLU B 473 -21.12 23.85 9.95
C GLU B 473 -21.17 23.59 8.45
N ARG B 474 -22.17 22.81 8.06
CA ARG B 474 -22.53 22.57 6.67
C ARG B 474 -23.67 23.54 6.30
N ASP B 475 -23.58 24.13 5.12
CA ASP B 475 -24.63 25.00 4.59
C ASP B 475 -25.81 24.12 4.13
N ALA B 476 -26.96 24.33 4.76
CA ALA B 476 -28.18 23.63 4.39
C ALA B 476 -28.68 23.99 2.99
N SER B 477 -28.37 25.20 2.51
CA SER B 477 -28.79 25.66 1.16
C SER B 477 -27.90 25.21 -0.01
N TRP B 478 -26.81 24.51 0.27
CA TRP B 478 -25.81 24.14 -0.70
C TRP B 478 -26.36 23.14 -1.70
N THR B 479 -25.93 23.26 -2.95
CA THR B 479 -26.12 22.23 -3.98
C THR B 479 -24.88 22.16 -4.90
N PRO B 480 -24.85 21.19 -5.86
CA PRO B 480 -23.82 21.29 -6.90
C PRO B 480 -24.00 22.55 -7.77
N GLU B 481 -25.25 22.94 -8.00
CA GLU B 481 -25.63 24.09 -8.81
C GLU B 481 -25.22 25.47 -8.21
N GLN B 482 -24.76 25.57 -6.97
CA GLN B 482 -24.17 26.84 -6.53
C GLN B 482 -22.81 27.09 -7.20
N GLY B 483 -22.02 26.03 -7.39
CA GLY B 483 -20.69 26.15 -7.98
C GLY B 483 -19.65 26.48 -6.92
N ASN B 484 -18.40 26.64 -7.35
CA ASN B 484 -17.25 26.79 -6.43
C ASN B 484 -16.85 28.24 -6.07
N LYS B 485 -17.72 29.21 -6.34
CA LYS B 485 -17.41 30.63 -6.12
C LYS B 485 -18.52 31.34 -5.36
N LEU B 486 -18.14 32.24 -4.46
CA LEU B 486 -19.08 32.99 -3.63
C LEU B 486 -19.97 33.86 -4.49
N LEU B 487 -21.27 33.86 -4.19
CA LEU B 487 -22.25 34.58 -5.00
C LEU B 487 -22.83 35.77 -4.25
N THR B 488 -23.25 36.77 -5.01
CA THR B 488 -24.01 37.91 -4.50
C THR B 488 -25.49 37.54 -4.32
N ALA B 489 -26.25 38.44 -3.71
CA ALA B 489 -27.70 38.29 -3.58
C ALA B 489 -28.40 38.18 -4.94
N ASP B 490 -27.98 39.01 -5.89
CA ASP B 490 -28.49 39.04 -7.26
C ASP B 490 -28.00 37.91 -8.21
N GLY B 491 -27.13 37.01 -7.74
CA GLY B 491 -26.68 35.85 -8.52
C GLY B 491 -25.37 35.99 -9.30
N GLN B 492 -24.60 37.05 -9.02
CA GLN B 492 -23.31 37.28 -9.69
C GLN B 492 -22.16 36.75 -8.85
N ILE B 493 -21.07 36.41 -9.53
CA ILE B 493 -19.85 36.01 -8.85
C ILE B 493 -19.26 37.26 -8.19
N TYR B 494 -19.14 37.22 -6.85
CA TYR B 494 -18.58 38.37 -6.12
C TYR B 494 -17.09 38.48 -6.39
N GLU B 495 -16.62 39.70 -6.66
CA GLU B 495 -15.21 39.99 -6.73
C GLU B 495 -14.80 41.15 -5.81
N GLY B 496 -13.75 40.93 -5.04
CA GLY B 496 -13.18 41.92 -4.16
C GLY B 496 -11.71 42.05 -4.46
N THR B 497 -11.12 43.14 -4.03
CA THR B 497 -9.69 43.35 -4.23
C THR B 497 -8.85 42.31 -3.51
N ILE B 498 -7.62 42.16 -3.99
CA ILE B 498 -6.64 41.33 -3.31
C ILE B 498 -6.50 41.82 -1.88
N LEU B 499 -6.43 43.14 -1.70
CA LEU B 499 -6.33 43.72 -0.35
C LEU B 499 -7.52 43.34 0.53
N GLU B 500 -8.72 43.29 -0.02
CA GLU B 500 -9.90 42.84 0.69
C GLU B 500 -9.75 41.41 1.20
N HIS B 501 -9.20 40.52 0.35
CA HIS B 501 -8.92 39.14 0.72
C HIS B 501 -7.94 39.11 1.92
N ILE B 502 -6.85 39.86 1.79
CA ILE B 502 -5.80 39.92 2.81
C ILE B 502 -6.35 40.43 4.15
N LEU B 503 -7.07 41.54 4.11
CA LEU B 503 -7.71 42.10 5.30
C LEU B 503 -8.59 41.06 6.00
N LEU B 504 -9.43 40.39 5.22
CA LEU B 504 -10.28 39.34 5.76
C LEU B 504 -9.50 38.19 6.43
N GLN B 505 -8.46 37.69 5.75
CA GLN B 505 -7.63 36.61 6.28
C GLN B 505 -7.03 36.90 7.66
N ASN B 506 -6.76 38.17 7.92
CA ASN B 506 -6.11 38.58 9.16
C ASN B 506 -7.06 39.11 10.23
N ILE B 507 -8.13 39.77 9.82
N ILE B 507 -8.14 39.79 9.83
CA ILE B 507 -9.09 40.29 10.78
CA ILE B 507 -9.09 40.30 10.81
C ILE B 507 -9.97 39.19 11.40
C ILE B 507 -10.01 39.21 11.39
N VAL B 508 -10.34 38.16 10.63
CA VAL B 508 -11.20 37.09 11.18
C VAL B 508 -10.53 36.37 12.36
N PRO B 509 -9.30 35.86 12.19
CA PRO B 509 -8.61 35.21 13.32
C PRO B 509 -8.53 36.07 14.59
N PHE B 510 -8.39 37.38 14.44
CA PHE B 510 -8.39 38.32 15.58
C PHE B 510 -9.60 38.10 16.50
N PHE B 511 -10.78 37.88 15.92
CA PHE B 511 -11.99 37.69 16.71
C PHE B 511 -12.23 36.25 17.13
N ASN B 512 -11.52 35.30 16.53
CA ASN B 512 -11.74 33.85 16.77
C ASN B 512 -10.89 33.36 17.94
N VAL B 513 -11.20 33.87 19.13
CA VAL B 513 -10.38 33.66 20.31
C VAL B 513 -10.95 32.58 21.22
N GLY B 514 -10.05 31.92 21.95
CA GLY B 514 -10.42 30.88 22.89
C GLY B 514 -10.64 31.46 24.26
N GLU B 515 -10.84 30.57 25.23
CA GLU B 515 -11.18 30.98 26.60
C GLU B 515 -10.08 31.79 27.33
N HIS B 516 -8.83 31.65 26.92
CA HIS B 516 -7.75 32.49 27.45
C HIS B 516 -7.39 33.70 26.54
N GLY B 517 -8.18 33.96 25.50
CA GLY B 517 -8.10 35.22 24.74
C GLY B 517 -7.14 35.30 23.56
N ASN B 518 -6.49 34.18 23.27
CA ASN B 518 -5.59 34.07 22.14
C ASN B 518 -6.34 33.35 21.05
N ILE B 519 -5.82 33.42 19.84
CA ILE B 519 -6.52 32.92 18.67
C ILE B 519 -6.55 31.39 18.71
N LYS B 520 -7.71 30.83 18.37
CA LYS B 520 -7.94 29.39 18.43
C LYS B 520 -7.00 28.60 17.54
N LEU B 521 -6.57 27.46 18.07
CA LEU B 521 -5.72 26.52 17.33
C LEU B 521 -6.42 25.90 16.09
N GLU B 522 -7.73 25.74 16.17
CA GLU B 522 -8.49 24.99 15.16
C GLU B 522 -7.84 23.60 14.95
N GLY B 523 -7.64 23.14 13.71
CA GLY B 523 -7.17 21.78 13.45
C GLY B 523 -5.66 21.61 13.56
N ALA B 524 -4.94 22.74 13.70
CA ALA B 524 -3.49 22.85 13.90
C ALA B 524 -3.05 24.23 13.40
N ASP B 525 -1.82 24.60 13.71
CA ASP B 525 -1.17 25.75 13.07
C ASP B 525 -0.08 25.19 12.13
N TRP B 526 1.04 25.88 11.97
CA TRP B 526 2.15 25.39 11.20
C TRP B 526 2.61 23.97 11.59
N ASN B 527 2.58 23.64 12.89
N ASN B 527 2.52 23.68 12.90
CA ASN B 527 2.85 22.27 13.34
CA ASN B 527 2.79 22.37 13.46
C ASN B 527 1.60 21.46 13.05
C ASN B 527 1.60 21.44 13.15
N ASP B 528 1.64 20.69 11.97
N ASP B 528 1.67 20.76 12.00
CA ASP B 528 0.50 19.87 11.60
CA ASP B 528 0.62 19.85 11.55
C ASP B 528 0.17 18.79 12.63
C ASP B 528 0.20 18.81 12.61
N GLY B 529 1.14 18.45 13.49
CA GLY B 529 0.90 17.50 14.57
C GLY B 529 0.29 18.06 15.84
N LEU B 530 -0.07 19.34 15.86
CA LEU B 530 -0.86 19.88 16.97
C LEU B 530 -2.33 19.86 16.57
N ASP B 531 -2.84 18.64 16.41
CA ASP B 531 -4.12 18.36 15.77
C ASP B 531 -5.19 17.87 16.71
N LEU B 532 -4.91 17.78 18.01
CA LEU B 532 -5.89 17.21 18.94
C LEU B 532 -6.46 18.25 19.93
N ALA B 533 -6.46 19.52 19.54
CA ALA B 533 -7.07 20.55 20.38
C ALA B 533 -7.97 21.54 19.61
N PRO B 534 -8.82 21.04 18.69
CA PRO B 534 -9.73 21.95 17.98
C PRO B 534 -10.79 22.62 18.85
N GLU B 535 -11.21 22.01 19.96
CA GLU B 535 -12.29 22.56 20.78
C GLU B 535 -11.80 23.74 21.63
N ARG B 536 -10.71 23.55 22.37
CA ARG B 536 -10.25 24.55 23.31
C ARG B 536 -8.81 25.00 23.15
N GLY B 537 -8.07 24.40 22.22
CA GLY B 537 -6.72 24.82 21.99
C GLY B 537 -6.61 26.24 21.42
N GLU B 538 -5.47 26.86 21.70
CA GLU B 538 -5.13 28.20 21.23
C GLU B 538 -3.67 28.17 20.77
N SER B 539 -3.38 28.79 19.63
CA SER B 539 -2.03 29.03 19.19
C SER B 539 -1.66 30.46 19.55
N VAL B 540 -1.10 30.64 20.73
CA VAL B 540 -0.51 31.93 21.10
C VAL B 540 0.60 32.25 20.08
N ALA B 541 1.32 31.22 19.66
CA ALA B 541 2.43 31.31 18.74
C ALA B 541 2.06 32.13 17.51
N PHE B 542 0.94 31.76 16.89
CA PHE B 542 0.47 32.45 15.68
C PHE B 542 -0.42 33.65 15.95
N THR B 543 -0.91 33.79 17.18
CA THR B 543 -1.56 35.06 17.59
C THR B 543 -0.55 36.22 17.44
N ALA B 544 0.72 35.95 17.77
CA ALA B 544 1.79 36.94 17.58
C ALA B 544 2.01 37.32 16.10
N PHE B 545 1.90 36.32 15.23
CA PHE B 545 2.05 36.48 13.78
C PHE B 545 0.90 37.34 13.28
N TYR B 546 -0.35 37.02 13.67
CA TYR B 546 -1.48 37.80 13.26
C TYR B 546 -1.43 39.24 13.84
N ALA B 547 -0.90 39.39 15.05
CA ALA B 547 -0.76 40.73 15.65
C ALA B 547 0.15 41.61 14.79
N SER B 548 1.29 41.02 14.42
CA SER B 548 2.28 41.64 13.57
C SER B 548 1.76 41.93 12.15
N ASN B 549 1.05 40.97 11.57
CA ASN B 549 0.38 41.18 10.27
C ASN B 549 -0.57 42.37 10.28
N LEU B 550 -1.37 42.48 11.34
CA LEU B 550 -2.31 43.60 11.46
C LEU B 550 -1.59 44.94 11.54
N MET B 551 -0.47 44.97 12.27
CA MET B 551 0.33 46.18 12.40
C MET B 551 0.98 46.57 11.07
N GLU B 552 1.54 45.58 10.36
CA GLU B 552 2.14 45.82 9.04
C GLU B 552 1.10 46.30 8.05
N LEU B 553 -0.10 45.74 8.11
CA LEU B 553 -1.18 46.17 7.25
C LEU B 553 -1.49 47.65 7.49
N SER B 554 -1.57 48.04 8.77
CA SER B 554 -1.80 49.45 9.12
C SER B 554 -0.74 50.33 8.48
N GLU B 555 0.53 50.02 8.70
CA GLU B 555 1.65 50.74 8.06
C GLU B 555 1.59 50.74 6.54
N LEU B 556 1.24 49.58 5.97
CA LEU B 556 1.10 49.43 4.54
C LEU B 556 0.07 50.42 3.97
N LEU B 557 -1.10 50.49 4.59
CA LEU B 557 -2.17 51.36 4.14
C LEU B 557 -1.79 52.85 4.16
N LEU B 558 -1.16 53.30 5.24
CA LEU B 558 -0.71 54.69 5.31
C LEU B 558 0.37 54.92 4.26
N GLU B 559 1.24 53.94 4.04
CA GLU B 559 2.26 54.04 2.98
C GLU B 559 1.64 54.03 1.58
N LEU B 560 0.54 53.29 1.38
CA LEU B 560 -0.20 53.34 0.10
C LEU B 560 -0.70 54.75 -0.18
N GLN B 561 -1.30 55.39 0.82
CA GLN B 561 -1.76 56.78 0.70
C GLN B 561 -0.58 57.68 0.36
N LYS B 562 0.47 57.62 1.17
CA LYS B 562 1.70 58.39 0.98
C LYS B 562 2.33 58.25 -0.43
N ARG B 563 2.19 57.07 -1.05
CA ARG B 563 2.83 56.75 -2.33
C ARG B 563 1.89 56.71 -3.52
N THR B 564 0.78 55.99 -3.40
CA THR B 564 -0.24 55.86 -4.46
C THR B 564 -1.18 57.09 -4.52
N GLY B 565 -1.37 57.79 -3.38
CA GLY B 565 -2.39 58.84 -3.26
C GLY B 565 -3.81 58.29 -3.08
N LYS B 566 -3.94 56.96 -2.90
CA LYS B 566 -5.25 56.34 -2.65
C LYS B 566 -5.72 56.81 -1.27
N ASP B 567 -6.91 57.38 -1.22
CA ASP B 567 -7.55 57.81 0.03
C ASP B 567 -8.65 56.83 0.46
N SER B 568 -8.97 55.87 -0.41
CA SER B 568 -10.15 55.04 -0.23
C SER B 568 -9.81 53.57 -0.41
N LEU B 569 -10.59 52.71 0.24
CA LEU B 569 -10.55 51.27 0.04
C LEU B 569 -11.96 50.76 -0.22
N ASP B 570 -12.12 49.98 -1.28
CA ASP B 570 -13.39 49.43 -1.67
C ASP B 570 -13.51 48.06 -1.00
N ILE B 571 -14.47 47.90 -0.10
CA ILE B 571 -14.57 46.70 0.75
C ILE B 571 -16.02 46.24 0.84
N ALA B 572 -16.25 44.94 0.77
CA ALA B 572 -17.60 44.36 0.90
C ALA B 572 -18.26 44.91 2.16
N GLU B 573 -19.51 45.33 2.06
CA GLU B 573 -20.16 46.06 3.17
C GLU B 573 -20.18 45.27 4.47
N GLU B 574 -20.39 43.96 4.37
CA GLU B 574 -20.47 43.07 5.55
C GLU B 574 -19.18 43.06 6.39
N MET B 575 -18.03 43.23 5.74
CA MET B 575 -16.74 43.34 6.44
C MET B 575 -16.63 44.58 7.33
N ALA B 576 -17.45 45.60 7.11
CA ALA B 576 -17.52 46.75 8.02
C ALA B 576 -17.86 46.34 9.44
N LEU B 577 -18.64 45.27 9.62
CA LEU B 577 -18.88 44.70 10.95
C LEU B 577 -17.58 44.37 11.72
N LEU B 578 -16.57 43.84 11.01
CA LEU B 578 -15.29 43.45 11.61
C LEU B 578 -14.32 44.62 11.83
N LEU B 579 -14.49 45.69 11.06
CA LEU B 579 -13.77 46.97 11.29
C LEU B 579 -14.60 47.83 12.23
N ASP B 580 -14.85 47.31 13.43
CA ASP B 580 -15.79 47.91 14.39
C ASP B 580 -15.38 49.30 14.87
N THR B 581 -14.08 49.61 14.80
CA THR B 581 -13.59 50.95 15.13
C THR B 581 -14.25 52.07 14.28
N LEU B 582 -14.74 51.75 13.08
CA LEU B 582 -15.38 52.74 12.22
C LEU B 582 -16.80 53.08 12.61
N GLY B 583 -17.51 52.15 13.26
CA GLY B 583 -18.91 52.33 13.66
C GLY B 583 -19.07 52.41 15.17
N LYS B 584 -19.72 51.40 15.75
CA LYS B 584 -19.83 51.26 17.21
C LYS B 584 -18.78 50.23 17.65
N PRO B 585 -17.70 50.70 18.28
CA PRO B 585 -16.66 49.76 18.67
C PRO B 585 -17.10 48.80 19.78
N ILE B 586 -16.71 47.53 19.68
CA ILE B 586 -16.91 46.59 20.78
C ILE B 586 -15.68 46.62 21.71
N SER B 587 -15.78 45.94 22.83
CA SER B 587 -14.66 45.83 23.74
C SER B 587 -13.82 44.63 23.31
N TYR B 588 -12.57 44.89 22.94
CA TYR B 588 -11.65 43.83 22.60
C TYR B 588 -11.17 43.03 23.80
N ASP B 589 -11.40 43.55 25.02
CA ASP B 589 -11.19 42.80 26.25
C ASP B 589 -12.21 41.70 26.50
N SER B 590 -13.34 41.73 25.79
CA SER B 590 -14.39 40.73 25.94
C SER B 590 -14.29 39.63 24.87
N ILE B 591 -14.03 38.41 25.32
CA ILE B 591 -14.03 37.25 24.47
C ILE B 591 -15.45 37.04 23.90
N GLN B 592 -16.46 37.11 24.76
CA GLN B 592 -17.87 37.00 24.36
C GLN B 592 -18.23 37.96 23.24
N GLU B 593 -17.91 39.26 23.41
CA GLU B 593 -18.22 40.26 22.40
C GLU B 593 -17.50 40.04 21.08
N LYS B 594 -16.24 39.61 21.14
CA LYS B 594 -15.47 39.36 19.91
C LYS B 594 -16.05 38.16 19.15
N ARG B 595 -16.41 37.09 19.87
CA ARG B 595 -17.01 35.90 19.25
C ARG B 595 -18.39 36.20 18.68
N SER B 596 -19.20 36.95 19.41
CA SER B 596 -20.56 37.33 18.98
C SER B 596 -20.52 38.14 17.69
N LEU B 597 -19.62 39.13 17.65
CA LEU B 597 -19.42 39.95 16.48
C LEU B 597 -19.03 39.07 15.27
N LEU B 598 -18.10 38.13 15.49
CA LEU B 598 -17.68 37.21 14.45
C LEU B 598 -18.85 36.35 13.95
N ASP B 599 -19.71 35.89 14.86
CA ASP B 599 -20.94 35.21 14.47
C ASP B 599 -21.89 36.04 13.63
N ARG B 600 -22.04 37.33 13.96
CA ARG B 600 -22.87 38.25 13.17
C ARG B 600 -22.27 38.41 11.78
N TYR B 601 -20.95 38.54 11.71
CA TYR B 601 -20.28 38.59 10.39
C TYR B 601 -20.54 37.34 9.55
N TYR B 602 -20.32 36.16 10.13
CA TYR B 602 -20.59 34.89 9.46
C TYR B 602 -22.04 34.80 8.92
N ASP B 603 -23.00 35.20 9.74
CA ASP B 603 -24.41 35.22 9.34
C ASP B 603 -24.64 36.15 8.17
N ALA B 604 -24.01 37.32 8.20
CA ALA B 604 -24.15 38.29 7.12
C ALA B 604 -23.62 37.79 5.75
N VAL B 605 -22.60 36.93 5.74
CA VAL B 605 -22.00 36.46 4.47
C VAL B 605 -22.33 35.00 4.07
N THR B 606 -23.24 34.35 4.78
CA THR B 606 -23.64 32.95 4.54
C THR B 606 -25.15 32.90 4.27
N PRO B 607 -25.60 32.34 3.14
CA PRO B 607 -24.80 31.69 2.10
C PRO B 607 -24.15 32.64 1.08
N ARG B 608 -24.64 33.88 0.98
CA ARG B 608 -24.22 34.83 -0.07
C ARG B 608 -23.87 36.18 0.55
N VAL B 609 -23.10 36.99 -0.18
CA VAL B 609 -22.90 38.41 0.17
C VAL B 609 -23.94 39.20 -0.58
N SER B 610 -24.18 40.44 -0.15
CA SER B 610 -25.11 41.31 -0.87
C SER B 610 -24.51 41.75 -2.20
N GLY B 611 -23.19 41.92 -2.24
CA GLY B 611 -22.50 42.47 -3.41
C GLY B 611 -22.28 43.98 -3.35
N LYS B 612 -22.93 44.64 -2.37
CA LYS B 612 -22.68 46.05 -2.08
C LYS B 612 -21.31 46.20 -1.40
N LYS B 613 -20.58 47.22 -1.83
CA LYS B 613 -19.29 47.58 -1.29
C LYS B 613 -19.35 48.97 -0.67
N LEU B 614 -18.57 49.19 0.39
CA LEU B 614 -18.43 50.52 0.98
C LEU B 614 -17.05 51.07 0.64
N LEU B 615 -16.95 52.37 0.42
CA LEU B 615 -15.66 53.04 0.29
C LEU B 615 -15.31 53.64 1.65
N LEU B 616 -14.21 53.16 2.23
CA LEU B 616 -13.82 53.48 3.60
C LEU B 616 -12.49 54.24 3.60
N ASP B 617 -12.39 55.23 4.48
CA ASP B 617 -11.21 56.09 4.58
C ASP B 617 -10.01 55.21 4.94
N ILE B 618 -8.97 55.28 4.11
CA ILE B 618 -7.78 54.42 4.29
C ILE B 618 -7.06 54.64 5.62
N ARG B 619 -7.08 55.89 6.13
CA ARG B 619 -6.53 56.22 7.47
C ARG B 619 -7.37 55.57 8.58
N LYS B 620 -8.70 55.60 8.43
CA LYS B 620 -9.59 55.05 9.42
C LYS B 620 -9.48 53.53 9.47
N VAL B 621 -9.32 52.89 8.31
CA VAL B 621 -9.08 51.45 8.26
C VAL B 621 -7.74 51.15 8.91
N ALA B 622 -6.71 51.93 8.58
CA ALA B 622 -5.39 51.76 9.19
C ALA B 622 -5.45 51.87 10.72
N GLU B 623 -6.21 52.87 11.19
CA GLU B 623 -6.44 53.07 12.61
C GLU B 623 -7.11 51.87 13.28
N ASP B 624 -8.11 51.27 12.60
CA ASP B 624 -8.77 50.06 13.11
C ASP B 624 -7.76 48.92 13.24
N LEU B 625 -6.95 48.74 12.21
CA LEU B 625 -5.96 47.67 12.18
C LEU B 625 -4.91 47.85 13.28
N LYS B 626 -4.50 49.10 13.53
CA LYS B 626 -3.54 49.42 14.59
C LYS B 626 -4.12 49.19 16.00
N ARG B 627 -5.40 49.51 16.19
CA ARG B 627 -6.09 49.23 17.46
C ARG B 627 -6.07 47.75 17.78
N LYS B 628 -6.44 46.94 16.79
CA LYS B 628 -6.41 45.48 16.93
C LYS B 628 -5.01 45.00 17.27
N ALA B 629 -4.03 45.50 16.51
CA ALA B 629 -2.64 45.05 16.67
C ALA B 629 -2.10 45.48 18.05
N ASP B 630 -2.34 46.73 18.42
CA ASP B 630 -1.95 47.21 19.74
C ASP B 630 -2.59 46.37 20.86
N TRP B 631 -3.87 46.04 20.70
CA TRP B 631 -4.56 45.25 21.70
C TRP B 631 -3.87 43.88 21.85
N ALA B 632 -3.61 43.23 20.72
CA ALA B 632 -3.01 41.91 20.73
C ALA B 632 -1.61 41.94 21.35
N VAL B 633 -0.83 42.95 20.99
CA VAL B 633 0.53 43.10 21.53
C VAL B 633 0.49 43.25 23.05
N ALA B 634 -0.39 44.11 23.57
CA ALA B 634 -0.47 44.36 25.01
C ALA B 634 -0.96 43.10 25.74
N HIS B 635 -1.94 42.40 25.15
CA HIS B 635 -2.44 41.17 25.75
C HIS B 635 -1.37 40.07 25.83
N LEU B 636 -0.61 39.87 24.76
CA LEU B 636 0.44 38.84 24.74
C LEU B 636 1.54 39.16 25.74
N ARG B 637 2.01 40.42 25.76
CA ARG B 637 3.02 40.86 26.72
C ARG B 637 2.56 40.77 28.16
N GLY B 638 1.30 41.08 28.41
CA GLY B 638 0.76 41.11 29.76
C GLY B 638 0.26 39.77 30.27
N SER B 639 -0.12 38.85 29.36
CA SER B 639 -0.75 37.59 29.79
C SER B 639 -0.05 36.32 29.37
N GLU B 640 0.80 36.37 28.36
CA GLU B 640 1.43 35.15 27.86
C GLU B 640 2.96 35.17 28.01
N TRP B 641 3.52 36.17 28.68
CA TRP B 641 4.93 36.15 29.03
C TRP B 641 5.08 35.32 30.31
N ILE B 642 5.87 34.26 30.26
CA ILE B 642 6.00 33.37 31.41
C ILE B 642 7.47 33.26 31.86
N GLN B 643 7.63 32.70 33.05
CA GLN B 643 8.94 32.55 33.66
C GLN B 643 9.00 31.20 34.37
N SER B 644 10.14 30.52 34.29
CA SER B 644 10.34 29.29 35.05
C SER B 644 10.89 29.68 36.42
N LYS B 645 10.75 28.80 37.40
CA LYS B 645 11.31 29.01 38.74
C LYS B 645 12.81 29.31 38.73
N GLU B 646 13.53 28.66 37.82
CA GLU B 646 14.94 28.92 37.63
C GLU B 646 15.24 30.36 37.15
N GLY B 647 14.27 31.07 36.58
CA GLY B 647 14.45 32.50 36.23
C GLY B 647 14.59 32.78 34.72
N TYR B 648 14.44 31.77 33.88
CA TYR B 648 14.35 32.00 32.45
C TYR B 648 12.93 32.43 32.11
N ALA B 649 12.77 33.20 31.03
CA ALA B 649 11.46 33.70 30.65
C ALA B 649 11.30 33.72 29.14
N TRP B 650 10.06 33.53 28.68
CA TRP B 650 9.76 33.39 27.27
C TRP B 650 8.25 33.47 27.05
N PHE B 651 7.78 33.35 25.80
CA PHE B 651 6.35 33.39 25.53
C PHE B 651 5.74 31.98 25.49
N ASN B 652 4.65 31.78 26.24
CA ASN B 652 3.84 30.58 26.10
C ASN B 652 3.31 30.54 24.66
N GLY B 653 3.37 29.39 24.02
CA GLY B 653 2.92 29.26 22.65
C GLY B 653 1.53 28.67 22.48
N TYR B 654 1.04 27.93 23.49
CA TYR B 654 -0.11 27.05 23.33
C TYR B 654 -0.98 26.87 24.59
N TYR B 655 -2.27 26.64 24.34
CA TYR B 655 -3.20 26.07 25.30
C TYR B 655 -3.69 24.78 24.69
N ASN B 656 -3.83 23.76 25.53
CA ASN B 656 -4.25 22.44 25.06
C ASN B 656 -5.79 22.32 25.09
N ASN B 657 -6.30 21.14 24.74
CA ASN B 657 -7.72 20.93 24.62
C ASN B 657 -8.47 20.88 25.94
N ASP B 658 -7.75 20.84 27.06
CA ASP B 658 -8.37 21.08 28.37
C ASP B 658 -8.31 22.55 28.84
N GLY B 659 -7.92 23.45 27.95
CA GLY B 659 -7.76 24.85 28.28
C GLY B 659 -6.60 25.16 29.22
N GLU B 660 -5.58 24.28 29.24
CA GLU B 660 -4.43 24.48 30.12
C GLU B 660 -3.30 25.07 29.34
N ARG B 661 -2.56 25.96 30.02
CA ARG B 661 -1.33 26.52 29.45
C ARG B 661 -0.35 25.40 29.25
N VAL B 662 0.26 25.35 28.07
CA VAL B 662 1.13 24.23 27.70
C VAL B 662 2.55 24.40 28.26
N GLU B 663 3.10 25.61 28.18
CA GLU B 663 4.51 25.82 28.46
C GLU B 663 4.78 26.27 29.89
N GLY B 664 6.00 26.03 30.35
CA GLY B 664 6.44 26.40 31.70
C GLY B 664 6.93 25.18 32.46
N ASP B 665 7.20 25.37 33.76
CA ASP B 665 7.59 24.27 34.62
C ASP B 665 6.59 23.11 34.57
N HIS B 666 7.12 21.90 34.69
CA HIS B 666 6.31 20.73 34.63
C HIS B 666 7.08 19.57 35.27
N PRO B 667 6.35 18.62 35.88
CA PRO B 667 7.04 17.39 36.26
C PRO B 667 7.86 16.80 35.13
N ASP B 668 9.04 16.32 35.48
CA ASP B 668 9.98 15.75 34.52
C ASP B 668 10.62 16.71 33.51
N GLY B 669 10.39 18.02 33.65
CA GLY B 669 11.10 18.99 32.82
C GLY B 669 10.26 20.11 32.27
N VAL B 670 10.88 21.29 32.17
CA VAL B 670 10.28 22.47 31.57
C VAL B 670 9.80 22.16 30.16
N ARG B 671 8.61 22.65 29.85
CA ARG B 671 8.03 22.52 28.51
C ARG B 671 8.12 23.85 27.82
N MET B 672 8.79 23.86 26.67
CA MET B 672 8.98 25.05 25.87
C MET B 672 8.89 24.68 24.39
N THR B 673 8.33 25.59 23.58
CA THR B 673 8.32 25.40 22.14
C THR B 673 9.10 26.50 21.48
N LEU B 674 9.79 26.15 20.39
CA LEU B 674 10.45 27.13 19.55
C LEU B 674 9.42 27.97 18.79
N THR B 675 8.38 27.33 18.27
CA THR B 675 7.34 28.02 17.50
C THR B 675 6.71 29.22 18.26
N GLY B 676 6.52 29.07 19.58
CA GLY B 676 5.97 30.14 20.42
C GLY B 676 6.84 31.37 20.55
N GLN B 677 8.10 31.27 20.13
CA GLN B 677 9.04 32.37 20.19
C GLN B 677 9.25 33.12 18.87
N VAL B 678 9.17 32.38 17.76
CA VAL B 678 9.70 32.85 16.49
C VAL B 678 8.98 34.09 15.99
N PHE B 679 7.65 34.05 15.99
CA PHE B 679 6.85 35.11 15.40
C PHE B 679 6.70 36.27 16.37
N ALA B 680 6.69 35.97 17.67
CA ALA B 680 6.78 37.04 18.69
C ALA B 680 8.00 37.92 18.42
N ILE B 681 9.14 37.28 18.13
CA ILE B 681 10.35 38.01 17.82
C ILE B 681 10.25 38.66 16.45
N MET B 682 9.84 37.90 15.44
CA MET B 682 9.89 38.37 14.07
C MET B 682 9.02 39.60 13.90
N GLY B 683 7.86 39.58 14.53
CA GLY B 683 6.84 40.59 14.28
C GLY B 683 6.82 41.76 15.23
N GLY B 684 7.62 41.72 16.31
CA GLY B 684 7.70 42.80 17.26
C GLY B 684 6.88 42.65 18.53
N VAL B 685 6.09 41.59 18.67
CA VAL B 685 5.38 41.39 19.95
C VAL B 685 6.38 41.32 21.13
N ALA B 686 7.50 40.65 20.91
CA ALA B 686 8.61 40.66 21.87
C ALA B 686 9.31 42.00 21.78
N THR B 687 9.44 42.67 22.92
CA THR B 687 10.33 43.82 23.04
C THR B 687 11.77 43.36 22.84
N ASP B 688 12.71 44.30 22.68
CA ASP B 688 14.13 43.92 22.59
C ASP B 688 14.58 43.16 23.84
N GLU B 689 14.11 43.58 25.01
CA GLU B 689 14.45 42.93 26.26
C GLU B 689 13.91 41.51 26.30
N GLN B 690 12.65 41.36 25.90
CA GLN B 690 12.00 40.06 25.85
C GLN B 690 12.72 39.15 24.87
N THR B 691 13.15 39.71 23.74
CA THR B 691 13.89 38.96 22.73
C THR B 691 15.23 38.46 23.29
N GLU B 692 15.93 39.31 24.03
CA GLU B 692 17.16 38.87 24.67
C GLU B 692 16.87 37.69 25.62
N LYS B 693 15.82 37.84 26.43
CA LYS B 693 15.44 36.81 27.38
C LYS B 693 14.98 35.51 26.71
N ILE B 694 14.20 35.65 25.65
CA ILE B 694 13.76 34.48 24.87
C ILE B 694 14.96 33.70 24.36
N SER B 695 15.93 34.41 23.78
N SER B 695 15.91 34.41 23.76
CA SER B 695 17.13 33.75 23.25
CA SER B 695 17.12 33.78 23.22
C SER B 695 17.92 32.99 24.32
C SER B 695 17.96 33.04 24.30
N GLN B 696 17.99 33.56 25.52
CA GLN B 696 18.58 32.84 26.67
C GLN B 696 17.81 31.55 27.02
N ALA B 697 16.49 31.65 27.06
CA ALA B 697 15.60 30.50 27.33
C ALA B 697 15.73 29.43 26.23
N VAL B 698 15.77 29.86 24.97
CA VAL B 698 15.99 28.93 23.83
C VAL B 698 17.32 28.18 24.05
N ASN B 699 18.38 28.94 24.30
CA ASN B 699 19.69 28.32 24.48
C ASN B 699 19.74 27.38 25.68
N ARG B 700 18.98 27.71 26.70
CA ARG B 700 18.93 26.90 27.92
C ARG B 700 18.14 25.59 27.77
N TYR B 701 16.94 25.66 27.17
CA TYR B 701 16.00 24.58 27.16
C TYR B 701 15.92 23.82 25.83
N LEU B 702 16.24 24.49 24.71
CA LEU B 702 16.07 23.91 23.39
C LEU B 702 17.35 23.60 22.63
N LYS B 703 18.43 24.31 22.93
CA LYS B 703 19.65 24.15 22.19
C LYS B 703 20.39 22.93 22.72
N ASP B 704 20.41 21.89 21.90
CA ASP B 704 21.10 20.67 22.21
C ASP B 704 22.52 20.73 21.68
N GLU B 705 23.51 20.36 22.50
CA GLU B 705 24.91 20.42 22.06
C GLU B 705 25.19 19.51 20.85
N ARG B 706 24.52 18.38 20.76
CA ARG B 706 24.72 17.40 19.70
C ARG B 706 23.87 17.67 18.46
N ILE B 707 22.59 18.05 18.63
CA ILE B 707 21.68 18.17 17.49
C ILE B 707 21.14 19.56 17.19
N GLY B 708 21.49 20.57 17.98
CA GLY B 708 21.12 21.93 17.66
C GLY B 708 19.78 22.35 18.23
N TYR B 709 19.16 23.30 17.57
CA TYR B 709 17.98 23.98 18.14
C TYR B 709 16.70 23.16 17.98
N ARG B 710 16.24 22.53 19.06
CA ARG B 710 15.06 21.67 19.00
C ARG B 710 13.79 22.46 18.82
N LEU B 711 12.79 21.81 18.21
CA LEU B 711 11.49 22.40 18.01
C LEU B 711 10.72 22.60 19.34
N ASN B 712 11.03 21.77 20.32
CA ASN B 712 10.38 21.76 21.63
C ASN B 712 11.21 20.90 22.53
N SER B 713 11.03 21.11 23.84
CA SER B 713 11.66 20.29 24.87
C SER B 713 10.76 19.07 25.07
N ARG B 714 11.23 18.13 25.87
CA ARG B 714 10.56 16.82 26.01
C ARG B 714 9.29 16.87 26.86
N PHE B 715 8.17 16.44 26.27
CA PHE B 715 6.93 16.18 26.98
C PHE B 715 6.93 14.69 27.15
N GLY B 716 6.88 14.16 28.36
CA GLY B 716 6.94 12.70 28.53
C GLY B 716 5.67 12.01 28.01
N GLY B 717 5.82 11.06 27.10
CA GLY B 717 4.65 10.29 26.63
C GLY B 717 3.74 11.01 25.67
N ILE B 718 2.72 10.29 25.18
CA ILE B 718 1.72 10.86 24.27
C ILE B 718 0.92 11.98 24.95
N GLN B 719 0.41 12.89 24.12
CA GLN B 719 -0.28 14.07 24.60
C GLN B 719 -1.58 14.19 23.81
N GLN B 720 -2.54 13.39 24.21
CA GLN B 720 -3.80 13.21 23.45
C GLN B 720 -4.82 14.37 23.55
N ASN B 721 -4.55 15.33 24.45
CA ASN B 721 -5.26 16.60 24.49
C ASN B 721 -4.49 17.71 23.75
N LEU B 722 -3.48 17.37 22.94
CA LEU B 722 -2.71 18.37 22.26
C LEU B 722 -2.39 18.00 20.81
N GLY B 723 -1.73 16.87 20.61
CA GLY B 723 -1.46 16.46 19.24
C GLY B 723 -0.76 15.14 19.04
N ARG B 724 -0.97 14.57 17.86
CA ARG B 724 -0.31 13.34 17.46
C ARG B 724 1.23 13.48 17.38
N ALA B 725 1.74 14.70 17.25
CA ALA B 725 3.19 14.91 17.22
C ALA B 725 3.90 14.24 18.39
N PHE B 726 3.26 14.21 19.54
CA PHE B 726 3.85 13.65 20.75
C PHE B 726 3.87 12.10 20.82
N GLY B 727 3.26 11.45 19.82
CA GLY B 727 3.42 10.03 19.58
C GLY B 727 4.71 9.66 18.89
N PHE B 728 5.33 10.60 18.19
CA PHE B 728 6.68 10.42 17.67
C PHE B 728 7.68 10.41 18.80
N ALA B 729 8.71 9.59 18.65
CA ALA B 729 9.86 9.59 19.53
C ALA B 729 10.50 10.97 19.61
N PHE B 730 10.89 11.35 20.83
CA PHE B 730 11.54 12.63 21.05
C PHE B 730 12.78 12.73 20.20
N GLY B 731 12.96 13.88 19.56
CA GLY B 731 14.04 14.09 18.60
C GLY B 731 13.78 13.68 17.14
N HIS B 732 12.50 13.48 16.78
CA HIS B 732 12.16 13.06 15.42
C HIS B 732 10.95 13.82 14.93
N LYS B 733 11.06 14.41 13.74
CA LYS B 733 9.94 15.03 13.05
C LYS B 733 9.36 16.17 13.90
N GLU B 734 8.06 16.23 14.14
CA GLU B 734 7.54 17.39 14.86
C GLU B 734 7.60 17.23 16.39
N ASN B 735 8.25 16.19 16.90
CA ASN B 735 8.53 16.10 18.35
C ASN B 735 10.02 16.27 18.67
N GLY B 736 10.43 17.52 18.84
CA GLY B 736 11.74 17.85 19.41
C GLY B 736 12.98 17.61 18.58
N ALA B 737 12.81 17.39 17.27
CA ALA B 737 13.93 17.31 16.38
C ALA B 737 14.41 18.73 16.16
N MET B 738 15.61 18.87 15.60
CA MET B 738 16.06 20.14 15.04
C MET B 738 15.32 20.28 13.70
N PHE B 739 14.17 20.97 13.71
CA PHE B 739 13.32 21.03 12.53
C PHE B 739 13.71 22.28 11.77
N SER B 740 14.44 22.05 10.68
CA SER B 740 15.16 23.11 9.96
C SER B 740 14.33 24.34 9.62
N HIS B 741 13.10 24.12 9.20
CA HIS B 741 12.23 25.19 8.74
C HIS B 741 12.00 26.22 9.88
N MET B 742 11.61 25.73 11.07
CA MET B 742 11.35 26.62 12.17
C MET B 742 12.65 27.26 12.72
N THR B 743 13.73 26.50 12.73
CA THR B 743 15.01 27.00 13.20
C THR B 743 15.52 28.13 12.30
N VAL B 744 15.37 27.98 10.99
CA VAL B 744 15.75 29.03 10.04
C VAL B 744 14.91 30.28 10.25
N MET B 745 13.61 30.10 10.49
CA MET B 745 12.73 31.24 10.76
C MET B 745 13.11 31.93 12.07
N TYR B 746 13.55 31.17 13.07
CA TYR B 746 14.06 31.73 14.32
C TYR B 746 15.24 32.65 14.04
N ALA B 747 16.21 32.13 13.26
CA ALA B 747 17.36 32.93 12.85
C ALA B 747 16.95 34.20 12.08
N ASN B 748 16.02 34.05 11.16
CA ASN B 748 15.52 35.16 10.35
C ASN B 748 14.95 36.25 11.29
N ALA B 749 14.13 35.81 12.25
CA ALA B 749 13.56 36.67 13.26
C ALA B 749 14.66 37.43 14.06
N LEU B 750 15.69 36.69 14.50
CA LEU B 750 16.83 37.30 15.21
C LEU B 750 17.57 38.33 14.37
N TYR B 751 17.84 38.01 13.10
CA TYR B 751 18.47 38.97 12.19
C TYR B 751 17.62 40.24 11.98
N LYS B 752 16.32 40.04 11.74
CA LYS B 752 15.34 41.12 11.58
C LYS B 752 15.43 42.08 12.74
N ARG B 753 15.56 41.55 13.96
CA ARG B 753 15.55 42.37 15.16
C ARG B 753 16.93 42.87 15.57
N GLY B 754 17.97 42.52 14.79
CA GLY B 754 19.33 43.00 15.02
C GLY B 754 20.13 42.18 16.02
N PHE B 755 19.65 40.97 16.34
CA PHE B 755 20.39 40.03 17.19
C PHE B 755 21.22 39.16 16.27
N VAL B 756 22.26 39.79 15.71
CA VAL B 756 23.05 39.24 14.61
C VAL B 756 23.97 38.10 15.03
N GLN B 757 24.65 38.22 16.18
CA GLN B 757 25.54 37.15 16.65
C GLN B 757 24.71 35.90 16.98
N GLU B 758 23.53 36.11 17.55
CA GLU B 758 22.62 35.03 17.91
C GLU B 758 22.09 34.37 16.64
N GLY B 759 21.64 35.20 15.70
CA GLY B 759 21.18 34.73 14.38
C GLY B 759 22.24 33.91 13.66
N PHE B 760 23.48 34.43 13.65
CA PHE B 760 24.61 33.73 13.06
C PHE B 760 24.81 32.33 13.65
N GLU B 761 24.79 32.22 14.98
CA GLU B 761 24.93 30.97 15.70
C GLU B 761 23.90 29.96 15.20
N VAL B 762 22.65 30.41 15.03
CA VAL B 762 21.56 29.54 14.59
C VAL B 762 21.81 29.01 13.17
N LEU B 763 22.07 29.93 12.25
CA LEU B 763 22.29 29.55 10.87
C LEU B 763 23.52 28.67 10.71
N ASP B 764 24.60 29.06 11.39
CA ASP B 764 25.83 28.28 11.37
C ASP B 764 25.63 26.85 11.94
N SER B 765 24.83 26.70 12.99
N SER B 765 24.84 26.71 13.01
CA SER B 765 24.48 25.38 13.54
CA SER B 765 24.48 25.40 13.55
C SER B 765 23.80 24.48 12.50
C SER B 765 23.79 24.47 12.52
N ILE B 766 22.88 25.02 11.72
CA ILE B 766 22.18 24.22 10.68
C ILE B 766 23.18 23.66 9.68
N TYR B 767 24.05 24.54 9.19
CA TYR B 767 25.11 24.13 8.29
C TYR B 767 26.05 23.10 8.90
N ARG B 768 26.57 23.38 10.09
CA ARG B 768 27.52 22.47 10.72
C ARG B 768 26.91 21.07 10.91
N LEU B 769 25.70 21.02 11.40
CA LEU B 769 24.97 19.76 11.59
C LEU B 769 24.79 19.04 10.27
N SER B 770 24.34 19.76 9.25
CA SER B 770 24.10 19.19 7.92
C SER B 770 25.37 18.63 7.30
N ALA B 771 26.48 19.36 7.44
CA ALA B 771 27.76 19.03 6.82
C ALA B 771 28.63 18.06 7.63
N ASP B 772 28.26 17.77 8.87
CA ASP B 772 28.96 16.79 9.70
C ASP B 772 28.55 15.36 9.28
N PHE B 773 29.04 14.94 8.12
CA PHE B 773 28.60 13.71 7.47
C PHE B 773 28.61 12.48 8.36
N GLU B 774 29.62 12.34 9.20
CA GLU B 774 29.71 11.21 10.13
C GLU B 774 28.39 10.99 10.91
N ASN B 775 27.73 12.09 11.30
CA ASN B 775 26.43 12.01 11.94
C ASN B 775 25.26 12.22 10.99
N SER B 776 25.35 13.23 10.11
CA SER B 776 24.22 13.59 9.25
C SER B 776 23.95 12.53 8.17
N ARG B 777 25.00 11.93 7.64
CA ARG B 777 24.92 10.91 6.58
C ARG B 777 24.05 11.36 5.40
N ILE B 778 24.19 12.63 5.02
CA ILE B 778 23.51 13.18 3.86
C ILE B 778 24.51 13.89 2.96
N TYR B 779 24.13 14.00 1.71
CA TYR B 779 24.86 14.77 0.73
C TYR B 779 24.66 16.29 1.00
N PRO B 780 25.42 17.16 0.30
CA PRO B 780 25.21 18.58 0.47
C PRO B 780 23.76 19.02 0.30
N GLY B 781 23.33 19.85 1.22
CA GLY B 781 21.97 20.35 1.28
C GLY B 781 21.50 20.41 2.72
N VAL B 782 20.35 21.04 2.92
CA VAL B 782 19.71 21.12 4.22
C VAL B 782 18.56 20.11 4.30
N PRO B 783 18.52 19.29 5.36
CA PRO B 783 17.41 18.33 5.50
C PRO B 783 16.20 18.95 6.17
N GLU B 784 15.06 18.25 6.12
CA GLU B 784 13.88 18.68 6.86
C GLU B 784 14.15 18.76 8.38
N TYR B 785 14.85 17.74 8.90
CA TYR B 785 15.28 17.76 10.29
C TYR B 785 16.56 17.01 10.52
N ILE B 786 17.27 17.39 11.59
CA ILE B 786 18.34 16.59 12.16
C ILE B 786 17.71 15.88 13.34
N ASN B 787 17.92 14.57 13.43
CA ASN B 787 17.22 13.77 14.43
C ASN B 787 18.04 13.54 15.70
N GLU B 788 17.47 12.76 16.62
CA GLU B 788 18.06 12.47 17.94
C GLU B 788 19.46 11.89 17.85
N ARG B 789 19.78 11.20 16.74
CA ARG B 789 21.11 10.64 16.49
C ARG B 789 22.01 11.50 15.62
N GLY B 790 21.52 12.69 15.29
CA GLY B 790 22.23 13.64 14.43
C GLY B 790 22.09 13.37 12.94
N ARG B 791 21.20 12.45 12.54
CA ARG B 791 21.04 12.10 11.11
C ARG B 791 20.16 13.11 10.41
N GLY B 792 20.51 13.40 9.15
CA GLY B 792 19.70 14.27 8.29
C GLY B 792 18.55 13.47 7.70
N MET B 793 17.34 13.97 7.84
CA MET B 793 16.13 13.23 7.45
C MET B 793 15.27 14.05 6.50
N TYR B 794 14.62 13.36 5.55
CA TYR B 794 13.75 13.96 4.56
C TYR B 794 14.53 15.04 3.79
N THR B 795 15.41 14.57 2.92
CA THR B 795 16.32 15.40 2.21
C THR B 795 15.69 16.11 1.01
N TYR B 796 16.37 17.17 0.58
CA TYR B 796 16.14 17.90 -0.68
C TYR B 796 14.88 18.77 -0.80
N LEU B 797 13.72 18.21 -0.44
CA LEU B 797 12.44 18.81 -0.74
C LEU B 797 11.93 19.80 0.30
N THR B 798 12.62 19.88 1.43
CA THR B 798 12.23 20.72 2.57
C THR B 798 12.13 22.21 2.19
N GLY B 799 11.01 22.81 2.59
CA GLY B 799 10.79 24.24 2.50
C GLY B 799 11.76 25.09 3.26
N SER B 800 12.49 24.50 4.18
CA SER B 800 13.54 25.21 4.93
C SER B 800 14.61 25.80 4.00
N ALA B 801 14.85 25.16 2.85
CA ALA B 801 15.81 25.68 1.89
C ALA B 801 15.39 27.03 1.33
N SER B 802 14.09 27.20 1.03
CA SER B 802 13.59 28.48 0.56
C SER B 802 13.86 29.58 1.63
N TRP B 803 13.57 29.25 2.87
CA TRP B 803 13.82 30.19 3.97
C TRP B 803 15.30 30.47 4.20
N LEU B 804 16.14 29.43 4.05
CA LEU B 804 17.56 29.60 4.26
C LEU B 804 18.15 30.50 3.19
N LEU B 805 17.83 30.20 1.93
CA LEU B 805 18.20 31.03 0.79
C LEU B 805 17.77 32.49 1.00
N LEU B 806 16.48 32.67 1.30
CA LEU B 806 15.94 34.00 1.47
C LEU B 806 16.59 34.76 2.64
N THR B 807 16.88 34.07 3.73
CA THR B 807 17.43 34.70 4.91
C THR B 807 18.89 35.10 4.65
N GLN B 808 19.66 34.21 4.05
CA GLN B 808 21.06 34.50 3.70
C GLN B 808 21.16 35.70 2.76
N LEU B 809 20.27 35.76 1.77
CA LEU B 809 20.23 36.89 0.83
C LEU B 809 19.73 38.20 1.45
N THR B 810 18.54 38.16 2.06
CA THR B 810 17.81 39.39 2.43
C THR B 810 18.09 39.90 3.84
N GLU B 811 18.69 39.06 4.68
CA GLU B 811 19.04 39.44 6.06
C GLU B 811 20.53 39.43 6.34
N VAL B 812 21.22 38.33 6.06
CA VAL B 812 22.65 38.20 6.36
C VAL B 812 23.50 39.16 5.48
N TYR B 813 23.41 38.96 4.16
CA TYR B 813 24.01 39.89 3.18
C TYR B 813 23.21 41.18 3.04
N GLY B 814 21.92 41.12 3.39
CA GLY B 814 21.07 42.30 3.53
C GLY B 814 20.73 43.01 2.24
N VAL B 815 20.55 42.23 1.17
CA VAL B 815 20.17 42.75 -0.15
C VAL B 815 18.70 42.45 -0.33
N LYS B 816 17.86 43.48 -0.25
CA LYS B 816 16.41 43.31 -0.24
C LYS B 816 15.78 44.53 -0.85
N GLY B 817 14.54 44.36 -1.31
CA GLY B 817 13.76 45.47 -1.77
C GLY B 817 13.09 46.25 -0.65
N ARG B 818 12.89 47.54 -0.86
CA ARG B 818 11.99 48.40 -0.06
C ARG B 818 11.15 49.20 -1.04
N PHE B 819 9.87 48.86 -1.13
CA PHE B 819 8.93 49.40 -2.12
C PHE B 819 9.49 49.46 -3.56
N GLY B 820 10.28 48.45 -3.94
CA GLY B 820 10.86 48.41 -5.29
C GLY B 820 12.28 48.94 -5.39
N ASP B 821 12.65 49.82 -4.47
CA ASP B 821 14.02 50.30 -4.35
C ASP B 821 14.88 49.23 -3.70
N LEU B 822 16.19 49.29 -3.98
CA LEU B 822 17.16 48.36 -3.41
C LEU B 822 17.71 48.91 -2.10
N ARG B 823 17.44 48.21 -1.00
CA ARG B 823 18.04 48.48 0.31
C ARG B 823 19.19 47.50 0.53
N LEU B 824 20.35 48.05 0.91
CA LEU B 824 21.52 47.27 1.30
C LEU B 824 21.75 47.48 2.79
N GLU B 825 21.76 46.41 3.58
CA GLU B 825 21.95 46.51 5.02
C GLU B 825 22.70 45.29 5.56
N PRO B 826 24.03 45.25 5.35
CA PRO B 826 24.75 44.02 5.70
C PRO B 826 24.65 43.67 7.18
N LYS B 827 24.47 42.39 7.46
CA LYS B 827 24.53 41.84 8.83
C LYS B 827 25.51 40.68 8.89
N LEU B 828 26.62 40.85 8.19
CA LEU B 828 27.69 39.88 8.19
C LEU B 828 28.52 40.11 9.44
N VAL B 829 28.97 39.03 10.06
CA VAL B 829 29.94 39.11 11.14
C VAL B 829 31.36 39.14 10.54
N GLN B 830 32.35 39.57 11.32
CA GLN B 830 33.73 39.71 10.84
C GLN B 830 34.31 38.40 10.30
N ALA B 831 34.05 37.31 10.99
CA ALA B 831 34.54 36.00 10.54
C ALA B 831 34.02 35.60 9.13
N GLN B 832 32.92 36.19 8.65
CA GLN B 832 32.40 35.89 7.32
C GLN B 832 33.15 36.55 6.18
N PHE B 833 34.01 37.52 6.46
CA PHE B 833 34.78 38.18 5.40
C PHE B 833 35.98 37.31 5.06
N ASP B 834 36.34 37.28 3.77
CA ASP B 834 37.44 36.43 3.29
C ASP B 834 38.83 37.07 3.52
N GLY B 835 39.88 36.38 3.10
CA GLY B 835 41.27 36.86 3.23
C GLY B 835 41.61 38.21 2.61
N SER B 836 40.79 38.66 1.65
CA SER B 836 40.86 40.02 1.12
C SER B 836 39.90 41.00 1.79
N GLY B 837 39.28 40.61 2.89
CA GLY B 837 38.36 41.46 3.62
C GLY B 837 37.04 41.73 2.92
N GLU B 838 36.57 40.73 2.15
CA GLU B 838 35.38 40.89 1.31
C GLU B 838 34.40 39.76 1.55
N ALA B 839 33.12 40.05 1.39
CA ALA B 839 32.10 39.04 1.21
C ALA B 839 31.12 39.60 0.19
N ALA B 840 30.62 38.74 -0.70
CA ALA B 840 29.79 39.19 -1.83
C ALA B 840 28.64 38.25 -2.14
N VAL B 841 27.63 38.78 -2.80
CA VAL B 841 26.52 37.98 -3.29
C VAL B 841 26.15 38.45 -4.68
N GLU B 842 25.97 37.49 -5.59
CA GLU B 842 25.43 37.77 -6.92
C GLU B 842 23.96 37.41 -6.88
N THR B 843 23.13 38.35 -7.31
CA THR B 843 21.69 38.24 -7.14
C THR B 843 20.98 39.10 -8.17
N LEU B 844 19.80 38.65 -8.51
CA LEU B 844 18.99 39.23 -9.56
C LEU B 844 18.04 40.21 -8.87
N PHE B 845 18.02 41.47 -9.29
CA PHE B 845 17.09 42.45 -8.74
C PHE B 845 16.61 43.39 -9.82
N ALA B 846 15.31 43.68 -9.80
CA ALA B 846 14.67 44.52 -10.82
C ALA B 846 15.12 44.14 -12.25
N GLY B 847 15.15 42.84 -12.51
CA GLY B 847 15.57 42.30 -13.78
C GLY B 847 17.03 42.43 -14.17
N ARG B 848 17.94 42.65 -13.19
CA ARG B 848 19.38 42.77 -13.49
C ARG B 848 20.17 41.91 -12.53
N MET B 849 21.27 41.34 -13.00
CA MET B 849 22.20 40.59 -12.15
C MET B 849 23.19 41.55 -11.52
N LEU B 850 23.24 41.57 -10.19
CA LEU B 850 24.13 42.48 -9.43
C LEU B 850 25.07 41.61 -8.61
N ARG B 851 26.33 42.01 -8.54
CA ARG B 851 27.31 41.44 -7.61
C ARG B 851 27.54 42.48 -6.53
N VAL B 852 26.87 42.30 -5.39
CA VAL B 852 27.00 43.20 -4.26
C VAL B 852 28.22 42.76 -3.45
N VAL B 853 29.27 43.58 -3.46
CA VAL B 853 30.53 43.30 -2.74
C VAL B 853 30.66 44.22 -1.51
N TYR B 854 30.76 43.62 -0.33
CA TYR B 854 30.99 44.36 0.90
C TYR B 854 32.48 44.29 1.23
N ARG B 855 33.14 45.45 1.30
CA ARG B 855 34.54 45.53 1.67
C ARG B 855 34.67 46.03 3.10
N ASN B 856 35.36 45.25 3.94
CA ASN B 856 35.53 45.53 5.36
C ASN B 856 37.03 45.57 5.63
N PRO B 857 37.74 46.53 5.03
CA PRO B 857 39.20 46.55 5.20
C PRO B 857 39.63 46.78 6.66
N GLN B 858 38.82 47.45 7.47
CA GLN B 858 39.15 47.69 8.87
C GLN B 858 38.80 46.49 9.76
N ALA B 859 38.25 45.42 9.18
CA ALA B 859 37.95 44.18 9.89
C ALA B 859 37.06 44.44 11.10
N ALA B 860 36.09 45.34 10.93
CA ALA B 860 35.15 45.68 11.99
C ALA B 860 34.11 44.60 12.17
N GLU B 861 33.73 44.37 13.42
CA GLU B 861 32.61 43.49 13.74
C GLU B 861 31.28 44.17 13.38
N HIS B 862 30.20 43.38 13.19
CA HIS B 862 28.85 43.96 13.02
C HIS B 862 28.47 44.74 14.27
N GLY B 863 27.83 45.89 14.06
CA GLY B 863 27.62 46.87 15.12
C GLY B 863 28.69 47.93 15.18
N GLN B 864 29.93 47.58 14.83
CA GLN B 864 31.05 48.55 14.71
C GLN B 864 31.22 49.15 13.31
N TYR B 865 30.53 48.63 12.27
CA TYR B 865 30.69 49.14 10.90
C TYR B 865 29.47 49.83 10.32
N ARG B 866 29.70 50.67 9.32
CA ARG B 866 28.65 51.35 8.56
C ARG B 866 29.06 51.48 7.10
N VAL B 867 28.08 51.78 6.25
CA VAL B 867 28.31 51.99 4.82
C VAL B 867 29.02 53.34 4.58
N ASP B 868 30.33 53.30 4.28
CA ASP B 868 31.12 54.53 3.98
C ASP B 868 30.85 55.09 2.58
N SER B 869 30.76 54.21 1.58
CA SER B 869 30.43 54.60 0.20
C SER B 869 29.98 53.41 -0.65
N VAL B 870 29.27 53.74 -1.73
CA VAL B 870 28.72 52.77 -2.67
C VAL B 870 29.03 53.19 -4.11
N SER B 871 29.61 52.28 -4.89
CA SER B 871 29.88 52.54 -6.31
C SER B 871 29.30 51.45 -7.20
N LEU B 872 28.89 51.85 -8.40
CA LEU B 872 28.22 50.97 -9.35
C LEU B 872 28.88 51.09 -10.72
N ASN B 873 29.32 49.93 -11.24
CA ASN B 873 30.03 49.83 -12.52
C ASN B 873 31.20 50.81 -12.66
N GLY B 874 31.86 51.18 -11.56
CA GLY B 874 32.95 52.19 -11.56
C GLY B 874 32.49 53.64 -11.57
N GLN B 875 31.57 53.96 -10.68
CA GLN B 875 31.05 55.33 -10.53
C GLN B 875 30.23 55.44 -9.24
N SER B 876 30.23 56.64 -8.68
CA SER B 876 29.65 56.90 -7.37
C SER B 876 28.12 56.86 -7.44
N VAL B 877 27.50 56.14 -6.50
CA VAL B 877 26.04 56.09 -6.35
C VAL B 877 25.62 56.84 -5.10
N ASP B 878 24.63 57.72 -5.21
CA ASP B 878 24.06 58.43 -4.08
C ASP B 878 23.00 57.54 -3.42
N CYS B 879 22.91 57.64 -2.10
CA CYS B 879 22.01 56.79 -1.31
C CYS B 879 21.03 57.63 -0.52
N GLN B 880 19.74 57.27 -0.53
CA GLN B 880 18.71 58.03 0.19
C GLN B 880 18.50 57.46 1.60
N ASN B 881 19.62 57.27 2.33
CA ASN B 881 19.61 56.72 3.71
C ASN B 881 21.06 56.62 4.29
N ASP B 882 21.18 56.81 5.60
CA ASP B 882 22.42 56.54 6.35
C ASP B 882 22.14 55.52 7.47
N GLY B 883 21.15 55.81 8.32
CA GLY B 883 20.63 54.85 9.30
C GLY B 883 19.96 53.66 8.64
N ALA B 884 19.69 52.62 9.44
CA ALA B 884 19.41 51.26 8.97
C ALA B 884 20.49 50.81 7.96
N GLY B 885 20.25 51.00 6.67
CA GLY B 885 21.28 50.86 5.64
C GLY B 885 21.04 51.88 4.53
N CYS B 886 21.80 51.75 3.45
CA CYS B 886 21.66 52.68 2.32
C CYS B 886 20.65 52.16 1.30
N LEU B 887 20.03 53.10 0.59
CA LEU B 887 18.86 52.86 -0.24
C LEU B 887 19.15 53.41 -1.63
N ILE B 888 19.07 52.56 -2.64
CA ILE B 888 19.34 52.92 -4.03
C ILE B 888 18.04 52.86 -4.81
N GLY B 889 17.72 53.94 -5.53
CA GLY B 889 16.50 54.03 -6.34
C GLY B 889 16.47 53.01 -7.47
N ARG B 890 15.30 52.43 -7.68
CA ARG B 890 15.12 51.35 -8.66
C ARG B 890 15.54 51.74 -10.09
N SER B 891 15.38 53.02 -10.44
CA SER B 891 15.72 53.50 -11.78
C SER B 891 17.18 53.26 -12.14
N LEU B 892 18.08 53.51 -11.18
CA LEU B 892 19.53 53.32 -11.38
C LEU B 892 19.89 51.87 -11.70
N ILE B 893 19.13 50.94 -11.14
CA ILE B 893 19.35 49.52 -11.42
C ILE B 893 18.83 49.22 -12.83
N GLU B 894 17.58 49.61 -13.09
CA GLU B 894 16.90 49.36 -14.37
C GLU B 894 17.62 49.94 -15.57
N ALA B 895 18.27 51.10 -15.39
CA ALA B 895 19.09 51.70 -16.44
C ALA B 895 20.34 50.90 -16.84
N LEU B 896 20.80 49.96 -16.00
CA LEU B 896 21.97 49.12 -16.32
C LEU B 896 21.68 48.23 -17.54
N PRO B 897 22.72 47.84 -18.31
CA PRO B 897 22.54 46.83 -19.39
C PRO B 897 21.95 45.50 -18.89
N ALA B 898 21.09 44.90 -19.70
CA ALA B 898 20.46 43.62 -19.33
C ALA B 898 21.44 42.45 -19.32
N ASP B 899 22.42 42.42 -20.21
CA ASP B 899 23.44 41.37 -20.23
C ASP B 899 24.53 41.66 -19.19
N GLY B 900 25.08 40.60 -18.61
CA GLY B 900 26.22 40.68 -17.70
C GLY B 900 25.88 40.91 -16.25
N VAL B 901 26.90 40.78 -15.40
CA VAL B 901 26.79 40.94 -13.94
C VAL B 901 27.40 42.29 -13.57
N HIS B 902 26.57 43.18 -13.02
CA HIS B 902 26.98 44.55 -12.69
C HIS B 902 27.45 44.68 -11.23
N GLU B 903 28.68 45.11 -11.04
CA GLU B 903 29.31 45.08 -9.73
C GLU B 903 28.94 46.32 -8.93
N LEU B 904 28.50 46.10 -7.70
CA LEU B 904 28.07 47.15 -6.79
C LEU B 904 28.91 47.02 -5.51
N ILE B 905 29.87 47.93 -5.33
CA ILE B 905 30.86 47.86 -4.24
C ILE B 905 30.44 48.75 -3.07
N VAL B 906 30.21 48.12 -1.92
CA VAL B 906 29.82 48.80 -0.69
C VAL B 906 31.02 48.78 0.27
N THR B 907 31.65 49.93 0.46
CA THR B 907 32.82 50.04 1.34
C THR B 907 32.33 50.29 2.75
N LEU B 908 32.78 49.47 3.69
CA LEU B 908 32.39 49.58 5.10
C LEU B 908 33.51 50.18 5.98
N GLY B 909 33.15 51.18 6.78
CA GLY B 909 34.09 51.76 7.77
C GLY B 909 33.51 51.86 9.17
N ARG B 910 34.32 52.28 10.15
CA ARG B 910 33.88 52.33 11.57
C ARG B 910 33.07 53.55 11.97
#